data_8WQR
#
_entry.id   8WQR
#
_cell.length_a   1.00
_cell.length_b   1.00
_cell.length_c   1.00
_cell.angle_alpha   90.00
_cell.angle_beta   90.00
_cell.angle_gamma   90.00
#
_symmetry.space_group_name_H-M   'P 1'
#
loop_
_entity.id
_entity.type
_entity.pdbx_description
1 polymer 'Activating molecule in BECN1-regulated autophagy protein 1'
2 polymer 'DNA damage-binding protein 1'
#
loop_
_entity_poly.entity_id
_entity_poly.type
_entity_poly.pdbx_seq_one_letter_code
_entity_poly.pdbx_strand_id
1 'polypeptide(L)'
;MKVVPEKNAVRILWGRERGARAMGAQRLLQELVEDKTRWMKWEGKRVELPDSPRSTFLLAFSPDRTLLASTHVNHNIYIT
EVKTGKCVHSLIGHRRTPWCVTFHPTISGLIASGCLDGEVRIWDLHGGSESWFTDSNNAIASLAFHPTAQLLLIATANEI
HFWDWSRREPFAVVKTASEMERVRLVRFDPLGHYLLTAIVNPSNSNIANTTYRLQWWDFTKFDLPEISNASVNVLVQNCK
IYNDASCDISADGQLLAAFIPSSQRGFPDEGILAVYSLAPHNLGEMLYTKRFGPNAISVSLSPMGRYVMVGLASRRILLH
PSTEHMVAQVFRLQQAHGGETSMRRVFNVLYPMPADQRRHVSINSARWLPEPGLGLAYGTNKGDLVICRPEALNSG
;
B
2 'polypeptide(L)'
;MSYNYVVTAQKPTAVNGCVTGHFTSAEDLNLLIAKNTRLEIYVVTAEGLRPVKEVGMYGKIAVMELFRPKGESKDLLFIL
TAKYNACILEYKQSGESIDIITRAHGNVQDRIGRPSETGIIGIIDPECRMIGLRLYDGLFKVIPLDRDNKELKAFNIRLE
ELHVIDVKFLYGCQAPTICFVYQDPQGRHVKTYEVSLREKEFNKGPWKQENVEAEASMVIAVPEPFGGAIIIGQESITYH
NGDKYLAIAPPIIKQSTIVCHNRVDPNGSRYLLGDMEGRLFMLLLEKEEQMDGTVTLKDLRVELLGETSIAECLTYLDNG
VVFVGSRLGDSQLVKLNVDSNEQGSYVVAMETFTNLGPIVDMCVVDLERQGQGQLVTCSGAFKEGSLRIIRNGIGIHEHA
SIDLPGIKGLWPLRSDPNRETDDTLVLSFVGQTRVLMLNGEEVEETELMGFVDDQQTFFCGNVAHQQLIQITSASVRLVS
QEPKALVSEWKEPQAKNISVASCNSSQVVVAVGRALYYLQIHPQELRQISHTEMEHEVACLDITPLGDSNGLSPLCAIGL
WTDISARILKLPSFELLHKEMLGGEIIPRSILMTTFESSHYLLCALGDGALFYFGLNIETGLLSDRKKVTLGTQPTVLRT
FRSLSTTNVFACSDRPTVIYSSNHKLVFSNVNLKEVNYMCPLNSDGYPDSLALANNSTLTIGTIDEIQKLHIRTVPLYES
PRKICYQEVSQCFGVLSSRIEVQDTSGGTTALRPSASTQALSSSVSSSKLFSSSTAPHETSFGEEVEVHNLLIIDQHTFE
VLHAHQFLQNEYALSLVSCKLGKDPNTYFIVGTAMVYPEEAEPKQGRIVVFQYSDGKLQTVAEKEVKGAVYSMVEFNGKL
LASINSTVRLYEWTTEKELRTECNHYNNIMALYLKTKGDFILVGDLMRSVLLLAYKPMEGNFEEIARDFNPNWMSAVEIL
DDDNFLGAENAFNLFVCQKDSAATTDEERQHLQEVGLFHLGEFVNVFCHGSLVMQNLGETSTPTQGSVLFGTVNGMIGLV
TSLSESWYNLLLDMQNRLNKVIKSVGKIEHSFWRSFHTERKTEPATGFIDGDLIESFLDISRPKMQEVVANLQYDDGSGM
KREATADDLIKVVEELTRIH
;
A
#
# COMPACT_ATOMS: atom_id res chain seq x y z
N GLU A 6 -16.64 -4.44 -18.44
CA GLU A 6 -16.43 -3.13 -19.03
C GLU A 6 -15.03 -3.01 -19.61
N LYS A 7 -14.94 -2.53 -20.85
CA LYS A 7 -13.65 -2.34 -21.52
C LYS A 7 -13.08 -0.98 -21.10
N ASN A 8 -12.86 -0.85 -19.80
CA ASN A 8 -12.28 0.36 -19.21
C ASN A 8 -11.11 -0.02 -18.35
N ALA A 9 -10.18 0.93 -18.17
CA ALA A 9 -9.11 0.71 -17.21
C ALA A 9 -9.63 0.72 -15.78
N VAL A 10 -10.77 1.38 -15.54
CA VAL A 10 -11.26 1.62 -14.19
C VAL A 10 -11.80 0.34 -13.56
N ARG A 11 -12.86 -0.23 -14.14
CA ARG A 11 -13.55 -1.34 -13.48
C ARG A 11 -12.62 -2.52 -13.26
N ILE A 12 -11.77 -2.81 -14.24
CA ILE A 12 -10.74 -3.81 -14.05
C ILE A 12 -9.85 -3.41 -12.88
N LEU A 13 -9.46 -2.14 -12.82
CA LEU A 13 -8.64 -1.67 -11.72
C LEU A 13 -9.42 -1.52 -10.42
N TRP A 14 -10.72 -1.15 -10.49
CA TRP A 14 -11.51 -1.13 -9.26
C TRP A 14 -11.50 -2.50 -8.59
N GLY A 15 -11.74 -3.56 -9.36
CA GLY A 15 -11.61 -4.89 -8.81
C GLY A 15 -10.22 -5.15 -8.27
N ARG A 16 -9.20 -4.53 -8.87
CA ARG A 16 -7.84 -4.76 -8.40
C ARG A 16 -7.59 -4.07 -7.07
N GLU A 17 -7.85 -2.76 -7.01
CA GLU A 17 -7.53 -2.01 -5.81
C GLU A 17 -8.43 -2.40 -4.65
N ARG A 18 -9.56 -3.02 -4.94
CA ARG A 18 -10.45 -3.50 -3.88
C ARG A 18 -9.99 -4.82 -3.30
N GLY A 19 -8.78 -5.28 -3.64
CA GLY A 19 -8.23 -6.48 -3.03
C GLY A 19 -8.85 -7.77 -3.50
N ALA A 20 -9.77 -7.73 -4.46
CA ALA A 20 -10.36 -8.94 -4.98
C ALA A 20 -9.37 -9.58 -5.96
N ARG A 21 -8.69 -10.64 -5.51
CA ARG A 21 -7.63 -11.26 -6.31
C ARG A 21 -8.21 -12.16 -7.40
N ALA A 22 -9.08 -11.56 -8.21
CA ALA A 22 -9.55 -12.15 -9.46
C ALA A 22 -8.52 -11.94 -10.56
N MET A 23 -7.47 -12.76 -10.51
CA MET A 23 -6.33 -12.63 -11.39
C MET A 23 -6.74 -12.72 -12.87
N GLY A 24 -5.77 -12.44 -13.74
CA GLY A 24 -5.99 -12.26 -15.15
C GLY A 24 -6.30 -10.84 -15.55
N ALA A 25 -6.69 -10.00 -14.59
CA ALA A 25 -6.99 -8.60 -14.87
C ALA A 25 -5.74 -7.86 -15.31
N GLN A 26 -4.61 -8.10 -14.65
CA GLN A 26 -3.36 -7.47 -15.05
C GLN A 26 -3.00 -7.84 -16.48
N ARG A 27 -3.21 -9.11 -16.82
CA ARG A 27 -3.05 -9.54 -18.21
C ARG A 27 -3.94 -8.73 -19.14
N LEU A 28 -5.22 -8.58 -18.77
CA LEU A 28 -6.15 -7.83 -19.61
C LEU A 28 -5.78 -6.36 -19.69
N LEU A 29 -5.32 -5.79 -18.57
CA LEU A 29 -4.93 -4.38 -18.58
C LEU A 29 -3.78 -4.14 -19.56
N GLN A 30 -2.77 -5.01 -19.53
CA GLN A 30 -1.69 -4.89 -20.51
C GLN A 30 -2.18 -5.22 -21.90
N GLU A 31 -3.22 -6.04 -22.02
CA GLU A 31 -3.86 -6.22 -23.32
C GLU A 31 -4.48 -4.92 -23.80
N LEU A 32 -5.08 -4.15 -22.88
CA LEU A 32 -5.70 -2.89 -23.26
C LEU A 32 -4.67 -1.86 -23.71
N VAL A 33 -3.58 -1.73 -22.95
CA VAL A 33 -2.60 -0.70 -23.27
C VAL A 33 -1.94 -0.98 -24.61
N GLU A 34 -1.72 -2.27 -24.91
CA GLU A 34 -1.25 -2.62 -26.25
C GLU A 34 -2.28 -2.22 -27.29
N ASP A 35 -3.56 -2.45 -27.01
CA ASP A 35 -4.62 -1.95 -27.87
C ASP A 35 -4.63 -0.43 -27.90
N LYS A 36 -4.46 0.20 -26.74
CA LYS A 36 -4.43 1.66 -26.70
C LYS A 36 -3.21 2.20 -27.43
N THR A 37 -2.04 1.60 -27.22
CA THR A 37 -0.83 2.12 -27.84
C THR A 37 -0.79 1.89 -29.35
N ARG A 38 -1.69 1.09 -29.90
CA ARG A 38 -1.73 0.91 -31.34
C ARG A 38 -2.25 2.14 -32.06
N TRP A 39 -2.89 3.06 -31.33
CA TRP A 39 -3.45 4.27 -31.93
C TRP A 39 -2.50 5.46 -31.84
N MET A 40 -1.69 5.53 -30.79
CA MET A 40 -0.80 6.67 -30.62
C MET A 40 0.34 6.63 -31.63
N LYS A 41 0.92 7.79 -31.88
CA LYS A 41 2.03 7.92 -32.82
C LYS A 41 3.31 7.36 -32.22
N GLU A 43 8.08 8.79 -31.25
CA GLU A 43 8.72 9.47 -32.37
C GLU A 43 10.12 8.96 -32.60
N GLY A 44 10.78 9.48 -33.63
CA GLY A 44 12.12 9.03 -33.97
C GLY A 44 13.21 9.75 -33.20
N LYS A 45 13.78 9.08 -32.19
CA LYS A 45 14.85 9.62 -31.37
C LYS A 45 16.13 8.86 -31.67
N ARG A 46 17.19 9.57 -32.01
CA ARG A 46 18.46 8.96 -32.35
C ARG A 46 19.35 8.88 -31.10
N VAL A 47 20.56 8.36 -31.30
CA VAL A 47 21.56 8.28 -30.24
C VAL A 47 22.94 8.51 -30.86
N GLU A 48 23.79 9.24 -30.15
CA GLU A 48 25.13 9.48 -30.66
C GLU A 48 25.99 8.23 -30.49
N LEU A 49 27.09 8.19 -31.23
CA LEU A 49 28.04 7.09 -31.17
C LEU A 49 29.45 7.64 -31.10
N PRO A 50 30.35 6.99 -30.37
CA PRO A 50 31.74 7.45 -30.33
C PRO A 50 32.41 7.46 -31.70
N ASP A 51 32.01 6.55 -32.58
CA ASP A 51 32.53 6.51 -33.95
C ASP A 51 31.39 6.57 -34.94
N SER A 52 31.67 6.32 -36.22
CA SER A 52 30.66 6.36 -37.27
C SER A 52 30.67 5.05 -38.02
N PRO A 53 30.08 4.00 -37.44
CA PRO A 53 30.00 2.71 -38.14
C PRO A 53 29.11 2.80 -39.36
N ARG A 54 29.44 1.99 -40.37
CA ARG A 54 28.68 2.01 -41.61
C ARG A 54 27.31 1.36 -41.44
N SER A 55 27.20 0.35 -40.57
CA SER A 55 25.96 -0.38 -40.41
C SER A 55 25.79 -0.82 -38.96
N THR A 56 24.54 -1.09 -38.59
CA THR A 56 24.19 -1.58 -37.26
C THR A 56 23.48 -2.92 -37.38
N PHE A 57 23.99 -3.92 -36.66
CA PHE A 57 23.48 -5.28 -36.75
C PHE A 57 23.17 -5.83 -35.35
N LEU A 58 22.13 -6.66 -35.29
CA LEU A 58 21.88 -7.59 -34.19
C LEU A 58 21.72 -6.86 -32.85
N LEU A 59 20.63 -6.10 -32.76
CA LEU A 59 20.21 -5.60 -31.46
C LEU A 59 19.81 -6.75 -30.55
N ALA A 60 20.07 -6.59 -29.25
CA ALA A 60 19.70 -7.61 -28.27
C ALA A 60 19.37 -6.91 -26.96
N PHE A 61 18.12 -7.00 -26.53
CA PHE A 61 17.69 -6.30 -25.32
C PHE A 61 18.11 -7.04 -24.07
N SER A 62 18.36 -6.26 -23.02
CA SER A 62 18.72 -6.81 -21.73
C SER A 62 17.51 -7.49 -21.10
N PRO A 63 17.74 -8.47 -20.22
CA PRO A 63 16.64 -9.02 -19.43
C PRO A 63 16.28 -8.17 -18.22
N ASP A 64 17.20 -7.32 -17.78
CA ASP A 64 16.93 -6.33 -16.75
C ASP A 64 16.70 -4.94 -17.30
N ARG A 65 16.85 -4.76 -18.62
CA ARG A 65 16.58 -3.48 -19.31
C ARG A 65 17.47 -2.36 -18.79
N THR A 66 18.58 -2.71 -18.13
CA THR A 66 19.50 -1.68 -17.66
C THR A 66 20.33 -1.11 -18.80
N LEU A 67 20.78 -1.95 -19.73
CA LEU A 67 21.61 -1.50 -20.83
C LEU A 67 21.16 -2.18 -22.12
N LEU A 68 21.95 -2.00 -23.17
CA LEU A 68 21.59 -2.50 -24.51
C LEU A 68 22.88 -2.61 -25.33
N ALA A 69 23.25 -3.85 -25.68
CA ALA A 69 24.40 -4.07 -26.55
C ALA A 69 23.98 -4.05 -28.01
N SER A 70 24.93 -3.72 -28.88
CA SER A 70 24.68 -3.71 -30.32
C SER A 70 26.00 -3.88 -31.06
N THR A 71 25.93 -4.60 -32.19
CA THR A 71 27.10 -4.87 -33.02
C THR A 71 27.12 -3.93 -34.21
N HIS A 72 28.33 -3.52 -34.61
CA HIS A 72 28.51 -2.61 -35.73
C HIS A 72 29.70 -3.06 -36.55
N VAL A 73 29.71 -2.64 -37.82
CA VAL A 73 30.75 -3.05 -38.75
C VAL A 73 32.13 -2.52 -38.38
N ASN A 74 32.20 -1.60 -37.41
CA ASN A 74 33.47 -1.06 -36.96
C ASN A 74 34.21 -2.00 -36.01
N HIS A 75 33.80 -3.27 -35.94
CA HIS A 75 34.42 -4.29 -35.10
C HIS A 75 34.32 -3.93 -33.61
N ASN A 76 33.37 -3.07 -33.26
CA ASN A 76 33.17 -2.65 -31.88
C ASN A 76 31.70 -2.85 -31.51
N ILE A 77 31.45 -3.01 -30.22
CA ILE A 77 30.11 -3.24 -29.69
C ILE A 77 29.76 -2.07 -28.78
N TYR A 78 28.71 -1.33 -29.13
CA TYR A 78 28.28 -0.17 -28.37
C TYR A 78 27.21 -0.57 -27.36
N ILE A 79 27.34 -0.07 -26.14
CA ILE A 79 26.39 -0.34 -25.06
C ILE A 79 25.71 0.98 -24.72
N THR A 80 24.38 0.99 -24.74
CA THR A 80 23.59 2.19 -24.55
C THR A 80 22.49 1.95 -23.54
N GLU A 81 22.20 2.97 -22.73
CA GLU A 81 21.09 2.91 -21.79
C GLU A 81 19.80 3.36 -22.48
N VAL A 82 18.72 2.63 -22.24
CA VAL A 82 17.48 2.85 -22.97
C VAL A 82 16.85 4.19 -22.61
N LYS A 83 16.75 4.48 -21.31
CA LYS A 83 16.05 5.68 -20.86
C LYS A 83 16.73 6.94 -21.36
N THR A 84 17.98 7.16 -20.93
CA THR A 84 18.69 8.38 -21.31
C THR A 84 18.95 8.43 -22.80
N GLY A 85 19.09 7.28 -23.45
CA GLY A 85 19.49 7.25 -24.84
C GLY A 85 20.89 7.76 -25.05
N LYS A 86 21.79 7.48 -24.11
CA LYS A 86 23.16 7.98 -24.16
C LYS A 86 24.10 6.79 -24.29
N CYS A 87 25.02 6.86 -25.26
CA CYS A 87 25.98 5.78 -25.44
C CYS A 87 27.01 5.81 -24.30
N VAL A 88 27.05 4.74 -23.52
CA VAL A 88 27.88 4.69 -22.32
C VAL A 88 29.15 3.88 -22.56
N HIS A 89 29.02 2.65 -23.03
CA HIS A 89 30.16 1.75 -23.22
C HIS A 89 30.27 1.34 -24.68
N SER A 90 31.52 1.11 -25.11
CA SER A 90 31.81 0.65 -26.46
C SER A 90 32.81 -0.50 -26.35
N LEU A 91 32.31 -1.73 -26.45
CA LEU A 91 33.17 -2.90 -26.34
C LEU A 91 34.08 -3.00 -27.56
N ILE A 92 35.38 -3.09 -27.30
CA ILE A 92 36.39 -3.17 -28.34
C ILE A 92 37.32 -4.33 -28.02
N GLY A 93 37.83 -4.99 -29.06
CA GLY A 93 38.71 -6.13 -28.88
C GLY A 93 38.55 -7.21 -29.93
N HIS A 94 37.41 -7.20 -30.62
CA HIS A 94 37.24 -8.12 -31.74
C HIS A 94 37.95 -7.58 -32.98
N ARG A 95 38.86 -8.39 -33.53
CA ARG A 95 39.55 -7.97 -34.75
C ARG A 95 38.64 -8.08 -35.96
N ARG A 96 37.50 -8.76 -35.83
CA ARG A 96 36.52 -8.87 -36.90
C ARG A 96 35.14 -8.55 -36.34
N THR A 97 34.23 -8.20 -37.24
CA THR A 97 32.88 -7.82 -36.86
C THR A 97 32.19 -8.99 -36.16
N PRO A 98 31.64 -8.79 -34.96
CA PRO A 98 30.93 -9.88 -34.29
C PRO A 98 29.67 -10.26 -35.06
N TRP A 99 29.29 -11.53 -34.94
CA TRP A 99 28.14 -12.06 -35.65
C TRP A 99 26.97 -12.43 -34.75
N CYS A 100 27.23 -12.69 -33.46
CA CYS A 100 26.17 -13.08 -32.53
C CYS A 100 26.45 -12.47 -31.17
N VAL A 101 25.50 -11.71 -30.65
CA VAL A 101 25.59 -11.12 -29.31
C VAL A 101 24.33 -11.49 -28.54
N THR A 102 24.53 -12.03 -27.32
CA THR A 102 23.43 -12.48 -26.48
C THR A 102 23.67 -12.02 -25.05
N PHE A 103 22.64 -11.44 -24.44
CA PHE A 103 22.73 -11.03 -23.04
C PHE A 103 22.59 -12.23 -22.11
N HIS A 104 22.93 -12.02 -20.85
CA HIS A 104 22.85 -13.07 -19.85
C HIS A 104 21.61 -12.88 -18.99
N PRO A 105 20.69 -13.84 -18.98
CA PRO A 105 19.47 -13.68 -18.17
C PRO A 105 19.72 -13.51 -16.68
N THR A 106 20.68 -14.24 -16.10
CA THR A 106 20.85 -14.24 -14.64
C THR A 106 21.96 -13.33 -14.17
N ILE A 107 23.19 -13.55 -14.64
CA ILE A 107 24.32 -12.75 -14.20
C ILE A 107 24.35 -11.46 -15.00
N SER A 108 24.21 -10.34 -14.31
CA SER A 108 24.15 -9.05 -14.98
C SER A 108 25.52 -8.64 -15.50
N GLY A 109 25.55 -8.09 -16.70
CA GLY A 109 26.75 -7.50 -17.27
C GLY A 109 27.70 -8.46 -17.95
N LEU A 110 27.42 -9.76 -17.95
CA LEU A 110 28.29 -10.75 -18.58
C LEU A 110 27.71 -11.10 -19.95
N ILE A 111 28.33 -10.57 -21.01
CA ILE A 111 27.84 -10.70 -22.37
C ILE A 111 28.92 -11.36 -23.22
N ALA A 112 28.48 -12.12 -24.21
CA ALA A 112 29.39 -12.78 -25.15
C ALA A 112 29.15 -12.25 -26.55
N SER A 113 30.16 -12.41 -27.41
CA SER A 113 30.06 -12.00 -28.80
C SER A 113 31.06 -12.80 -29.61
N GLY A 114 30.62 -13.28 -30.77
CA GLY A 114 31.48 -14.06 -31.64
C GLY A 114 31.52 -13.47 -33.04
N CYS A 115 32.70 -13.48 -33.63
CA CYS A 115 32.95 -12.87 -34.92
C CYS A 115 33.17 -13.93 -35.99
N LEU A 116 33.24 -13.47 -37.24
CA LEU A 116 33.42 -14.36 -38.38
C LEU A 116 34.79 -15.02 -38.41
N ASP A 117 35.73 -14.57 -37.58
CA ASP A 117 37.07 -15.14 -37.54
C ASP A 117 37.20 -16.31 -36.59
N GLY A 118 36.10 -16.72 -35.94
CA GLY A 118 36.15 -17.85 -35.02
C GLY A 118 36.52 -17.49 -33.60
N GLU A 119 36.39 -16.22 -33.22
CA GLU A 119 36.74 -15.78 -31.88
C GLU A 119 35.46 -15.43 -31.11
N VAL A 120 35.35 -15.96 -29.90
CA VAL A 120 34.28 -15.59 -28.98
C VAL A 120 34.89 -14.77 -27.86
N ARG A 121 34.17 -13.75 -27.42
CA ARG A 121 34.64 -12.88 -26.35
C ARG A 121 33.52 -12.65 -25.34
N ILE A 122 33.74 -13.12 -24.12
CA ILE A 122 32.80 -12.88 -23.02
C ILE A 122 33.23 -11.61 -22.30
N TRP A 123 32.37 -10.60 -22.32
CA TRP A 123 32.69 -9.29 -21.79
C TRP A 123 31.94 -9.02 -20.49
N ASP A 124 32.54 -8.20 -19.64
CA ASP A 124 31.92 -7.74 -18.40
C ASP A 124 32.12 -6.24 -18.28
N LEU A 125 31.03 -5.52 -17.98
CA LEU A 125 31.13 -4.07 -17.85
C LEU A 125 31.96 -3.67 -16.65
N HIS A 126 31.87 -4.41 -15.54
CA HIS A 126 32.62 -4.07 -14.35
C HIS A 126 34.12 -4.20 -14.56
N GLY A 127 34.56 -5.19 -15.32
CA GLY A 127 35.97 -5.39 -15.57
C GLY A 127 36.34 -6.83 -15.81
N GLY A 128 37.22 -7.06 -16.77
CA GLY A 128 37.67 -8.39 -17.12
C GLY A 128 36.92 -8.95 -18.33
N SER A 129 37.60 -9.86 -19.03
CA SER A 129 37.02 -10.48 -20.21
C SER A 129 37.73 -11.81 -20.47
N GLU A 130 37.06 -12.67 -21.24
CA GLU A 130 37.62 -13.94 -21.65
C GLU A 130 37.48 -14.08 -23.16
N SER A 131 38.36 -14.89 -23.74
CA SER A 131 38.33 -15.12 -25.18
C SER A 131 38.83 -16.53 -25.48
N TRP A 132 38.18 -17.19 -26.44
CA TRP A 132 38.55 -18.52 -26.86
C TRP A 132 38.60 -18.55 -28.39
N PHE A 133 39.42 -19.46 -28.92
CA PHE A 133 39.67 -19.55 -30.35
C PHE A 133 39.20 -20.91 -30.86
N THR A 134 38.42 -20.89 -31.95
CA THR A 134 38.09 -22.14 -32.62
C THR A 134 39.34 -22.76 -33.22
N ASP A 135 39.36 -24.10 -33.27
CA ASP A 135 40.57 -24.79 -33.70
C ASP A 135 40.95 -24.45 -35.13
N SER A 136 39.98 -24.38 -36.03
CA SER A 136 40.23 -24.06 -37.43
C SER A 136 39.59 -22.75 -37.84
N ASN A 137 39.50 -21.81 -36.90
CA ASN A 137 39.08 -20.41 -37.11
C ASN A 137 37.94 -20.27 -38.12
N ASN A 138 36.99 -21.19 -38.05
CA ASN A 138 35.86 -21.16 -38.96
C ASN A 138 34.85 -20.09 -38.55
N ALA A 139 33.98 -19.73 -39.49
CA ALA A 139 32.94 -18.77 -39.20
C ALA A 139 31.99 -19.29 -38.14
N ILE A 140 31.51 -18.38 -37.29
CA ILE A 140 30.60 -18.75 -36.21
C ILE A 140 29.17 -18.57 -36.69
N ALA A 141 28.31 -19.56 -36.38
CA ALA A 141 26.94 -19.57 -36.87
C ALA A 141 25.97 -18.90 -35.90
N SER A 142 25.88 -19.40 -34.68
CA SER A 142 24.94 -18.86 -33.71
C SER A 142 25.40 -19.20 -32.30
N LEU A 143 24.89 -18.42 -31.34
CA LEU A 143 25.20 -18.59 -29.93
C LEU A 143 23.90 -18.70 -29.15
N ALA A 144 23.97 -19.32 -27.99
CA ALA A 144 22.79 -19.45 -27.13
C ALA A 144 23.26 -19.69 -25.70
N PHE A 145 23.05 -18.70 -24.83
CA PHE A 145 23.37 -18.86 -23.42
C PHE A 145 22.37 -19.80 -22.75
N HIS A 146 22.85 -20.53 -21.76
CA HIS A 146 21.98 -21.35 -20.93
C HIS A 146 21.53 -20.52 -19.74
N PRO A 147 20.24 -20.27 -19.58
CA PRO A 147 19.79 -19.38 -18.50
C PRO A 147 20.20 -19.84 -17.12
N THR A 148 19.80 -21.05 -16.72
CA THR A 148 20.05 -21.51 -15.36
C THR A 148 21.45 -22.11 -15.22
N ALA A 149 21.80 -23.05 -16.09
CA ALA A 149 23.11 -23.68 -16.02
C ALA A 149 24.19 -22.76 -16.56
N GLN A 150 25.39 -22.86 -15.98
CA GLN A 150 26.54 -22.09 -16.41
C GLN A 150 27.01 -22.63 -17.75
N LEU A 151 26.54 -22.04 -18.84
CA LEU A 151 26.82 -22.62 -20.15
C LEU A 151 26.49 -21.64 -21.27
N LEU A 152 27.28 -21.74 -22.34
CA LEU A 152 27.01 -21.07 -23.61
C LEU A 152 27.36 -22.04 -24.73
N LEU A 153 26.38 -22.37 -25.55
CA LEU A 153 26.61 -23.27 -26.67
C LEU A 153 27.23 -22.50 -27.84
N ILE A 154 28.13 -23.18 -28.56
CA ILE A 154 28.81 -22.59 -29.70
C ILE A 154 28.60 -23.48 -30.91
N ALA A 155 28.06 -22.91 -31.98
CA ALA A 155 27.91 -23.59 -33.26
C ALA A 155 28.62 -22.77 -34.33
N THR A 156 29.51 -23.40 -35.08
CA THR A 156 30.32 -22.69 -36.06
C THR A 156 29.96 -23.07 -37.50
N ALA A 157 30.15 -24.33 -37.87
CA ALA A 157 29.66 -24.82 -39.16
C ALA A 157 28.65 -25.95 -38.97
N ASN A 158 29.06 -27.05 -38.35
CA ASN A 158 28.15 -28.13 -38.01
C ASN A 158 28.48 -28.73 -36.64
N GLU A 159 29.29 -28.05 -35.84
CA GLU A 159 29.78 -28.58 -34.57
C GLU A 159 29.22 -27.75 -33.43
N ILE A 160 28.69 -28.44 -32.42
CA ILE A 160 28.13 -27.79 -31.23
C ILE A 160 29.16 -27.91 -30.11
N HIS A 161 29.67 -26.77 -29.65
CA HIS A 161 30.73 -26.73 -28.66
C HIS A 161 30.13 -26.48 -27.27
N PHE A 162 30.36 -27.42 -26.37
CA PHE A 162 29.86 -27.35 -25.00
C PHE A 162 30.99 -26.83 -24.11
N TRP A 163 30.98 -25.53 -23.82
CA TRP A 163 32.07 -24.88 -23.10
C TRP A 163 31.55 -24.15 -21.88
N ASP A 164 32.23 -24.31 -20.76
CA ASP A 164 31.99 -23.52 -19.56
C ASP A 164 33.11 -22.48 -19.46
N TRP A 165 32.74 -21.21 -19.32
CA TRP A 165 33.74 -20.15 -19.25
C TRP A 165 34.59 -20.24 -17.99
N SER A 166 34.16 -21.02 -17.00
CA SER A 166 35.03 -21.31 -15.86
C SER A 166 36.24 -22.14 -16.28
N ARG A 167 36.18 -22.79 -17.45
CA ARG A 167 37.31 -23.51 -18.02
C ARG A 167 37.72 -22.83 -19.33
N ARG A 168 38.99 -23.04 -19.69
CA ARG A 168 39.51 -22.39 -20.89
C ARG A 168 38.99 -23.07 -22.16
N GLU A 169 38.84 -24.39 -22.14
CA GLU A 169 38.54 -25.14 -23.34
C GLU A 169 37.16 -25.79 -23.27
N PRO A 170 36.45 -25.88 -24.39
CA PRO A 170 35.15 -26.57 -24.40
C PRO A 170 35.29 -28.03 -23.97
N PHE A 171 34.24 -28.54 -23.34
CA PHE A 171 34.26 -29.88 -22.75
C PHE A 171 33.78 -30.94 -23.75
N ALA A 172 32.58 -30.78 -24.30
CA ALA A 172 31.97 -31.79 -25.15
C ALA A 172 31.95 -31.33 -26.60
N VAL A 173 32.03 -32.29 -27.51
CA VAL A 173 32.10 -32.05 -28.95
C VAL A 173 31.13 -33.02 -29.63
N VAL A 174 30.05 -32.49 -30.20
CA VAL A 174 29.04 -33.30 -30.88
C VAL A 174 28.85 -32.76 -32.30
N LYS A 175 28.85 -33.66 -33.27
CA LYS A 175 28.84 -33.30 -34.68
C LYS A 175 27.68 -34.01 -35.38
N THR A 176 27.25 -33.45 -36.50
CA THR A 176 26.05 -33.93 -37.20
C THR A 176 26.38 -35.21 -37.95
N ALA A 177 25.45 -35.63 -38.82
CA ALA A 177 25.67 -36.83 -39.62
C ALA A 177 26.65 -36.57 -40.76
N SER A 178 26.64 -35.35 -41.32
CA SER A 178 27.49 -35.01 -42.43
C SER A 178 28.09 -33.62 -42.20
N GLU A 179 29.22 -33.38 -42.87
CA GLU A 179 29.86 -32.07 -42.77
C GLU A 179 28.95 -30.97 -43.34
N MET A 180 28.29 -31.26 -44.46
CA MET A 180 27.40 -30.27 -45.06
C MET A 180 26.11 -30.07 -44.26
N GLU A 181 25.82 -30.97 -43.31
CA GLU A 181 24.65 -30.80 -42.43
C GLU A 181 24.99 -29.74 -41.39
N ARG A 182 24.95 -28.49 -41.84
CA ARG A 182 25.38 -27.37 -41.01
C ARG A 182 24.39 -27.09 -39.89
N VAL A 183 24.92 -26.66 -38.74
CA VAL A 183 24.11 -26.19 -37.63
C VAL A 183 24.00 -24.67 -37.75
N ARG A 184 22.82 -24.18 -38.14
CA ARG A 184 22.64 -22.78 -38.47
C ARG A 184 22.23 -21.92 -37.28
N LEU A 185 21.32 -22.42 -36.42
CA LEU A 185 20.77 -21.61 -35.35
C LEU A 185 20.56 -22.48 -34.12
N VAL A 186 20.87 -21.91 -32.95
CA VAL A 186 20.63 -22.57 -31.67
C VAL A 186 20.02 -21.55 -30.72
N ARG A 187 19.09 -21.99 -29.88
CA ARG A 187 18.43 -21.10 -28.93
C ARG A 187 17.70 -21.87 -27.84
N PHE A 188 17.87 -21.46 -26.60
CA PHE A 188 17.05 -21.97 -25.51
C PHE A 188 15.74 -21.19 -25.43
N ASP A 189 14.76 -21.81 -24.80
CA ASP A 189 13.49 -21.13 -24.60
C ASP A 189 13.52 -20.29 -23.35
N PRO A 190 12.58 -19.33 -23.21
CA PRO A 190 12.54 -18.49 -22.00
C PRO A 190 12.33 -19.26 -20.70
N LEU A 191 12.22 -20.59 -20.78
CA LEU A 191 12.20 -21.43 -19.59
C LEU A 191 13.41 -22.34 -19.48
N GLY A 192 14.17 -22.52 -20.55
CA GLY A 192 15.32 -23.40 -20.52
C GLY A 192 14.99 -24.88 -20.55
N HIS A 193 13.76 -25.26 -20.89
CA HIS A 193 13.37 -26.65 -20.86
C HIS A 193 13.57 -27.34 -22.21
N TYR A 194 13.31 -26.63 -23.31
CA TYR A 194 13.42 -27.18 -24.64
C TYR A 194 14.47 -26.40 -25.42
N LEU A 195 15.08 -27.07 -26.41
CA LEU A 195 16.11 -26.46 -27.23
C LEU A 195 15.73 -26.62 -28.70
N LEU A 196 15.80 -25.53 -29.45
CA LEU A 196 15.48 -25.53 -30.87
C LEU A 196 16.77 -25.49 -31.67
N THR A 197 16.94 -26.46 -32.57
CA THR A 197 18.15 -26.59 -33.37
C THR A 197 17.78 -26.52 -34.85
N ALA A 198 18.35 -25.56 -35.56
CA ALA A 198 18.10 -25.39 -36.99
C ALA A 198 19.24 -26.03 -37.77
N ILE A 199 18.89 -26.97 -38.64
CA ILE A 199 19.85 -27.70 -39.45
C ILE A 199 19.40 -27.65 -40.91
N VAL A 200 20.35 -27.36 -41.81
CA VAL A 200 20.03 -27.31 -43.22
C VAL A 200 19.63 -28.70 -43.72
N ASN A 201 18.60 -28.74 -44.56
CA ASN A 201 18.17 -30.01 -45.15
C ASN A 201 19.15 -30.43 -46.23
N PRO A 202 19.38 -31.75 -46.39
CA PRO A 202 20.26 -32.21 -47.47
C PRO A 202 19.70 -31.84 -48.83
N SER A 203 20.60 -31.49 -49.74
CA SER A 203 20.21 -31.09 -51.09
C SER A 203 20.32 -32.25 -52.07
N ALA A 208 18.54 -17.79 -52.18
CA ALA A 208 18.62 -19.18 -52.61
C ALA A 208 17.52 -20.02 -51.96
N ASN A 209 17.39 -21.27 -52.41
CA ASN A 209 16.41 -22.20 -51.88
C ASN A 209 16.97 -23.12 -50.81
N THR A 210 17.95 -22.64 -50.05
CA THR A 210 18.56 -23.44 -48.98
C THR A 210 17.51 -23.68 -47.89
N THR A 211 17.06 -24.93 -47.78
CA THR A 211 16.01 -25.27 -46.83
C THR A 211 16.61 -25.77 -45.52
N TYR A 212 15.95 -25.40 -44.42
CA TYR A 212 16.40 -25.78 -43.08
C TYR A 212 15.23 -26.40 -42.34
N ARG A 213 15.57 -27.22 -41.34
CA ARG A 213 14.58 -27.90 -40.50
C ARG A 213 14.83 -27.55 -39.05
N LEU A 214 13.78 -27.68 -38.24
CA LEU A 214 13.87 -27.43 -36.80
C LEU A 214 13.66 -28.74 -36.05
N GLN A 215 14.61 -29.07 -35.18
CA GLN A 215 14.51 -30.24 -34.32
C GLN A 215 14.40 -29.78 -32.88
N TRP A 216 13.52 -30.46 -32.13
CA TRP A 216 13.07 -29.99 -30.82
C TRP A 216 13.60 -30.92 -29.74
N TRP A 217 14.81 -30.64 -29.26
CA TRP A 217 15.46 -31.47 -28.27
C TRP A 217 15.10 -31.01 -26.86
N ASP A 218 14.75 -31.95 -26.01
CA ASP A 218 14.51 -31.68 -24.60
C ASP A 218 15.84 -31.73 -23.87
N PHE A 219 16.29 -30.57 -23.36
CA PHE A 219 17.54 -30.49 -22.62
C PHE A 219 17.31 -30.41 -21.11
N THR A 220 16.18 -30.93 -20.64
CA THR A 220 15.91 -30.89 -19.21
C THR A 220 16.93 -31.73 -18.44
N LYS A 221 17.29 -32.88 -18.97
CA LYS A 221 18.27 -33.75 -18.34
C LYS A 221 19.69 -33.50 -18.82
N PHE A 222 19.90 -32.44 -19.61
CA PHE A 222 21.22 -32.04 -20.11
C PHE A 222 21.85 -33.12 -20.99
N ASP A 223 21.06 -34.02 -21.53
CA ASP A 223 21.59 -35.04 -22.42
C ASP A 223 22.06 -34.40 -23.73
N LEU A 224 23.18 -34.90 -24.24
CA LEU A 224 23.72 -34.36 -25.48
C LEU A 224 22.77 -34.69 -26.63
N PRO A 225 22.29 -33.71 -27.37
CA PRO A 225 21.32 -33.98 -28.44
C PRO A 225 21.97 -34.69 -29.62
N GLU A 226 21.44 -35.86 -29.96
CA GLU A 226 21.88 -36.60 -31.13
C GLU A 226 21.20 -36.01 -32.36
N ILE A 227 21.67 -34.81 -32.74
CA ILE A 227 21.06 -34.07 -33.85
C ILE A 227 21.42 -34.64 -35.21
N SER A 228 22.21 -35.72 -35.25
CA SER A 228 22.51 -36.37 -36.52
C SER A 228 21.24 -36.92 -37.18
N ASN A 229 20.34 -37.50 -36.40
CA ASN A 229 19.09 -38.01 -36.94
C ASN A 229 18.20 -36.84 -37.35
N ALA A 230 17.62 -36.94 -38.54
CA ALA A 230 16.79 -35.88 -39.10
C ALA A 230 15.30 -36.18 -38.99
N SER A 231 14.92 -37.21 -38.22
CA SER A 231 13.52 -37.60 -38.10
C SER A 231 13.07 -37.75 -36.65
N VAL A 232 13.85 -37.28 -35.69
CA VAL A 232 13.53 -37.39 -34.27
C VAL A 232 13.20 -36.01 -33.73
N ASN A 233 12.05 -35.89 -33.07
CA ASN A 233 11.62 -34.65 -32.42
C ASN A 233 11.55 -33.48 -33.40
N VAL A 234 11.18 -33.76 -34.65
CA VAL A 234 11.12 -32.71 -35.66
C VAL A 234 9.79 -31.99 -35.56
N LEU A 235 9.84 -30.65 -35.52
CA LEU A 235 8.64 -29.83 -35.49
C LEU A 235 8.35 -29.12 -36.79
N VAL A 236 9.38 -28.73 -37.55
CA VAL A 236 9.22 -28.03 -38.81
C VAL A 236 10.07 -28.74 -39.86
N GLN A 237 9.43 -29.18 -40.94
CA GLN A 237 10.17 -29.83 -42.01
C GLN A 237 11.01 -28.83 -42.80
N ASN A 238 10.43 -27.69 -43.15
CA ASN A 238 11.11 -26.69 -43.97
C ASN A 238 10.89 -25.32 -43.37
N CYS A 239 11.97 -24.58 -43.15
CA CYS A 239 11.90 -23.23 -42.60
C CYS A 239 13.02 -22.39 -43.20
N LYS A 240 12.70 -21.13 -43.49
CA LYS A 240 13.67 -20.20 -44.08
C LYS A 240 14.33 -19.42 -42.95
N ILE A 241 15.64 -19.64 -42.76
CA ILE A 241 16.41 -18.97 -41.73
C ILE A 241 17.67 -18.39 -42.35
N TYR A 242 17.93 -17.11 -42.09
CA TYR A 242 19.15 -16.45 -42.50
C TYR A 242 19.98 -15.90 -41.36
N ASN A 243 19.34 -15.51 -40.25
CA ASN A 243 20.05 -15.00 -39.09
C ASN A 243 19.35 -15.54 -37.84
N ASP A 244 19.84 -15.14 -36.66
CA ASP A 244 19.28 -15.61 -35.41
C ASP A 244 18.02 -14.88 -34.99
N ALA A 245 17.70 -13.75 -35.64
CA ALA A 245 16.52 -12.97 -35.30
C ALA A 245 15.29 -13.35 -36.12
N SER A 246 15.42 -14.31 -37.04
CA SER A 246 14.30 -14.71 -37.88
C SER A 246 13.29 -15.56 -37.12
N CYS A 247 13.65 -16.15 -35.99
CA CYS A 247 12.73 -16.90 -35.15
C CYS A 247 12.91 -16.49 -33.70
N ASP A 248 11.82 -16.46 -32.96
CA ASP A 248 11.86 -16.04 -31.56
C ASP A 248 10.70 -16.68 -30.82
N ILE A 249 10.83 -16.77 -29.51
CA ILE A 249 9.83 -17.38 -28.64
C ILE A 249 9.25 -16.29 -27.75
N SER A 250 7.94 -16.33 -27.54
CA SER A 250 7.29 -15.35 -26.69
C SER A 250 7.79 -15.47 -25.25
N ALA A 251 7.60 -14.39 -24.49
CA ALA A 251 8.03 -14.38 -23.09
C ALA A 251 7.34 -15.46 -22.29
N ASP A 252 6.04 -15.67 -22.54
CA ASP A 252 5.33 -16.76 -21.89
C ASP A 252 5.83 -18.12 -22.32
N GLY A 253 6.39 -18.22 -23.53
CA GLY A 253 6.91 -19.48 -24.03
C GLY A 253 5.89 -20.38 -24.67
N GLN A 254 4.62 -19.98 -24.73
CA GLN A 254 3.58 -20.77 -25.35
C GLN A 254 3.33 -20.39 -26.80
N LEU A 255 4.09 -19.45 -27.33
CA LEU A 255 3.91 -18.97 -28.69
C LEU A 255 5.25 -19.03 -29.42
N LEU A 256 5.19 -19.25 -30.74
CA LEU A 256 6.41 -19.31 -31.54
C LEU A 256 6.10 -18.88 -32.96
N ALA A 257 7.04 -18.18 -33.58
CA ALA A 257 6.92 -17.74 -34.96
C ALA A 257 8.11 -18.23 -35.76
N ALA A 258 7.86 -18.72 -36.98
CA ALA A 258 8.93 -19.21 -37.83
C ALA A 258 8.47 -19.16 -39.29
N PHE A 259 9.40 -18.83 -40.17
CA PHE A 259 9.10 -18.77 -41.60
C PHE A 259 8.91 -20.18 -42.16
N ILE A 260 8.02 -20.29 -43.15
CA ILE A 260 7.87 -21.54 -43.90
C ILE A 260 7.75 -21.21 -45.38
N PRO A 261 8.25 -22.09 -46.23
CA PRO A 261 8.18 -21.86 -47.68
C PRO A 261 6.79 -22.14 -48.21
N SER A 262 6.55 -21.66 -49.44
CA SER A 262 5.27 -21.85 -50.11
C SER A 262 5.11 -23.30 -50.57
N GLY A 271 7.99 -16.07 -48.13
CA GLY A 271 8.07 -16.42 -46.73
C GLY A 271 6.74 -16.26 -46.00
N ILE A 272 6.24 -17.36 -45.44
CA ILE A 272 4.96 -17.39 -44.75
C ILE A 272 5.23 -17.48 -43.26
N LEU A 273 4.82 -16.45 -42.52
CA LEU A 273 4.96 -16.47 -41.07
C LEU A 273 3.78 -17.20 -40.46
N ALA A 274 4.07 -18.19 -39.63
CA ALA A 274 3.05 -19.02 -39.00
C ALA A 274 3.33 -19.12 -37.51
N VAL A 275 2.27 -19.17 -36.72
CA VAL A 275 2.38 -19.29 -35.27
C VAL A 275 2.04 -20.72 -34.88
N TYR A 276 2.93 -21.34 -34.11
CA TYR A 276 2.77 -22.73 -33.68
C TYR A 276 2.72 -22.76 -32.16
N SER A 277 1.68 -23.39 -31.62
CA SER A 277 1.56 -23.49 -30.18
C SER A 277 2.62 -24.42 -29.62
N LEU A 278 3.31 -23.97 -28.57
CA LEU A 278 4.35 -24.75 -27.94
C LEU A 278 3.84 -25.56 -26.76
N ALA A 279 2.56 -25.45 -26.42
CA ALA A 279 2.01 -26.25 -25.34
C ALA A 279 2.01 -27.73 -25.73
N PRO A 280 2.34 -28.62 -24.79
CA PRO A 280 2.40 -30.05 -25.14
C PRO A 280 1.09 -30.64 -25.62
N HIS A 281 -0.05 -30.05 -25.26
CA HIS A 281 -1.33 -30.63 -25.64
C HIS A 281 -1.53 -30.62 -27.16
N ASN A 282 -1.10 -29.54 -27.82
CA ASN A 282 -1.16 -29.45 -29.28
C ASN A 282 0.16 -28.92 -29.83
N LEU A 283 1.26 -29.48 -29.34
CA LEU A 283 2.58 -29.07 -29.80
C LEU A 283 2.71 -29.27 -31.30
N GLY A 284 3.22 -28.26 -31.99
CA GLY A 284 3.36 -28.30 -33.43
C GLY A 284 2.15 -27.87 -34.21
N GLU A 285 1.00 -27.70 -33.55
CA GLU A 285 -0.20 -27.28 -34.24
C GLU A 285 -0.08 -25.83 -34.69
N MET A 286 -0.54 -25.56 -35.91
CA MET A 286 -0.39 -24.24 -36.54
C MET A 286 -1.59 -23.38 -36.17
N LEU A 287 -1.35 -22.37 -35.33
CA LEU A 287 -2.43 -21.52 -34.84
C LEU A 287 -2.80 -20.41 -35.82
N TYR A 288 -1.86 -19.50 -36.08
CA TYR A 288 -2.12 -18.32 -36.89
C TYR A 288 -1.12 -18.23 -38.03
N THR A 289 -1.56 -17.65 -39.15
CA THR A 289 -0.72 -17.53 -40.34
C THR A 289 -1.00 -16.23 -41.06
N LYS A 290 0.03 -15.68 -41.70
CA LYS A 290 -0.08 -14.67 -42.74
C LYS A 290 0.99 -14.90 -43.80
N ARG A 291 0.76 -14.30 -44.96
CA ARG A 291 1.66 -14.39 -46.10
C ARG A 291 2.54 -13.14 -46.16
N PHE A 292 3.83 -13.33 -46.34
CA PHE A 292 4.78 -12.23 -46.42
C PHE A 292 5.68 -12.43 -47.64
N GLY A 293 6.24 -11.32 -48.12
CA GLY A 293 7.16 -11.36 -49.24
C GLY A 293 8.54 -11.78 -48.80
N PRO A 294 9.44 -11.89 -49.78
CA PRO A 294 10.83 -12.25 -49.47
C PRO A 294 11.55 -11.23 -48.61
N ASN A 295 11.07 -9.99 -48.56
CA ASN A 295 11.71 -8.95 -47.77
C ASN A 295 11.57 -9.18 -46.27
N ALA A 296 10.72 -10.11 -45.84
CA ALA A 296 10.60 -10.40 -44.41
C ALA A 296 11.87 -11.07 -43.91
N ILE A 297 12.43 -10.54 -42.82
CA ILE A 297 13.72 -11.00 -42.33
C ILE A 297 13.60 -11.51 -40.90
N SER A 298 13.22 -10.63 -39.98
CA SER A 298 13.22 -10.93 -38.56
C SER A 298 11.84 -10.68 -37.98
N VAL A 299 11.55 -11.39 -36.88
CA VAL A 299 10.28 -11.29 -36.19
C VAL A 299 10.54 -11.13 -34.70
N SER A 300 9.53 -10.63 -33.99
CA SER A 300 9.60 -10.46 -32.55
C SER A 300 8.18 -10.41 -32.00
N LEU A 301 7.97 -11.06 -30.87
CA LEU A 301 6.65 -11.16 -30.27
C LEU A 301 6.52 -10.23 -29.07
N SER A 302 5.33 -9.66 -28.90
CA SER A 302 5.07 -8.80 -27.75
C SER A 302 5.18 -9.62 -26.47
N PRO A 303 5.47 -8.96 -25.34
CA PRO A 303 5.70 -9.71 -24.10
C PRO A 303 4.54 -10.58 -23.69
N MET A 304 3.30 -10.21 -24.03
CA MET A 304 2.13 -11.00 -23.68
C MET A 304 1.62 -11.82 -24.85
N GLY A 305 2.41 -11.96 -25.92
CA GLY A 305 2.08 -12.88 -26.99
C GLY A 305 0.85 -12.52 -27.78
N ARG A 306 0.66 -11.24 -28.10
CA ARG A 306 -0.47 -10.81 -28.93
C ARG A 306 -0.06 -10.04 -30.17
N TYR A 307 0.96 -9.18 -30.08
CA TYR A 307 1.38 -8.35 -31.20
C TYR A 307 2.77 -8.76 -31.64
N VAL A 308 2.99 -8.72 -32.95
CA VAL A 308 4.27 -9.14 -33.54
C VAL A 308 4.89 -7.97 -34.27
N MET A 309 6.18 -7.74 -34.04
CA MET A 309 6.95 -6.75 -34.77
C MET A 309 7.84 -7.44 -35.79
N VAL A 310 7.81 -6.95 -37.02
CA VAL A 310 8.60 -7.50 -38.11
C VAL A 310 9.30 -6.36 -38.84
N GLY A 311 10.61 -6.48 -39.00
CA GLY A 311 11.36 -5.53 -39.81
C GLY A 311 11.38 -5.97 -41.26
N LEU A 312 11.32 -4.99 -42.16
CA LEU A 312 11.19 -5.26 -43.58
C LEU A 312 12.28 -4.53 -44.36
N ALA A 313 12.68 -5.12 -45.47
CA ALA A 313 13.68 -4.54 -46.36
C ALA A 313 13.01 -3.74 -47.46
N SER A 314 13.73 -2.75 -47.96
CA SER A 314 13.21 -1.90 -49.04
C SER A 314 13.24 -2.63 -50.38
N HIS A 325 9.04 5.81 -44.10
CA HIS A 325 8.49 4.80 -45.00
C HIS A 325 8.09 3.54 -44.24
N MET A 326 7.34 2.66 -44.90
CA MET A 326 6.89 1.42 -44.29
C MET A 326 8.05 0.45 -44.14
N VAL A 327 8.66 0.42 -42.95
CA VAL A 327 9.82 -0.42 -42.69
C VAL A 327 9.46 -1.49 -41.68
N ALA A 328 8.34 -1.32 -40.99
CA ALA A 328 7.92 -2.24 -39.94
C ALA A 328 6.40 -2.34 -39.93
N GLN A 329 5.89 -3.38 -39.28
CA GLN A 329 4.45 -3.60 -39.19
C GLN A 329 4.13 -4.32 -37.89
N VAL A 330 2.88 -4.17 -37.44
CA VAL A 330 2.39 -4.78 -36.22
C VAL A 330 1.03 -5.41 -36.51
N PHE A 331 0.76 -6.57 -35.92
CA PHE A 331 -0.49 -7.28 -36.10
C PHE A 331 -1.06 -7.69 -34.74
N ARG A 332 -2.25 -8.28 -34.76
CA ARG A 332 -2.95 -8.66 -33.55
C ARG A 332 -3.69 -9.97 -33.78
N LEU A 333 -3.62 -10.87 -32.79
CA LEU A 333 -4.25 -12.18 -32.91
C LEU A 333 -5.69 -12.14 -32.43
N GLN A 334 -6.62 -12.60 -33.26
CA GLN A 334 -8.04 -12.57 -32.92
C GLN A 334 -8.62 -13.96 -32.74
N GLN A 335 -8.50 -14.84 -33.74
CA GLN A 335 -8.98 -16.21 -33.62
C GLN A 335 -8.02 -17.14 -34.34
N ALA A 336 -7.80 -18.32 -33.75
CA ALA A 336 -6.80 -19.28 -34.24
C ALA A 336 -7.51 -20.39 -35.02
N HIS A 337 -7.37 -20.35 -36.35
CA HIS A 337 -7.87 -21.42 -37.18
C HIS A 337 -6.91 -21.87 -38.27
N GLY A 338 -5.76 -21.20 -38.45
CA GLY A 338 -4.82 -21.56 -39.47
C GLY A 338 -5.00 -20.86 -40.80
N GLY A 339 -6.07 -20.06 -40.96
CA GLY A 339 -6.30 -19.36 -42.20
C GLY A 339 -5.57 -18.04 -42.29
N GLU A 340 -5.76 -17.36 -43.42
CA GLU A 340 -5.10 -16.09 -43.67
C GLU A 340 -5.61 -14.99 -42.74
N THR A 341 -6.91 -15.00 -42.42
CA THR A 341 -7.53 -13.94 -41.63
C THR A 341 -7.28 -14.08 -40.13
N SER A 342 -6.27 -14.84 -39.72
CA SER A 342 -6.01 -15.02 -38.30
C SER A 342 -5.70 -13.71 -37.60
N MET A 343 -4.88 -12.86 -38.23
CA MET A 343 -4.56 -11.55 -37.68
C MET A 343 -5.23 -10.47 -38.52
N ARG A 344 -5.05 -9.23 -38.09
CA ARG A 344 -5.45 -8.07 -38.86
C ARG A 344 -4.37 -7.00 -38.77
N ARG A 345 -4.11 -6.34 -39.89
CA ARG A 345 -3.11 -5.28 -39.92
C ARG A 345 -3.55 -4.11 -39.06
N VAL A 346 -2.61 -3.54 -38.31
CA VAL A 346 -2.90 -2.50 -37.33
C VAL A 346 -2.41 -1.14 -37.81
N PHE A 347 -1.09 -0.99 -37.97
CA PHE A 347 -0.51 0.27 -38.41
C PHE A 347 0.92 0.01 -38.86
N ASN A 348 1.61 1.09 -39.22
CA ASN A 348 2.98 1.02 -39.72
C ASN A 348 3.88 1.90 -38.87
N VAL A 349 5.14 1.49 -38.74
CA VAL A 349 6.16 2.25 -38.04
C VAL A 349 7.20 2.69 -39.06
N LEU A 350 7.50 3.98 -39.08
CA LEU A 350 8.44 4.56 -40.03
C LEU A 350 9.65 5.13 -39.30
N TYR A 351 10.64 5.53 -40.09
CA TYR A 351 11.88 6.10 -39.57
C TYR A 351 12.14 7.44 -40.25
N PRO A 352 12.51 8.46 -39.48
CA PRO A 352 12.69 9.80 -40.07
C PRO A 352 13.93 9.90 -40.96
N MET A 353 13.81 9.41 -42.19
CA MET A 353 14.90 9.52 -43.16
C MET A 353 15.13 10.98 -43.55
N HIS A 360 18.18 3.24 -50.53
CA HIS A 360 17.15 2.47 -49.83
C HIS A 360 17.63 2.04 -48.44
N VAL A 361 16.68 1.82 -47.54
CA VAL A 361 16.97 1.42 -46.16
C VAL A 361 16.27 0.11 -45.89
N SER A 362 17.02 -0.88 -45.44
CA SER A 362 16.49 -2.19 -45.09
C SER A 362 16.71 -2.44 -43.60
N ILE A 363 15.66 -2.90 -42.92
CA ILE A 363 15.73 -3.12 -41.49
C ILE A 363 16.58 -4.36 -41.22
N ASN A 364 17.60 -4.20 -40.36
CA ASN A 364 18.45 -5.32 -39.99
C ASN A 364 17.91 -6.04 -38.77
N SER A 365 17.60 -5.31 -37.72
CA SER A 365 17.13 -5.90 -36.47
C SER A 365 16.10 -4.97 -35.84
N ALA A 366 15.20 -5.58 -35.07
CA ALA A 366 14.20 -4.86 -34.29
C ALA A 366 13.67 -5.81 -33.22
N ARG A 367 13.05 -5.23 -32.20
CA ARG A 367 12.56 -6.06 -31.10
C ARG A 367 11.66 -5.22 -30.21
N TRP A 368 10.60 -5.84 -29.69
CA TRP A 368 9.75 -5.19 -28.70
C TRP A 368 10.54 -4.95 -27.42
N LEU A 369 10.34 -3.79 -26.81
CA LEU A 369 10.98 -3.51 -25.54
C LEU A 369 10.45 -4.47 -24.47
N PRO A 370 11.26 -4.77 -23.45
CA PRO A 370 10.84 -5.79 -22.46
C PRO A 370 9.50 -5.48 -21.79
N GLU A 371 9.23 -4.23 -21.51
CA GLU A 371 7.90 -4.00 -20.96
C GLU A 371 6.92 -3.64 -22.06
N PRO A 372 5.70 -4.16 -22.00
CA PRO A 372 4.71 -3.82 -23.03
C PRO A 372 4.40 -2.33 -23.07
N GLY A 373 4.24 -1.81 -24.28
CA GLY A 373 3.76 -0.46 -24.48
C GLY A 373 4.80 0.63 -24.46
N LEU A 374 6.05 0.33 -24.12
CA LEU A 374 7.07 1.38 -24.08
C LEU A 374 7.39 1.87 -25.49
N GLY A 375 7.66 0.95 -26.40
CA GLY A 375 8.07 1.31 -27.74
C GLY A 375 8.93 0.22 -28.34
N LEU A 376 9.87 0.62 -29.20
CA LEU A 376 10.69 -0.36 -29.90
C LEU A 376 12.01 0.30 -30.31
N ALA A 377 13.03 -0.53 -30.45
CA ALA A 377 14.33 -0.12 -30.93
C ALA A 377 14.70 -0.95 -32.15
N TYR A 378 15.54 -0.39 -33.02
CA TYR A 378 15.90 -1.07 -34.26
C TYR A 378 17.25 -0.56 -34.74
N GLY A 379 17.84 -1.30 -35.67
CA GLY A 379 19.09 -0.92 -36.28
C GLY A 379 18.93 -0.67 -37.77
N THR A 380 19.86 0.06 -38.37
CA THR A 380 19.75 0.48 -39.75
C THR A 380 20.97 0.01 -40.54
N ASN A 381 20.73 -0.43 -41.78
CA ASN A 381 21.82 -0.82 -42.66
C ASN A 381 22.74 0.36 -42.97
N LYS A 382 22.22 1.58 -42.87
CA LYS A 382 23.02 2.78 -43.10
C LYS A 382 23.79 3.22 -41.85
N GLY A 383 23.61 2.52 -40.72
CA GLY A 383 24.38 2.81 -39.53
C GLY A 383 23.69 3.72 -38.55
N ASP A 384 22.44 3.41 -38.22
CA ASP A 384 21.65 4.23 -37.30
C ASP A 384 21.00 3.35 -36.24
N LEU A 385 20.89 3.91 -35.03
CA LEU A 385 20.18 3.27 -33.92
C LEU A 385 19.14 4.27 -33.42
N VAL A 386 17.86 3.96 -33.67
CA VAL A 386 16.76 4.86 -33.36
C VAL A 386 15.78 4.13 -32.45
N ILE A 387 15.41 4.79 -31.35
CA ILE A 387 14.41 4.26 -30.41
C ILE A 387 13.12 5.03 -30.64
N CYS A 388 12.05 4.31 -30.97
CA CYS A 388 10.75 4.90 -31.26
C CYS A 388 9.79 4.64 -30.11
N ARG A 389 9.07 5.68 -29.71
CA ARG A 389 8.07 5.58 -28.66
C ARG A 389 6.84 6.39 -29.04
N PRO A 390 5.65 5.96 -28.61
CA PRO A 390 4.40 6.69 -28.88
C PRO A 390 4.16 7.81 -27.88
N MET B 1 19.81 18.43 -2.11
CA MET B 1 19.12 19.64 -1.68
C MET B 1 17.62 19.40 -1.54
N SER B 2 17.17 18.23 -1.99
CA SER B 2 15.77 17.84 -1.89
C SER B 2 15.74 16.35 -1.55
N TYR B 3 15.56 16.04 -0.27
CA TYR B 3 15.63 14.67 0.21
C TYR B 3 14.45 14.42 1.15
N ASN B 4 13.76 13.30 0.92
CA ASN B 4 12.44 13.09 1.48
C ASN B 4 12.50 12.27 2.76
N TYR B 5 11.33 11.93 3.29
CA TYR B 5 11.20 11.16 4.53
C TYR B 5 9.82 10.53 4.51
N VAL B 6 9.77 9.20 4.40
CA VAL B 6 8.52 8.45 4.28
C VAL B 6 8.21 7.78 5.61
N VAL B 7 6.98 7.91 6.05
CA VAL B 7 6.54 7.34 7.32
C VAL B 7 5.06 6.99 7.19
N THR B 8 4.66 5.90 7.85
CA THR B 8 3.29 5.43 7.81
C THR B 8 2.59 5.69 9.13
N ALA B 9 1.37 6.22 9.05
CA ALA B 9 0.58 6.50 10.24
C ALA B 9 -0.35 5.34 10.59
N GLN B 10 -1.04 4.79 9.60
CA GLN B 10 -1.92 3.64 9.80
C GLN B 10 -1.45 2.51 8.89
N LYS B 11 -1.09 1.38 9.49
CA LYS B 11 -0.61 0.24 8.73
C LYS B 11 -1.75 -0.40 7.94
N PRO B 12 -1.43 -1.18 6.91
CA PRO B 12 -2.49 -1.86 6.15
C PRO B 12 -3.27 -2.84 7.02
N THR B 13 -4.53 -3.05 6.65
CA THR B 13 -5.41 -3.94 7.39
C THR B 13 -6.22 -4.90 6.52
N ALA B 14 -6.01 -4.90 5.21
CA ALA B 14 -6.69 -5.87 4.35
C ALA B 14 -6.12 -7.26 4.57
N VAL B 15 -7.01 -8.25 4.55
CA VAL B 15 -6.65 -9.63 4.84
C VAL B 15 -6.35 -10.35 3.54
N ASN B 16 -5.24 -11.11 3.51
CA ASN B 16 -4.84 -11.85 2.33
C ASN B 16 -4.72 -13.35 2.55
N GLY B 17 -4.43 -13.80 3.78
CA GLY B 17 -4.29 -15.21 4.04
C GLY B 17 -4.64 -15.59 5.47
N CYS B 18 -5.36 -16.69 5.66
CA CYS B 18 -5.82 -17.12 6.96
C CYS B 18 -5.54 -18.60 7.19
N VAL B 19 -4.32 -19.03 6.87
CA VAL B 19 -3.95 -20.42 7.10
C VAL B 19 -3.83 -20.67 8.59
N THR B 20 -4.40 -21.79 9.04
CA THR B 20 -4.40 -22.15 10.44
C THR B 20 -3.45 -23.31 10.69
N GLY B 21 -2.83 -23.32 11.86
CA GLY B 21 -1.88 -24.37 12.20
C GLY B 21 -1.50 -24.36 13.66
N HIS B 22 -0.24 -24.62 13.96
CA HIS B 22 0.27 -24.64 15.33
C HIS B 22 1.61 -23.92 15.41
N PHE B 23 1.70 -22.75 14.77
CA PHE B 23 2.97 -22.06 14.65
C PHE B 23 3.52 -21.63 16.01
N THR B 24 2.65 -21.10 16.87
CA THR B 24 3.12 -20.63 18.18
C THR B 24 3.67 -21.78 19.01
N SER B 25 2.96 -22.90 19.04
CA SER B 25 3.39 -24.08 19.77
C SER B 25 2.57 -25.26 19.30
N ALA B 26 3.02 -26.47 19.65
CA ALA B 26 2.32 -27.67 19.23
C ALA B 26 0.94 -27.80 19.88
N GLU B 27 0.72 -27.15 21.02
CA GLU B 27 -0.53 -27.28 21.75
C GLU B 27 -1.40 -26.03 21.66
N ASP B 28 -1.06 -25.07 20.81
CA ASP B 28 -1.81 -23.83 20.68
C ASP B 28 -2.08 -23.57 19.21
N LEU B 29 -3.34 -23.72 18.80
CA LEU B 29 -3.71 -23.44 17.42
C LEU B 29 -3.78 -21.93 17.20
N ASN B 30 -3.30 -21.48 16.05
CA ASN B 30 -3.27 -20.06 15.71
C ASN B 30 -4.10 -19.82 14.45
N LEU B 31 -4.11 -18.58 13.98
CA LEU B 31 -4.96 -18.26 12.85
C LEU B 31 -4.15 -17.63 11.72
N LEU B 32 -3.08 -16.91 12.07
CA LEU B 32 -2.09 -16.45 11.09
C LEU B 32 -2.72 -15.57 10.01
N ILE B 33 -3.19 -14.39 10.43
CA ILE B 33 -3.60 -13.38 9.45
C ILE B 33 -2.36 -12.85 8.75
N ALA B 34 -2.49 -12.59 7.45
CA ALA B 34 -1.39 -12.08 6.64
C ALA B 34 -1.86 -10.84 5.88
N LYS B 35 -1.52 -9.66 6.39
CA LYS B 35 -1.79 -8.42 5.68
C LYS B 35 -0.79 -8.25 4.53
N ASN B 36 -0.81 -7.07 3.92
CA ASN B 36 -0.01 -6.85 2.72
C ASN B 36 1.48 -6.98 3.02
N THR B 37 1.94 -6.40 4.13
CA THR B 37 3.36 -6.37 4.44
C THR B 37 3.66 -6.89 5.84
N ARG B 38 2.64 -7.10 6.67
CA ARG B 38 2.86 -7.52 8.05
C ARG B 38 1.92 -8.67 8.36
N LEU B 39 2.44 -9.73 8.96
CA LEU B 39 1.63 -10.89 9.33
C LEU B 39 1.26 -10.74 10.81
N GLU B 40 -0.03 -10.83 11.09
CA GLU B 40 -0.51 -10.79 12.46
C GLU B 40 -0.69 -12.21 12.98
N ILE B 41 -0.09 -12.49 14.13
CA ILE B 41 -0.16 -13.80 14.75
C ILE B 41 -1.21 -13.74 15.85
N TYR B 42 -2.32 -14.42 15.64
CA TYR B 42 -3.42 -14.44 16.60
C TYR B 42 -3.59 -15.86 17.14
N VAL B 43 -4.19 -15.95 18.32
CA VAL B 43 -4.55 -17.22 18.92
C VAL B 43 -6.06 -17.21 19.14
N VAL B 44 -6.74 -18.20 18.59
CA VAL B 44 -8.19 -18.27 18.64
C VAL B 44 -8.62 -18.94 19.94
N THR B 45 -9.60 -18.33 20.62
CA THR B 45 -10.14 -18.87 21.85
C THR B 45 -11.66 -18.91 21.79
N ALA B 46 -12.31 -19.20 22.91
CA ALA B 46 -13.77 -19.16 22.94
C ALA B 46 -14.27 -17.74 22.73
N GLU B 47 -13.61 -16.75 23.32
CA GLU B 47 -14.03 -15.37 23.16
C GLU B 47 -13.88 -14.90 21.72
N GLY B 48 -12.75 -15.25 21.09
CA GLY B 48 -12.51 -14.83 19.72
C GLY B 48 -11.04 -14.83 19.35
N LEU B 49 -10.58 -13.72 18.78
CA LEU B 49 -9.21 -13.59 18.30
C LEU B 49 -8.40 -12.72 19.25
N ARG B 50 -7.16 -13.14 19.54
CA ARG B 50 -6.30 -12.43 20.47
C ARG B 50 -4.89 -12.35 19.91
N PRO B 51 -4.42 -11.15 19.54
CA PRO B 51 -3.04 -11.03 19.04
C PRO B 51 -2.03 -11.38 20.12
N VAL B 52 -0.99 -12.09 19.72
CA VAL B 52 0.08 -12.47 20.65
C VAL B 52 1.39 -11.86 20.21
N LYS B 53 1.56 -11.66 18.91
CA LYS B 53 2.80 -11.07 18.38
C LYS B 53 2.50 -10.53 17.00
N GLU B 54 2.53 -9.21 16.86
CA GLU B 54 2.23 -8.55 15.58
C GLU B 54 3.55 -8.23 14.90
N VAL B 55 4.15 -9.25 14.29
CA VAL B 55 5.44 -9.13 13.65
C VAL B 55 5.24 -8.51 12.27
N GLY B 56 5.83 -7.34 12.05
CA GLY B 56 5.86 -6.77 10.71
C GLY B 56 7.12 -7.18 9.99
N MET B 57 7.04 -8.22 9.16
CA MET B 57 8.23 -8.73 8.51
C MET B 57 8.53 -7.92 7.26
N TYR B 58 9.82 -7.71 7.01
CA TYR B 58 10.27 -6.89 5.89
C TYR B 58 10.10 -7.67 4.59
N GLY B 59 8.85 -7.74 4.14
CA GLY B 59 8.53 -8.42 2.90
C GLY B 59 7.05 -8.37 2.63
N LYS B 60 6.69 -8.65 1.39
CA LYS B 60 5.30 -8.70 0.95
C LYS B 60 4.88 -10.15 0.80
N ILE B 61 4.05 -10.61 1.73
CA ILE B 61 3.67 -12.03 1.77
C ILE B 61 2.77 -12.35 0.58
N ALA B 62 3.11 -13.42 -0.13
CA ALA B 62 2.30 -13.88 -1.26
C ALA B 62 1.87 -15.34 -1.12
N VAL B 63 2.78 -16.22 -0.70
CA VAL B 63 2.47 -17.62 -0.47
C VAL B 63 2.84 -17.95 0.96
N MET B 64 1.92 -18.57 1.68
CA MET B 64 2.12 -18.79 3.11
C MET B 64 1.30 -20.01 3.54
N GLU B 65 1.99 -21.04 4.02
CA GLU B 65 1.34 -22.27 4.42
C GLU B 65 2.17 -22.94 5.50
N LEU B 66 1.49 -23.49 6.51
CA LEU B 66 2.16 -24.17 7.61
C LEU B 66 2.29 -25.66 7.29
N PHE B 67 3.48 -26.20 7.48
CA PHE B 67 3.73 -27.62 7.27
C PHE B 67 4.56 -28.17 8.42
N ARG B 68 4.47 -29.48 8.60
CA ARG B 68 5.19 -30.17 9.66
C ARG B 68 6.25 -31.08 9.07
N PRO B 69 7.52 -30.69 9.07
CA PRO B 69 8.57 -31.58 8.59
C PRO B 69 8.77 -32.76 9.53
N LYS B 70 9.29 -33.84 8.98
CA LYS B 70 9.61 -35.01 9.79
C LYS B 70 10.68 -34.66 10.81
N GLY B 71 10.47 -35.05 12.06
CA GLY B 71 11.40 -34.73 13.12
C GLY B 71 11.31 -33.31 13.66
N GLU B 72 10.25 -32.57 13.32
CA GLU B 72 10.06 -31.21 13.79
C GLU B 72 8.97 -31.21 14.85
N SER B 73 9.28 -30.63 16.01
CA SER B 73 8.31 -30.61 17.11
C SER B 73 7.08 -29.78 16.77
N LYS B 74 7.28 -28.62 16.16
CA LYS B 74 6.20 -27.71 15.83
C LYS B 74 6.19 -27.44 14.33
N ASP B 75 4.99 -27.26 13.78
CA ASP B 75 4.85 -26.99 12.36
C ASP B 75 5.52 -25.66 12.00
N LEU B 76 6.30 -25.67 10.93
CA LEU B 76 6.98 -24.47 10.49
C LEU B 76 6.05 -23.61 9.64
N LEU B 77 6.54 -22.43 9.27
CA LEU B 77 5.82 -21.51 8.42
C LEU B 77 6.71 -21.12 7.25
N PHE B 78 6.16 -21.21 6.03
CA PHE B 78 6.91 -20.94 4.82
C PHE B 78 6.38 -19.64 4.21
N ILE B 79 7.00 -18.53 4.57
CA ILE B 79 6.64 -17.24 4.00
C ILE B 79 7.37 -17.07 2.67
N LEU B 80 6.62 -16.84 1.61
CA LEU B 80 7.16 -16.51 0.30
C LEU B 80 6.89 -15.04 0.05
N THR B 81 7.94 -14.22 0.15
CA THR B 81 7.82 -12.81 -0.16
C THR B 81 7.46 -12.63 -1.64
N ALA B 82 6.68 -11.59 -1.93
CA ALA B 82 6.29 -11.34 -3.30
C ALA B 82 7.48 -11.08 -4.22
N LYS B 83 8.64 -10.78 -3.65
CA LYS B 83 9.89 -10.71 -4.41
C LYS B 83 10.67 -12.01 -4.35
N TYR B 84 9.98 -13.13 -4.18
CA TYR B 84 10.56 -14.47 -4.26
C TYR B 84 11.63 -14.70 -3.21
N ASN B 85 11.61 -13.92 -2.13
CA ASN B 85 12.57 -14.07 -1.04
C ASN B 85 12.07 -15.19 -0.12
N ALA B 86 12.10 -16.40 -0.66
CA ALA B 86 11.60 -17.56 0.07
C ALA B 86 12.42 -17.80 1.32
N CYS B 87 11.73 -18.03 2.44
CA CYS B 87 12.39 -18.30 3.70
C CYS B 87 11.54 -19.28 4.51
N ILE B 88 12.19 -20.29 5.08
CA ILE B 88 11.51 -21.25 5.95
C ILE B 88 11.56 -20.65 7.35
N LEU B 89 10.52 -19.91 7.71
CA LEU B 89 10.50 -19.22 8.98
C LEU B 89 10.23 -20.21 10.11
N GLU B 90 10.67 -19.83 11.32
CA GLU B 90 10.42 -20.64 12.50
C GLU B 90 10.25 -19.70 13.68
N TYR B 91 9.17 -19.88 14.43
CA TYR B 91 8.90 -19.03 15.57
C TYR B 91 9.89 -19.32 16.69
N LYS B 92 10.57 -18.28 17.16
CA LYS B 92 11.51 -18.40 18.27
C LYS B 92 10.80 -17.98 19.56
N GLN B 93 10.58 -18.93 20.45
CA GLN B 93 9.90 -18.68 21.71
C GLN B 93 10.91 -18.91 22.84
N SER B 94 11.53 -17.83 23.31
CA SER B 94 12.53 -17.89 24.36
C SER B 94 12.05 -17.26 25.66
N GLY B 95 11.59 -16.02 25.62
CA GLY B 95 11.12 -15.33 26.81
C GLY B 95 10.29 -14.12 26.49
N GLU B 96 10.51 -13.01 27.22
CA GLU B 96 9.80 -11.78 26.92
C GLU B 96 10.14 -11.26 25.52
N SER B 97 11.41 -11.36 25.13
CA SER B 97 11.84 -10.96 23.79
C SER B 97 11.60 -12.12 22.83
N ILE B 98 10.82 -11.87 21.79
CA ILE B 98 10.46 -12.90 20.81
C ILE B 98 10.84 -12.39 19.43
N ASP B 99 11.63 -13.19 18.70
CA ASP B 99 12.00 -12.85 17.34
C ASP B 99 11.65 -14.00 16.40
N ILE B 100 11.98 -13.86 15.12
CA ILE B 100 11.61 -14.84 14.11
C ILE B 100 12.91 -15.39 13.53
N ILE B 101 13.34 -16.55 14.00
CA ILE B 101 14.59 -17.15 13.55
C ILE B 101 14.35 -17.85 12.22
N THR B 102 15.23 -17.58 11.26
CA THR B 102 15.11 -18.14 9.92
C THR B 102 15.85 -19.47 9.85
N ARG B 103 15.11 -20.56 9.66
CA ARG B 103 15.73 -21.87 9.50
C ARG B 103 16.55 -21.92 8.21
N ALA B 104 16.01 -21.37 7.14
CA ALA B 104 16.71 -21.34 5.85
C ALA B 104 16.18 -20.17 5.04
N HIS B 105 17.06 -19.60 4.22
CA HIS B 105 16.69 -18.43 3.43
C HIS B 105 17.39 -18.51 2.08
N GLY B 106 16.85 -17.77 1.12
CA GLY B 106 17.44 -17.70 -0.19
C GLY B 106 16.47 -17.18 -1.23
N ASN B 107 16.97 -16.30 -2.10
CA ASN B 107 16.14 -15.76 -3.17
C ASN B 107 15.93 -16.82 -4.23
N VAL B 108 14.72 -17.35 -4.33
CA VAL B 108 14.40 -18.41 -5.28
C VAL B 108 13.89 -17.78 -6.55
N GLN B 109 14.13 -16.48 -6.72
CA GLN B 109 13.68 -15.79 -7.91
C GLN B 109 14.31 -16.41 -9.15
N ASP B 110 13.54 -16.42 -10.24
CA ASP B 110 13.99 -16.97 -11.50
C ASP B 110 14.12 -15.85 -12.51
N ARG B 111 15.30 -15.71 -13.10
CA ARG B 111 15.56 -14.61 -14.02
C ARG B 111 14.81 -14.73 -15.34
N ILE B 112 14.20 -15.89 -15.61
CA ILE B 112 13.49 -16.11 -16.87
C ILE B 112 12.04 -16.53 -16.67
N GLY B 113 11.59 -16.68 -15.42
CA GLY B 113 10.21 -17.08 -15.19
C GLY B 113 9.23 -15.95 -15.35
N ARG B 114 8.00 -16.32 -15.69
CA ARG B 114 6.91 -15.37 -15.81
C ARG B 114 5.77 -15.84 -14.91
N PRO B 115 5.27 -14.99 -14.01
CA PRO B 115 4.28 -15.45 -13.04
C PRO B 115 3.02 -15.98 -13.71
N SER B 116 2.47 -17.04 -13.14
CA SER B 116 1.26 -17.65 -13.69
C SER B 116 0.08 -16.70 -13.54
N GLU B 117 -0.89 -16.86 -14.44
CA GLU B 117 -2.02 -15.92 -14.48
C GLU B 117 -2.80 -15.93 -13.18
N THR B 118 -3.19 -17.12 -12.70
CA THR B 118 -4.07 -17.22 -11.55
C THR B 118 -3.32 -17.07 -10.22
N GLY B 119 -2.48 -16.04 -10.12
CA GLY B 119 -1.77 -15.76 -8.90
C GLY B 119 -0.63 -16.72 -8.67
N ILE B 120 -0.05 -16.61 -7.47
CA ILE B 120 1.10 -17.42 -7.07
C ILE B 120 0.67 -18.25 -5.86
N ILE B 121 0.78 -19.57 -5.99
CA ILE B 121 0.37 -20.48 -4.94
C ILE B 121 1.47 -21.49 -4.68
N GLY B 122 1.45 -22.07 -3.49
CA GLY B 122 2.41 -23.10 -3.12
C GLY B 122 1.75 -24.15 -2.27
N ILE B 123 2.24 -25.38 -2.40
CA ILE B 123 1.69 -26.53 -1.71
C ILE B 123 2.82 -27.33 -1.08
N ILE B 124 2.47 -28.16 -0.11
CA ILE B 124 3.41 -29.02 0.58
C ILE B 124 2.91 -30.46 0.48
N ASP B 125 3.85 -31.39 0.29
CA ASP B 125 3.49 -32.79 0.29
C ASP B 125 2.95 -33.19 1.66
N PRO B 126 1.89 -34.00 1.72
CA PRO B 126 1.34 -34.40 3.02
C PRO B 126 2.38 -35.06 3.92
N GLU B 127 3.30 -35.85 3.36
CA GLU B 127 4.36 -36.48 4.13
C GLU B 127 5.60 -35.61 4.22
N CYS B 128 5.47 -34.31 3.94
CA CYS B 128 6.55 -33.32 4.04
C CYS B 128 7.78 -33.72 3.24
N ARG B 129 7.63 -34.62 2.27
CA ARG B 129 8.77 -35.04 1.47
C ARG B 129 9.20 -33.99 0.44
N MET B 130 8.38 -32.97 0.22
CA MET B 130 8.62 -32.05 -0.88
C MET B 130 7.92 -30.73 -0.60
N ILE B 131 8.48 -29.65 -1.13
CA ILE B 131 7.83 -28.35 -1.19
C ILE B 131 7.62 -28.00 -2.66
N GLY B 132 6.38 -27.72 -3.03
CA GLY B 132 6.08 -27.37 -4.41
C GLY B 132 5.54 -25.97 -4.54
N LEU B 133 6.23 -25.14 -5.32
CA LEU B 133 5.85 -23.75 -5.50
C LEU B 133 5.54 -23.50 -6.96
N ARG B 134 4.38 -22.90 -7.22
CA ARG B 134 3.96 -22.55 -8.57
C ARG B 134 4.20 -21.06 -8.77
N LEU B 135 5.44 -20.71 -9.14
CA LEU B 135 5.79 -19.32 -9.42
C LEU B 135 5.59 -18.98 -10.89
N TYR B 136 6.25 -19.70 -11.78
CA TYR B 136 6.19 -19.43 -13.20
C TYR B 136 5.29 -20.44 -13.90
N ASP B 137 4.85 -20.08 -15.10
CA ASP B 137 4.00 -20.96 -15.88
C ASP B 137 4.85 -22.09 -16.47
N GLY B 138 4.41 -23.32 -16.26
CA GLY B 138 5.16 -24.47 -16.76
C GLY B 138 6.48 -24.69 -16.07
N LEU B 139 6.64 -24.16 -14.86
CA LEU B 139 7.90 -24.28 -14.10
C LEU B 139 7.52 -24.60 -12.66
N PHE B 140 7.44 -25.89 -12.35
CA PHE B 140 7.08 -26.35 -11.02
C PHE B 140 8.36 -26.49 -10.20
N LYS B 141 8.75 -25.39 -9.54
CA LYS B 141 9.95 -25.40 -8.73
C LYS B 141 9.76 -26.31 -7.52
N VAL B 142 10.72 -27.19 -7.29
CA VAL B 142 10.65 -28.17 -6.21
C VAL B 142 11.85 -27.97 -5.29
N ILE B 143 11.57 -27.83 -4.00
CA ILE B 143 12.60 -27.66 -2.98
C ILE B 143 12.58 -28.89 -2.09
N PRO B 144 13.61 -29.73 -2.11
CA PRO B 144 13.67 -30.86 -1.18
C PRO B 144 13.74 -30.35 0.27
N LEU B 145 13.22 -31.17 1.18
CA LEU B 145 13.15 -30.74 2.58
C LEU B 145 14.06 -31.63 3.43
N ASP B 146 15.26 -31.89 2.94
CA ASP B 146 16.24 -32.62 3.74
C ASP B 146 16.81 -31.71 4.83
N ARG B 147 17.50 -32.33 5.79
CA ARG B 147 18.16 -31.57 6.83
C ARG B 147 19.23 -30.64 6.26
N ASP B 148 19.82 -31.02 5.12
CA ASP B 148 20.76 -30.17 4.41
C ASP B 148 20.01 -29.14 3.58
N ASN B 149 20.72 -28.47 2.67
CA ASN B 149 20.14 -27.45 1.79
C ASN B 149 19.64 -26.26 2.61
N LYS B 150 20.48 -25.77 3.52
CA LYS B 150 20.14 -24.57 4.29
C LYS B 150 20.08 -23.34 3.41
N GLU B 151 20.66 -23.39 2.21
CA GLU B 151 20.61 -22.29 1.25
C GLU B 151 19.40 -22.38 0.33
N LEU B 152 18.55 -23.40 0.51
CA LEU B 152 17.34 -23.57 -0.30
C LEU B 152 17.69 -23.67 -1.79
N LYS B 153 18.60 -24.58 -2.11
CA LYS B 153 18.98 -24.82 -3.50
C LYS B 153 17.83 -25.52 -4.20
N ALA B 154 17.02 -24.76 -4.94
CA ALA B 154 15.86 -25.31 -5.61
C ALA B 154 16.24 -25.82 -6.99
N PHE B 155 15.30 -26.53 -7.62
CA PHE B 155 15.47 -26.96 -9.00
C PHE B 155 14.12 -26.97 -9.68
N ASN B 156 14.15 -26.86 -11.00
CA ASN B 156 12.95 -26.70 -11.80
C ASN B 156 12.55 -28.02 -12.45
N ILE B 157 11.24 -28.27 -12.51
CA ILE B 157 10.69 -29.42 -13.21
C ILE B 157 9.60 -28.92 -14.16
N ARG B 158 9.68 -29.37 -15.41
CA ARG B 158 8.70 -28.93 -16.41
C ARG B 158 7.34 -29.58 -16.15
N LEU B 159 6.29 -28.84 -16.49
CA LEU B 159 4.92 -29.34 -16.42
C LEU B 159 4.30 -29.28 -17.81
N GLU B 160 3.55 -30.33 -18.15
CA GLU B 160 2.89 -30.37 -19.45
C GLU B 160 1.75 -29.35 -19.52
N GLU B 161 1.02 -29.16 -18.42
CA GLU B 161 -0.08 -28.22 -18.38
C GLU B 161 0.49 -26.82 -18.15
N LEU B 162 0.61 -26.04 -19.23
CA LEU B 162 1.19 -24.71 -19.13
C LEU B 162 0.32 -23.80 -18.27
N HIS B 163 -1.00 -23.85 -18.47
CA HIS B 163 -1.94 -23.02 -17.72
C HIS B 163 -2.65 -23.89 -16.69
N VAL B 164 -2.41 -23.60 -15.41
CA VAL B 164 -2.95 -24.38 -14.31
C VAL B 164 -3.79 -23.46 -13.44
N ILE B 165 -5.02 -23.88 -13.13
CA ILE B 165 -5.92 -23.08 -12.33
C ILE B 165 -5.70 -23.30 -10.84
N ASP B 166 -5.70 -24.56 -10.40
CA ASP B 166 -5.47 -24.85 -9.00
C ASP B 166 -4.88 -26.24 -8.89
N VAL B 167 -3.94 -26.40 -7.96
CA VAL B 167 -3.16 -27.61 -7.82
C VAL B 167 -3.06 -28.01 -6.36
N LYS B 168 -3.17 -29.30 -6.08
CA LYS B 168 -2.98 -29.84 -4.74
C LYS B 168 -2.30 -31.20 -4.86
N PHE B 169 -1.99 -31.78 -3.69
CA PHE B 169 -1.39 -33.10 -3.60
C PHE B 169 -2.43 -34.07 -3.05
N LEU B 170 -2.72 -35.12 -3.81
CA LEU B 170 -3.69 -36.12 -3.36
C LEU B 170 -3.15 -36.88 -2.16
N TYR B 171 -4.04 -37.20 -1.22
CA TYR B 171 -3.68 -37.96 -0.04
C TYR B 171 -3.61 -39.45 -0.35
N GLY B 172 -3.09 -40.21 0.61
CA GLY B 172 -3.14 -41.66 0.57
C GLY B 172 -2.44 -42.30 -0.62
N CYS B 173 -1.22 -41.88 -0.90
CA CYS B 173 -0.44 -42.47 -2.00
C CYS B 173 1.00 -42.66 -1.56
N GLN B 174 1.67 -43.62 -2.19
CA GLN B 174 3.06 -43.92 -1.86
C GLN B 174 3.99 -42.84 -2.37
N ALA B 175 4.05 -42.67 -3.68
CA ALA B 175 4.85 -41.64 -4.31
C ALA B 175 4.14 -40.29 -4.23
N PRO B 176 4.89 -39.19 -4.31
CA PRO B 176 4.25 -37.87 -4.35
C PRO B 176 3.24 -37.76 -5.48
N THR B 177 1.97 -37.65 -5.14
CA THR B 177 0.88 -37.61 -6.13
C THR B 177 0.28 -36.21 -6.15
N ILE B 178 0.00 -35.73 -7.35
CA ILE B 178 -0.44 -34.36 -7.57
C ILE B 178 -1.74 -34.39 -8.37
N CYS B 179 -2.72 -33.60 -7.93
CA CYS B 179 -3.99 -33.47 -8.63
C CYS B 179 -4.28 -32.00 -8.87
N PHE B 180 -4.71 -31.69 -10.10
CA PHE B 180 -4.90 -30.30 -10.48
C PHE B 180 -5.76 -30.25 -11.74
N VAL B 181 -6.46 -29.13 -11.91
CA VAL B 181 -7.24 -28.87 -13.11
C VAL B 181 -6.53 -27.81 -13.94
N TYR B 182 -6.42 -28.04 -15.24
CA TYR B 182 -5.83 -27.08 -16.17
C TYR B 182 -6.86 -26.68 -17.20
N GLN B 183 -6.48 -25.76 -18.08
CA GLN B 183 -7.41 -25.10 -18.99
C GLN B 183 -6.93 -25.23 -20.43
N ASP B 184 -6.60 -26.45 -20.83
CA ASP B 184 -6.31 -26.71 -22.23
C ASP B 184 -7.52 -26.34 -23.08
N PRO B 185 -7.32 -25.83 -24.30
CA PRO B 185 -8.46 -25.28 -25.06
C PRO B 185 -9.43 -26.35 -25.53
N GLN B 186 -9.89 -27.19 -24.61
CA GLN B 186 -11.02 -28.08 -24.83
C GLN B 186 -11.69 -28.26 -23.47
N GLY B 187 -12.64 -27.39 -23.17
CA GLY B 187 -13.24 -27.37 -21.85
C GLY B 187 -12.19 -27.19 -20.76
N ARG B 188 -12.39 -27.91 -19.67
CA ARG B 188 -11.42 -27.99 -18.58
C ARG B 188 -11.14 -29.46 -18.29
N HIS B 189 -9.90 -29.77 -17.99
CA HIS B 189 -9.48 -31.14 -17.77
C HIS B 189 -8.90 -31.29 -16.36
N VAL B 190 -8.53 -32.52 -16.02
CA VAL B 190 -7.80 -32.83 -14.79
C VAL B 190 -6.71 -33.83 -15.15
N LYS B 191 -5.61 -33.78 -14.40
CA LYS B 191 -4.47 -34.64 -14.68
C LYS B 191 -3.89 -35.13 -13.37
N THR B 192 -2.93 -36.05 -13.46
CA THR B 192 -2.24 -36.59 -12.30
C THR B 192 -0.82 -36.93 -12.68
N TYR B 193 0.10 -36.70 -11.75
CA TYR B 193 1.51 -36.99 -11.98
C TYR B 193 2.13 -37.50 -10.69
N GLU B 194 3.25 -38.21 -10.84
CA GLU B 194 4.07 -38.65 -9.71
C GLU B 194 5.40 -37.91 -9.82
N VAL B 195 5.66 -37.01 -8.89
CA VAL B 195 6.86 -36.16 -8.95
C VAL B 195 8.05 -36.98 -8.49
N SER B 196 9.08 -37.06 -9.33
CA SER B 196 10.26 -37.86 -9.05
C SER B 196 11.38 -36.95 -8.55
N LEU B 197 11.98 -37.35 -7.42
CA LEU B 197 13.09 -36.58 -6.87
C LEU B 197 14.37 -36.82 -7.68
N ARG B 198 14.81 -38.07 -7.76
CA ARG B 198 16.07 -38.39 -8.43
C ARG B 198 15.98 -38.10 -9.93
N GLU B 199 14.94 -38.61 -10.58
CA GLU B 199 14.79 -38.37 -12.02
C GLU B 199 14.56 -36.90 -12.31
N LYS B 200 13.75 -36.22 -11.49
CA LYS B 200 13.44 -34.81 -11.66
C LYS B 200 12.86 -34.53 -13.04
N ASN B 203 5.44 -38.96 -15.60
CA ASN B 203 4.97 -40.16 -14.90
C ASN B 203 3.48 -40.34 -15.06
N LYS B 204 2.92 -41.30 -14.32
CA LYS B 204 1.50 -41.61 -14.38
C LYS B 204 0.91 -41.60 -12.97
N GLY B 205 -0.37 -41.26 -12.90
CA GLY B 205 -1.07 -41.22 -11.63
C GLY B 205 -2.09 -42.32 -11.51
N PRO B 206 -2.82 -42.33 -10.38
CA PRO B 206 -3.85 -43.37 -10.19
C PRO B 206 -4.93 -43.36 -11.26
N TRP B 207 -5.28 -42.20 -11.80
CA TRP B 207 -6.30 -42.12 -12.84
C TRP B 207 -5.82 -41.21 -13.96
N LYS B 208 -6.38 -41.42 -15.14
CA LYS B 208 -5.96 -40.72 -16.34
C LYS B 208 -6.70 -39.38 -16.46
N GLN B 209 -6.55 -38.72 -17.59
CA GLN B 209 -7.14 -37.41 -17.82
C GLN B 209 -8.55 -37.55 -18.37
N GLU B 210 -9.47 -36.79 -17.80
CA GLU B 210 -10.87 -36.76 -18.20
C GLU B 210 -11.29 -35.33 -18.53
N ASN B 211 -12.59 -35.14 -18.73
CA ASN B 211 -13.15 -33.82 -19.00
C ASN B 211 -14.18 -33.47 -17.93
N VAL B 212 -14.22 -32.19 -17.56
CA VAL B 212 -15.14 -31.68 -16.55
C VAL B 212 -15.74 -30.38 -17.06
N GLU B 213 -16.56 -29.76 -16.22
CA GLU B 213 -17.25 -28.54 -16.61
C GLU B 213 -16.27 -27.41 -16.88
N ALA B 214 -16.60 -26.57 -17.86
CA ALA B 214 -15.73 -25.46 -18.23
C ALA B 214 -15.85 -24.27 -17.28
N GLU B 215 -16.79 -24.32 -16.32
CA GLU B 215 -16.93 -23.28 -15.32
C GLU B 215 -16.49 -23.77 -13.95
N ALA B 216 -15.72 -24.85 -13.92
CA ALA B 216 -15.19 -25.39 -12.68
C ALA B 216 -13.72 -25.04 -12.56
N SER B 217 -13.35 -24.40 -11.46
CA SER B 217 -11.97 -23.97 -11.27
C SER B 217 -11.40 -24.38 -9.92
N MET B 218 -12.20 -24.40 -8.87
CA MET B 218 -11.70 -24.65 -7.53
C MET B 218 -11.55 -26.15 -7.28
N VAL B 219 -10.56 -26.51 -6.48
CA VAL B 219 -10.20 -27.90 -6.21
C VAL B 219 -10.27 -28.15 -4.71
N ILE B 220 -10.95 -29.22 -4.32
CA ILE B 220 -11.00 -29.67 -2.93
C ILE B 220 -10.55 -31.13 -2.93
N ALA B 221 -9.34 -31.39 -2.43
CA ALA B 221 -8.83 -32.74 -2.35
C ALA B 221 -9.25 -33.35 -1.01
N VAL B 222 -10.08 -34.38 -1.06
CA VAL B 222 -10.62 -35.00 0.16
C VAL B 222 -9.49 -35.73 0.87
N PRO B 223 -9.58 -35.93 2.19
CA PRO B 223 -8.49 -36.58 2.92
C PRO B 223 -8.39 -38.08 2.65
N GLU B 224 -7.50 -38.74 3.39
CA GLU B 224 -7.21 -40.17 3.16
C GLU B 224 -8.41 -41.09 3.25
N PRO B 225 -9.33 -40.97 4.23
CA PRO B 225 -10.39 -41.98 4.33
C PRO B 225 -11.23 -42.14 3.07
N PHE B 226 -11.48 -41.06 2.35
CA PHE B 226 -12.21 -41.17 1.08
C PHE B 226 -11.24 -41.35 -0.09
N GLY B 227 -10.32 -40.41 -0.26
CA GLY B 227 -9.40 -40.45 -1.38
C GLY B 227 -10.02 -39.87 -2.63
N GLY B 228 -9.30 -39.00 -3.31
CA GLY B 228 -9.79 -38.33 -4.50
C GLY B 228 -9.86 -36.83 -4.30
N ALA B 229 -10.38 -36.17 -5.34
CA ALA B 229 -10.48 -34.71 -5.36
C ALA B 229 -11.87 -34.30 -5.81
N ILE B 230 -12.33 -33.16 -5.32
CA ILE B 230 -13.61 -32.58 -5.69
C ILE B 230 -13.33 -31.30 -6.47
N ILE B 231 -13.87 -31.23 -7.69
CA ILE B 231 -13.64 -30.10 -8.58
C ILE B 231 -14.88 -29.22 -8.58
N ILE B 232 -14.69 -27.92 -8.34
CA ILE B 232 -15.78 -26.96 -8.30
C ILE B 232 -15.54 -25.85 -9.30
N GLU B 235 -22.48 -24.31 -11.45
CA GLU B 235 -23.51 -25.26 -11.02
C GLU B 235 -23.09 -26.69 -11.32
N SER B 236 -21.91 -27.07 -10.84
CA SER B 236 -21.40 -28.43 -11.06
C SER B 236 -20.35 -28.73 -10.01
N ILE B 237 -20.67 -29.66 -9.10
CA ILE B 237 -19.74 -30.13 -8.09
C ILE B 237 -19.58 -31.63 -8.31
N THR B 238 -18.41 -32.04 -8.77
CA THR B 238 -18.14 -33.43 -9.11
C THR B 238 -17.25 -34.07 -8.05
N TYR B 239 -16.88 -35.34 -8.29
CA TYR B 239 -15.95 -36.05 -7.43
C TYR B 239 -15.25 -37.08 -8.29
N HIS B 240 -13.95 -37.26 -8.11
CA HIS B 240 -13.17 -38.12 -8.99
C HIS B 240 -12.17 -38.92 -8.17
N ASN B 241 -12.18 -40.24 -8.36
CA ASN B 241 -11.21 -41.13 -7.71
C ASN B 241 -11.13 -42.39 -8.57
N GLY B 242 -10.08 -42.47 -9.39
CA GLY B 242 -9.93 -43.61 -10.28
C GLY B 242 -10.97 -43.65 -11.37
N ASP B 243 -11.90 -44.60 -11.27
CA ASP B 243 -12.97 -44.74 -12.26
C ASP B 243 -14.33 -44.31 -11.73
N LYS B 244 -14.51 -44.29 -10.41
CA LYS B 244 -15.80 -43.88 -9.85
C LYS B 244 -16.08 -42.42 -10.17
N TYR B 245 -17.32 -42.13 -10.57
CA TYR B 245 -17.70 -40.81 -11.05
C TYR B 245 -18.98 -40.36 -10.35
N LEU B 246 -19.03 -39.07 -10.04
CA LEU B 246 -20.22 -38.47 -9.45
C LEU B 246 -20.31 -37.02 -9.91
N ALA B 247 -21.53 -36.50 -9.97
CA ALA B 247 -21.75 -35.13 -10.41
C ALA B 247 -23.15 -34.70 -10.03
N ILE B 248 -23.28 -33.45 -9.58
CA ILE B 248 -24.57 -32.82 -9.31
C ILE B 248 -24.57 -31.43 -9.93
N ALA B 249 -25.76 -30.94 -10.25
CA ALA B 249 -25.94 -29.61 -10.84
C ALA B 249 -27.06 -28.88 -10.13
N PRO B 250 -26.79 -28.36 -8.92
CA PRO B 250 -27.82 -27.60 -8.19
C PRO B 250 -28.18 -26.33 -8.93
N PRO B 251 -29.41 -25.85 -8.77
CA PRO B 251 -29.81 -24.61 -9.45
C PRO B 251 -29.45 -23.35 -8.67
N ILE B 252 -29.34 -23.48 -7.35
CA ILE B 252 -29.04 -22.32 -6.51
C ILE B 252 -27.66 -21.77 -6.81
N ILE B 253 -26.68 -22.66 -7.01
CA ILE B 253 -25.31 -22.26 -7.25
C ILE B 253 -25.16 -21.44 -8.53
N LYS B 254 -26.04 -21.65 -9.50
CA LYS B 254 -25.92 -20.99 -10.80
C LYS B 254 -26.00 -19.47 -10.71
N GLN B 255 -26.49 -18.92 -9.58
CA GLN B 255 -26.65 -17.48 -9.47
C GLN B 255 -25.31 -16.75 -9.57
N SER B 256 -24.28 -17.27 -8.91
CA SER B 256 -22.98 -16.60 -8.86
C SER B 256 -21.89 -17.65 -8.73
N THR B 257 -20.68 -17.20 -8.41
CA THR B 257 -19.51 -18.06 -8.32
C THR B 257 -19.15 -18.33 -6.85
N ILE B 258 -18.19 -19.22 -6.66
CA ILE B 258 -17.70 -19.59 -5.34
C ILE B 258 -16.20 -19.33 -5.30
N VAL B 259 -15.74 -18.71 -4.22
CA VAL B 259 -14.34 -18.31 -4.11
C VAL B 259 -13.62 -18.93 -2.92
N CYS B 260 -14.30 -19.25 -1.82
CA CYS B 260 -13.64 -19.75 -0.62
C CYS B 260 -13.92 -21.25 -0.44
N HIS B 261 -12.93 -21.96 0.07
CA HIS B 261 -13.08 -23.38 0.36
C HIS B 261 -12.02 -23.81 1.37
N ASN B 262 -12.38 -24.77 2.22
CA ASN B 262 -11.45 -25.43 3.11
C ASN B 262 -12.16 -26.59 3.78
N ARG B 263 -11.40 -27.58 4.21
CA ARG B 263 -11.95 -28.73 4.90
C ARG B 263 -12.52 -28.31 6.25
N VAL B 264 -13.55 -29.03 6.70
CA VAL B 264 -14.23 -28.74 7.95
C VAL B 264 -13.85 -29.76 9.02
N ASP B 265 -13.98 -31.04 8.72
CA ASP B 265 -13.68 -32.13 9.64
C ASP B 265 -12.72 -33.10 8.99
N PRO B 266 -11.94 -33.83 9.78
CA PRO B 266 -11.08 -34.88 9.20
C PRO B 266 -11.86 -35.96 8.47
N ASN B 267 -13.10 -36.22 8.86
CA ASN B 267 -13.88 -37.26 8.19
C ASN B 267 -14.17 -36.90 6.74
N GLY B 268 -14.37 -35.62 6.44
CA GLY B 268 -14.70 -35.19 5.10
C GLY B 268 -16.18 -35.17 4.77
N SER B 269 -17.05 -35.16 5.79
CA SER B 269 -18.50 -35.18 5.59
C SER B 269 -19.11 -33.80 5.48
N ARG B 270 -18.29 -32.75 5.47
CA ARG B 270 -18.80 -31.38 5.44
C ARG B 270 -17.73 -30.47 4.87
N TYR B 271 -18.17 -29.44 4.15
CA TYR B 271 -17.25 -28.51 3.49
C TYR B 271 -17.90 -27.14 3.41
N LEU B 272 -17.06 -26.12 3.23
CA LEU B 272 -17.49 -24.74 3.16
C LEU B 272 -17.21 -24.16 1.78
N LEU B 273 -18.18 -23.43 1.24
CA LEU B 273 -18.04 -22.78 -0.05
C LEU B 273 -18.61 -21.37 0.04
N GLY B 274 -17.79 -20.37 -0.29
CA GLY B 274 -18.16 -18.98 -0.13
C GLY B 274 -18.51 -18.34 -1.46
N ASP B 275 -19.68 -17.72 -1.52
CA ASP B 275 -20.16 -17.06 -2.72
C ASP B 275 -19.72 -15.60 -2.76
N MET B 276 -19.61 -15.07 -3.97
CA MET B 276 -19.21 -13.67 -4.14
C MET B 276 -20.27 -12.70 -3.66
N GLU B 277 -21.51 -13.14 -3.49
CA GLU B 277 -22.61 -12.28 -3.09
C GLU B 277 -22.91 -12.37 -1.60
N GLY B 278 -21.92 -12.75 -0.80
CA GLY B 278 -22.12 -12.89 0.63
C GLY B 278 -23.11 -13.97 0.99
N ARG B 279 -23.03 -15.10 0.29
CA ARG B 279 -23.84 -16.27 0.58
C ARG B 279 -22.94 -17.40 1.06
N LEU B 280 -23.29 -17.98 2.19
CA LEU B 280 -22.50 -19.06 2.80
C LEU B 280 -23.14 -20.38 2.41
N PHE B 281 -22.58 -21.04 1.38
CA PHE B 281 -23.02 -22.35 0.98
C PHE B 281 -22.46 -23.38 1.96
N MET B 282 -22.88 -24.64 1.80
CA MET B 282 -22.49 -25.68 2.76
C MET B 282 -22.55 -27.02 2.04
N LEU B 283 -21.39 -27.52 1.62
CA LEU B 283 -21.33 -28.76 0.87
C LEU B 283 -21.39 -29.97 1.82
N LEU B 284 -22.20 -30.96 1.45
CA LEU B 284 -22.36 -32.17 2.23
C LEU B 284 -22.01 -33.39 1.40
N LEU B 285 -21.57 -34.44 2.07
CA LEU B 285 -21.28 -35.72 1.43
C LEU B 285 -21.77 -36.85 2.35
N GLU B 286 -22.34 -37.89 1.74
CA GLU B 286 -22.87 -39.03 2.45
C GLU B 286 -21.94 -40.22 2.27
N LYS B 287 -21.59 -40.87 3.37
CA LYS B 287 -20.68 -42.02 3.34
C LYS B 287 -21.26 -43.17 2.52
N VAL B 295 -13.80 -46.71 1.16
CA VAL B 295 -15.22 -46.80 0.85
C VAL B 295 -15.58 -45.83 -0.27
N THR B 296 -16.77 -46.00 -0.82
CA THR B 296 -17.27 -45.16 -1.90
C THR B 296 -18.56 -44.48 -1.47
N LEU B 297 -18.64 -43.17 -1.71
CA LEU B 297 -19.82 -42.40 -1.36
C LEU B 297 -20.92 -42.64 -2.39
N LYS B 298 -22.13 -42.15 -2.07
CA LYS B 298 -23.31 -42.37 -2.90
C LYS B 298 -23.58 -41.18 -3.82
N ASP B 299 -23.76 -39.99 -3.25
CA ASP B 299 -24.14 -38.82 -4.03
C ASP B 299 -23.75 -37.56 -3.26
N LEU B 300 -23.84 -36.43 -3.97
CA LEU B 300 -23.48 -35.13 -3.42
C LEU B 300 -24.74 -34.35 -3.06
N ARG B 301 -24.54 -33.25 -2.34
CA ARG B 301 -25.65 -32.41 -1.92
C ARG B 301 -25.11 -31.02 -1.60
N VAL B 302 -25.99 -30.02 -1.72
CA VAL B 302 -25.63 -28.64 -1.44
C VAL B 302 -26.64 -28.05 -0.47
N GLU B 303 -26.20 -27.06 0.30
CA GLU B 303 -27.05 -26.41 1.28
C GLU B 303 -26.76 -24.91 1.28
N LEU B 304 -27.74 -24.14 1.79
CA LEU B 304 -27.59 -22.72 1.99
C LEU B 304 -27.91 -22.40 3.44
N LEU B 305 -27.02 -21.65 4.10
CA LEU B 305 -27.19 -21.35 5.51
C LEU B 305 -27.36 -19.85 5.72
N THR B 308 -24.08 -13.36 5.31
CA THR B 308 -22.74 -12.95 5.71
C THR B 308 -22.17 -11.90 4.77
N SER B 309 -21.08 -11.27 5.20
CA SER B 309 -20.38 -10.33 4.34
C SER B 309 -19.58 -11.09 3.29
N ILE B 310 -18.90 -10.35 2.42
CA ILE B 310 -18.09 -10.97 1.39
C ILE B 310 -16.86 -11.60 2.04
N ALA B 311 -16.46 -12.77 1.52
CA ALA B 311 -15.33 -13.51 2.04
C ALA B 311 -14.27 -13.66 0.97
N GLU B 312 -13.01 -13.41 1.35
CA GLU B 312 -11.88 -13.64 0.47
C GLU B 312 -11.15 -14.94 0.78
N CYS B 313 -11.04 -15.30 2.07
CA CYS B 313 -10.45 -16.57 2.45
C CYS B 313 -11.13 -17.04 3.72
N LEU B 314 -11.91 -18.12 3.60
CA LEU B 314 -12.60 -18.67 4.76
C LEU B 314 -11.67 -19.60 5.53
N THR B 315 -11.93 -19.70 6.84
CA THR B 315 -11.13 -20.58 7.69
C THR B 315 -12.01 -21.01 8.86
N TYR B 316 -12.52 -22.24 8.80
CA TYR B 316 -13.33 -22.78 9.88
C TYR B 316 -12.44 -23.00 11.10
N LEU B 317 -12.67 -22.22 12.16
CA LEU B 317 -11.80 -22.30 13.33
C LEU B 317 -12.18 -23.48 14.21
N ASP B 318 -13.38 -23.45 14.79
CA ASP B 318 -13.86 -24.52 15.67
C ASP B 318 -15.28 -24.18 16.10
N ASN B 319 -16.00 -25.21 16.54
CA ASN B 319 -17.32 -25.12 17.15
C ASN B 319 -18.20 -24.05 16.50
N GLY B 320 -18.25 -24.09 15.17
CA GLY B 320 -19.10 -23.20 14.42
C GLY B 320 -18.57 -21.79 14.23
N VAL B 321 -17.37 -21.50 14.71
CA VAL B 321 -16.76 -20.19 14.52
C VAL B 321 -16.02 -20.18 13.19
N VAL B 322 -16.43 -19.31 12.29
CA VAL B 322 -15.88 -19.24 10.94
C VAL B 322 -15.39 -17.81 10.72
N PHE B 323 -14.09 -17.66 10.45
CA PHE B 323 -13.52 -16.34 10.21
C PHE B 323 -13.77 -15.96 8.76
N VAL B 324 -14.54 -14.89 8.54
CA VAL B 324 -14.85 -14.40 7.20
C VAL B 324 -13.85 -13.30 6.91
N GLY B 325 -12.71 -13.67 6.32
CA GLY B 325 -11.70 -12.70 5.95
C GLY B 325 -12.11 -11.98 4.67
N SER B 326 -12.23 -10.67 4.76
CA SER B 326 -12.72 -9.85 3.64
C SER B 326 -11.63 -8.88 3.22
N ARG B 327 -11.21 -8.99 1.96
CA ARG B 327 -10.38 -7.97 1.35
C ARG B 327 -11.21 -6.86 0.70
N LEU B 328 -12.53 -7.04 0.62
CA LEU B 328 -13.42 -6.04 0.05
C LEU B 328 -14.07 -5.14 1.09
N GLY B 329 -14.21 -5.61 2.33
CA GLY B 329 -14.82 -4.81 3.34
C GLY B 329 -14.40 -5.25 4.73
N ASP B 330 -15.23 -4.89 5.71
CA ASP B 330 -14.98 -5.26 7.10
C ASP B 330 -15.03 -6.77 7.27
N SER B 331 -13.90 -7.39 7.58
CA SER B 331 -13.87 -8.82 7.82
C SER B 331 -14.68 -9.16 9.06
N GLN B 332 -15.45 -10.24 8.98
CA GLN B 332 -16.38 -10.61 10.04
C GLN B 332 -15.91 -11.88 10.74
N LEU B 333 -16.61 -12.20 11.83
CA LEU B 333 -16.43 -13.43 12.59
C LEU B 333 -17.83 -13.99 12.83
N VAL B 334 -18.32 -14.78 11.89
CA VAL B 334 -19.69 -15.25 11.91
C VAL B 334 -19.79 -16.52 12.73
N LYS B 335 -21.02 -16.88 13.09
CA LYS B 335 -21.33 -18.10 13.80
C LYS B 335 -22.40 -18.87 13.05
N LEU B 336 -22.24 -20.19 12.97
CA LEU B 336 -23.17 -21.06 12.26
C LEU B 336 -23.92 -21.89 13.30
N ASN B 337 -25.11 -21.43 13.67
CA ASN B 337 -25.93 -22.13 14.65
C ASN B 337 -26.72 -23.24 13.97
N VAL B 338 -26.84 -24.37 14.65
CA VAL B 338 -27.57 -25.50 14.10
C VAL B 338 -29.07 -25.20 14.04
N ASP B 339 -29.60 -24.50 15.04
CA ASP B 339 -31.02 -24.22 15.12
C ASP B 339 -31.44 -23.13 14.13
N GLN B 343 -35.89 -16.26 11.81
CA GLN B 343 -35.95 -16.35 10.36
C GLN B 343 -35.51 -17.73 9.89
N GLY B 344 -34.98 -18.52 10.82
CA GLY B 344 -34.54 -19.86 10.48
C GLY B 344 -33.24 -19.92 9.70
N SER B 345 -32.45 -18.86 9.73
CA SER B 345 -31.16 -18.83 9.06
C SER B 345 -30.05 -19.22 10.04
N TYR B 346 -28.87 -19.49 9.49
CA TYR B 346 -27.75 -19.98 10.27
C TYR B 346 -26.48 -19.17 10.04
N VAL B 347 -26.64 -17.88 9.73
CA VAL B 347 -25.51 -16.97 9.54
C VAL B 347 -25.75 -15.78 10.46
N VAL B 348 -25.06 -15.77 11.60
CA VAL B 348 -25.18 -14.68 12.58
C VAL B 348 -23.79 -14.13 12.84
N ALA B 349 -23.67 -12.80 12.79
CA ALA B 349 -22.38 -12.15 13.01
C ALA B 349 -22.16 -11.88 14.49
N MET B 350 -20.92 -12.07 14.94
CA MET B 350 -20.54 -11.82 16.31
C MET B 350 -19.52 -10.69 16.41
N GLU B 351 -18.63 -10.59 15.44
CA GLU B 351 -17.57 -9.60 15.43
C GLU B 351 -17.46 -8.97 14.06
N THR B 352 -17.09 -7.69 14.04
CA THR B 352 -16.93 -6.96 12.79
C THR B 352 -15.72 -6.04 12.95
N PHE B 353 -14.64 -6.34 12.22
CA PHE B 353 -13.43 -5.53 12.31
C PHE B 353 -13.61 -4.20 11.59
N THR B 354 -12.84 -3.21 12.02
CA THR B 354 -12.88 -1.87 11.44
C THR B 354 -11.91 -1.71 10.28
N ASN B 355 -11.65 -2.79 9.54
CA ASN B 355 -10.60 -2.79 8.54
C ASN B 355 -10.97 -1.94 7.33
N LEU B 356 -10.43 -0.73 7.28
CA LEU B 356 -10.54 0.10 6.09
C LEU B 356 -9.79 -0.55 4.95
N GLY B 357 -10.50 -1.04 3.95
CA GLY B 357 -9.87 -1.76 2.86
C GLY B 357 -9.68 -0.87 1.65
N PRO B 358 -10.54 -1.01 0.68
CA PRO B 358 -10.39 -0.27 -0.58
C PRO B 358 -10.61 1.22 -0.40
N ILE B 359 -9.61 1.94 0.12
CA ILE B 359 -9.73 3.39 0.27
C ILE B 359 -9.66 3.99 -1.12
N VAL B 360 -10.83 4.32 -1.68
CA VAL B 360 -10.87 4.75 -3.07
C VAL B 360 -10.43 6.20 -3.21
N ASP B 361 -10.82 7.05 -2.25
CA ASP B 361 -10.34 8.42 -2.19
C ASP B 361 -10.72 8.99 -0.82
N MET B 362 -10.26 10.21 -0.56
CA MET B 362 -10.56 10.90 0.69
C MET B 362 -10.26 12.38 0.49
N CYS B 363 -10.65 13.18 1.48
CA CYS B 363 -10.36 14.61 1.46
C CYS B 363 -10.24 15.11 2.89
N VAL B 364 -9.57 16.25 3.04
CA VAL B 364 -9.30 16.84 4.34
C VAL B 364 -10.31 17.97 4.57
N VAL B 365 -11.06 17.87 5.66
CA VAL B 365 -12.08 18.85 6.00
C VAL B 365 -11.91 19.27 7.45
N ASP B 366 -12.09 20.56 7.71
CA ASP B 366 -12.11 21.11 9.05
C ASP B 366 -13.55 21.44 9.40
N LEU B 367 -14.24 20.48 10.02
CA LEU B 367 -15.66 20.66 10.32
C LEU B 367 -15.89 21.78 11.33
N GLU B 368 -15.05 21.85 12.36
CA GLU B 368 -15.22 22.83 13.43
C GLU B 368 -14.49 24.14 13.15
N ARG B 369 -13.89 24.29 11.97
CA ARG B 369 -13.15 25.49 11.61
C ARG B 369 -12.03 25.77 12.60
N GLN B 370 -11.38 24.72 13.05
CA GLN B 370 -10.27 24.80 13.99
C GLN B 370 -8.97 24.48 13.26
N GLY B 371 -7.87 24.42 14.03
CA GLY B 371 -6.58 24.13 13.42
C GLY B 371 -6.49 22.72 12.87
N GLN B 372 -6.99 21.74 13.61
CA GLN B 372 -6.90 20.36 13.18
C GLN B 372 -7.86 20.08 12.03
N GLY B 373 -7.51 19.07 11.23
CA GLY B 373 -8.33 18.64 10.12
C GLY B 373 -8.86 17.23 10.33
N GLN B 374 -9.71 16.81 9.39
CA GLN B 374 -10.34 15.50 9.45
C GLN B 374 -10.29 14.84 8.09
N LEU B 375 -10.32 13.51 8.08
CA LEU B 375 -10.36 12.72 6.87
C LEU B 375 -11.67 11.95 6.78
N VAL B 376 -12.30 12.01 5.61
CA VAL B 376 -13.50 11.23 5.32
C VAL B 376 -13.17 10.27 4.19
N THR B 377 -13.29 8.98 4.45
CA THR B 377 -12.90 7.95 3.50
C THR B 377 -14.13 7.26 2.95
N CYS B 378 -13.94 6.56 1.82
CA CYS B 378 -14.97 5.75 1.20
C CYS B 378 -14.44 4.33 1.14
N SER B 379 -14.65 3.57 2.21
CA SER B 379 -14.17 2.20 2.33
C SER B 379 -15.24 1.20 1.91
N GLY B 380 -14.80 0.00 1.60
CA GLY B 380 -15.73 -1.03 1.17
C GLY B 380 -16.19 -0.82 -0.27
N ALA B 381 -17.09 -1.69 -0.69
CA ALA B 381 -17.65 -1.66 -2.04
C ALA B 381 -18.90 -2.51 -2.07
N PHE B 382 -19.64 -2.41 -3.18
CA PHE B 382 -20.86 -3.18 -3.43
C PHE B 382 -21.79 -3.20 -2.22
N LYS B 383 -21.46 -4.01 -1.22
CA LYS B 383 -22.29 -4.11 -0.03
C LYS B 383 -21.44 -4.29 1.22
N SER B 386 -20.61 3.40 3.10
CA SER B 386 -19.24 3.13 2.69
C SER B 386 -18.31 4.21 3.20
N LEU B 387 -18.87 5.21 3.88
CA LEU B 387 -18.10 6.33 4.39
C LEU B 387 -17.60 6.05 5.80
N ARG B 388 -16.39 6.51 6.09
CA ARG B 388 -15.83 6.44 7.43
C ARG B 388 -15.08 7.73 7.70
N ILE B 389 -15.00 8.10 8.98
CA ILE B 389 -14.44 9.38 9.40
C ILE B 389 -13.10 9.10 10.08
N ILE B 390 -12.05 9.77 9.62
CA ILE B 390 -10.71 9.59 10.16
C ILE B 390 -10.26 10.89 10.80
N ARG B 391 -9.90 10.84 12.09
CA ARG B 391 -9.33 11.97 12.79
C ARG B 391 -8.02 11.57 13.45
N ASN B 392 -7.43 12.47 14.24
CA ASN B 392 -6.16 12.17 14.90
C ASN B 392 -6.18 12.38 16.41
N GLY B 393 -7.15 13.11 16.96
CA GLY B 393 -7.18 13.37 18.38
C GLY B 393 -7.56 12.15 19.20
N ILE B 394 -7.37 12.26 20.51
CA ILE B 394 -7.71 11.17 21.41
C ILE B 394 -9.22 11.12 21.58
N GLY B 395 -9.81 9.95 21.36
CA GLY B 395 -11.24 9.80 21.48
C GLY B 395 -11.68 9.41 22.88
N ILE B 396 -12.93 9.76 23.18
CA ILE B 396 -13.53 9.47 24.48
C ILE B 396 -14.84 8.74 24.26
N HIS B 397 -15.02 7.64 24.98
CA HIS B 397 -16.23 6.82 24.90
C HIS B 397 -17.18 7.25 26.02
N GLU B 398 -18.29 7.87 25.64
CA GLU B 398 -19.25 8.35 26.63
C GLU B 398 -19.89 7.18 27.37
N HIS B 399 -20.04 7.34 28.68
CA HIS B 399 -20.65 6.34 29.54
C HIS B 399 -21.97 6.79 30.13
N ALA B 400 -22.00 7.95 30.78
CA ALA B 400 -23.21 8.49 31.38
C ALA B 400 -23.43 9.91 30.87
N SER B 401 -24.69 10.23 30.58
CA SER B 401 -25.08 11.53 30.07
C SER B 401 -26.11 12.16 31.00
N ILE B 402 -25.89 13.41 31.37
CA ILE B 402 -26.80 14.16 32.23
C ILE B 402 -27.17 15.45 31.53
N ASP B 403 -28.48 15.73 31.45
CA ASP B 403 -28.98 16.94 30.81
C ASP B 403 -29.02 18.05 31.85
N LEU B 404 -27.84 18.61 32.14
CA LEU B 404 -27.68 19.66 33.13
C LEU B 404 -27.32 20.97 32.46
N PRO B 405 -27.62 22.10 33.11
CA PRO B 405 -27.29 23.41 32.51
C PRO B 405 -25.81 23.72 32.62
N GLY B 406 -25.43 24.93 32.22
CA GLY B 406 -24.04 25.35 32.27
C GLY B 406 -23.44 25.31 33.66
N ILE B 407 -22.23 24.77 33.77
CA ILE B 407 -21.53 24.63 35.04
C ILE B 407 -20.29 25.51 35.01
N LYS B 408 -20.05 26.22 36.11
CA LYS B 408 -18.90 27.12 36.21
C LYS B 408 -17.62 26.41 36.60
N GLY B 409 -17.69 25.11 36.90
CA GLY B 409 -16.49 24.38 37.27
C GLY B 409 -16.83 22.93 37.56
N LEU B 410 -15.79 22.13 37.71
CA LEU B 410 -15.93 20.71 38.00
C LEU B 410 -14.71 20.24 38.76
N TRP B 411 -14.93 19.48 39.84
CA TRP B 411 -13.85 18.96 40.65
C TRP B 411 -14.33 17.75 41.42
N PRO B 412 -13.62 16.63 41.37
CA PRO B 412 -14.04 15.45 42.14
C PRO B 412 -13.93 15.70 43.63
N LEU B 413 -14.80 15.04 44.38
CA LEU B 413 -14.85 15.15 45.83
C LEU B 413 -14.80 13.77 46.45
N ARG B 414 -14.00 13.62 47.51
CA ARG B 414 -13.85 12.35 48.22
C ARG B 414 -14.65 12.45 49.51
N SER B 415 -15.95 12.15 49.42
CA SER B 415 -16.81 12.18 50.59
C SER B 415 -16.56 11.03 51.55
N ASP B 416 -15.82 10.00 51.11
CA ASP B 416 -15.51 8.86 51.95
C ASP B 416 -14.15 9.06 52.61
N PRO B 417 -13.70 8.14 53.46
CA PRO B 417 -12.39 8.31 54.10
C PRO B 417 -11.24 8.09 53.13
N ASN B 418 -10.02 8.12 53.65
CA ASN B 418 -8.83 7.97 52.80
C ASN B 418 -8.67 6.54 52.34
N ARG B 419 -9.60 6.06 51.51
CA ARG B 419 -9.56 4.71 50.96
C ARG B 419 -9.53 4.74 49.43
N GLU B 420 -8.90 5.77 48.87
CA GLU B 420 -8.78 5.95 47.42
C GLU B 420 -10.14 6.15 46.76
N THR B 421 -10.15 6.41 45.46
CA THR B 421 -11.37 6.60 44.67
C THR B 421 -12.19 7.77 45.18
N ASP B 422 -13.41 7.91 44.66
CA ASP B 422 -14.31 8.98 45.09
C ASP B 422 -15.74 8.51 44.93
N ASP B 423 -16.65 9.18 45.64
CA ASP B 423 -18.06 8.83 45.58
C ASP B 423 -18.97 10.06 45.53
N THR B 424 -18.41 11.23 45.22
CA THR B 424 -19.19 12.46 45.18
C THR B 424 -18.62 13.39 44.12
N LEU B 425 -19.51 14.11 43.44
CA LEU B 425 -19.12 15.08 42.42
C LEU B 425 -19.71 16.44 42.79
N VAL B 426 -18.90 17.49 42.63
CA VAL B 426 -19.30 18.85 42.95
C VAL B 426 -19.44 19.63 41.66
N LEU B 427 -20.63 20.18 41.43
CA LEU B 427 -20.92 21.00 40.26
C LEU B 427 -21.24 22.42 40.70
N SER B 428 -20.55 23.39 40.11
CA SER B 428 -20.71 24.79 40.45
C SER B 428 -21.48 25.50 39.35
N PHE B 429 -22.58 26.15 39.72
CA PHE B 429 -23.38 26.92 38.79
C PHE B 429 -22.89 28.37 38.78
N VAL B 430 -23.68 29.26 38.18
CA VAL B 430 -23.31 30.67 38.14
C VAL B 430 -23.27 31.25 39.54
N GLY B 431 -24.27 30.92 40.37
CA GLY B 431 -24.31 31.40 41.73
C GLY B 431 -24.73 30.34 42.73
N GLN B 432 -24.68 29.08 42.32
CA GLN B 432 -25.07 27.97 43.17
C GLN B 432 -24.06 26.84 43.02
N THR B 433 -24.03 25.96 44.03
CA THR B 433 -23.14 24.81 44.04
C THR B 433 -23.98 23.57 44.32
N ARG B 434 -24.17 22.73 43.32
CA ARG B 434 -24.95 21.51 43.44
C ARG B 434 -24.00 20.33 43.62
N VAL B 435 -24.11 19.65 44.76
CA VAL B 435 -23.29 18.49 45.05
C VAL B 435 -24.00 17.24 44.56
N LEU B 436 -23.29 16.41 43.81
CA LEU B 436 -23.85 15.19 43.24
C LEU B 436 -23.20 13.96 43.86
N MET B 437 -24.02 12.93 44.08
CA MET B 437 -23.55 11.66 44.63
C MET B 437 -23.67 10.59 43.57
N LEU B 438 -22.62 9.77 43.45
CA LEU B 438 -22.54 8.70 42.44
C LEU B 438 -22.36 7.38 43.16
N ASN B 439 -23.47 6.70 43.45
CA ASN B 439 -23.44 5.37 44.07
C ASN B 439 -23.40 4.29 42.99
N GLY B 440 -22.36 4.38 42.15
CA GLY B 440 -22.22 3.47 41.03
C GLY B 440 -22.42 4.18 39.71
N GLU B 441 -23.36 3.69 38.90
CA GLU B 441 -23.69 4.32 37.63
C GLU B 441 -24.75 5.40 37.76
N GLU B 442 -25.36 5.55 38.93
CA GLU B 442 -26.37 6.57 39.13
C GLU B 442 -25.74 7.94 39.32
N VAL B 443 -26.47 8.98 38.92
CA VAL B 443 -26.04 10.37 39.06
C VAL B 443 -27.14 11.11 39.80
N GLU B 444 -27.02 11.18 41.13
CA GLU B 444 -28.00 11.84 41.98
C GLU B 444 -27.36 13.05 42.65
N GLU B 445 -28.07 14.17 42.64
CA GLU B 445 -27.59 15.42 43.22
C GLU B 445 -27.96 15.42 44.70
N THR B 446 -26.99 15.13 45.56
CA THR B 446 -27.18 15.11 47.00
C THR B 446 -26.15 16.03 47.64
N GLU B 447 -26.62 17.02 48.40
CA GLU B 447 -25.75 17.99 49.04
C GLU B 447 -25.31 17.49 50.41
N LEU B 448 -24.05 17.76 50.74
CA LEU B 448 -23.48 17.40 52.03
C LEU B 448 -23.60 18.58 53.00
N MET B 449 -23.78 18.25 54.28
CA MET B 449 -23.94 19.27 55.31
C MET B 449 -22.59 19.79 55.78
N GLY B 450 -21.75 20.21 54.85
CA GLY B 450 -20.46 20.78 55.19
C GLY B 450 -20.08 21.95 54.32
N PHE B 451 -20.97 22.33 53.40
CA PHE B 451 -20.74 23.43 52.49
C PHE B 451 -22.05 24.16 52.24
N VAL B 452 -21.97 25.23 51.44
CA VAL B 452 -23.14 26.05 51.09
C VAL B 452 -23.51 25.74 49.65
N ASP B 453 -24.77 25.34 49.44
CA ASP B 453 -25.26 25.01 48.11
C ASP B 453 -25.77 26.23 47.34
N ASP B 454 -25.90 27.38 47.98
CA ASP B 454 -26.38 28.59 47.34
C ASP B 454 -25.26 29.59 47.06
N GLN B 455 -24.00 29.16 47.18
CA GLN B 455 -22.85 30.02 46.94
C GLN B 455 -21.88 29.31 46.02
N GLN B 456 -21.34 30.06 45.06
CA GLN B 456 -20.37 29.50 44.12
C GLN B 456 -19.08 29.15 44.85
N THR B 457 -18.56 27.95 44.59
CA THR B 457 -17.34 27.46 45.22
C THR B 457 -16.27 27.28 44.16
N PHE B 458 -15.09 27.86 44.42
CA PHE B 458 -13.97 27.73 43.49
C PHE B 458 -13.18 26.44 43.70
N PHE B 459 -13.39 25.74 44.81
CA PHE B 459 -12.69 24.50 45.08
C PHE B 459 -13.48 23.71 46.12
N CYS B 460 -13.73 22.43 45.84
CA CYS B 460 -14.48 21.56 46.73
C CYS B 460 -13.76 20.24 46.92
N GLY B 461 -12.42 20.28 46.95
CA GLY B 461 -11.63 19.08 47.13
C GLY B 461 -11.25 18.83 48.57
N ASN B 462 -10.45 17.78 48.76
CA ASN B 462 -9.96 17.39 50.08
C ASN B 462 -8.46 17.65 50.15
N VAL B 463 -8.01 18.08 51.33
CA VAL B 463 -6.61 18.44 51.53
C VAL B 463 -5.91 17.38 52.38
N ALA B 464 -6.38 17.22 53.62
CA ALA B 464 -5.78 16.28 54.57
C ALA B 464 -6.69 16.19 55.78
N HIS B 465 -6.31 15.31 56.72
CA HIS B 465 -7.01 15.15 58.00
C HIS B 465 -8.48 14.75 57.78
N GLN B 466 -8.73 14.00 56.70
CA GLN B 466 -10.07 13.53 56.36
C GLN B 466 -11.06 14.69 56.30
N GLN B 467 -10.62 15.79 55.69
CA GLN B 467 -11.43 16.99 55.58
C GLN B 467 -11.51 17.42 54.12
N LEU B 468 -12.66 17.95 53.74
CA LEU B 468 -12.92 18.44 52.38
C LEU B 468 -12.91 19.96 52.42
N ILE B 469 -11.94 20.56 51.73
CA ILE B 469 -11.82 22.01 51.70
C ILE B 469 -12.83 22.57 50.70
N GLN B 470 -13.67 23.48 51.16
CA GLN B 470 -14.69 24.12 50.34
C GLN B 470 -14.33 25.60 50.21
N ILE B 471 -13.52 25.91 49.20
CA ILE B 471 -13.09 27.28 48.95
C ILE B 471 -14.16 27.94 48.08
N THR B 472 -14.97 28.79 48.68
CA THR B 472 -16.05 29.49 47.99
C THR B 472 -15.68 30.95 47.79
N SER B 473 -16.49 31.62 46.95
CA SER B 473 -16.27 33.04 46.69
C SER B 473 -16.52 33.89 47.92
N ALA B 474 -17.34 33.42 48.86
CA ALA B 474 -17.62 34.18 50.07
C ALA B 474 -16.59 33.91 51.17
N SER B 475 -16.36 32.64 51.49
CA SER B 475 -15.41 32.28 52.54
C SER B 475 -14.93 30.86 52.31
N VAL B 476 -13.65 30.62 52.59
CA VAL B 476 -13.09 29.28 52.46
C VAL B 476 -13.55 28.43 53.64
N ARG B 477 -14.10 27.26 53.34
CA ARG B 477 -14.63 26.35 54.35
C ARG B 477 -13.87 25.03 54.33
N LEU B 478 -13.78 24.41 55.50
CA LEU B 478 -13.11 23.11 55.65
C LEU B 478 -14.06 22.19 56.41
N VAL B 479 -14.61 21.20 55.73
CA VAL B 479 -15.57 20.27 56.31
C VAL B 479 -14.93 18.89 56.39
N SER B 480 -14.93 18.31 57.58
CA SER B 480 -14.37 16.98 57.77
C SER B 480 -15.25 15.94 57.08
N GLN B 481 -14.59 14.97 56.42
CA GLN B 481 -15.31 13.91 55.74
C GLN B 481 -16.02 13.00 56.72
N GLU B 482 -15.36 12.66 57.84
CA GLU B 482 -16.00 11.79 58.83
C GLU B 482 -17.11 12.52 59.57
N PRO B 483 -16.87 13.66 60.22
CA PRO B 483 -17.97 14.36 60.91
C PRO B 483 -19.04 14.88 59.96
N LYS B 484 -18.73 15.03 58.67
CA LYS B 484 -19.68 15.56 57.68
C LYS B 484 -20.21 16.93 58.09
N ALA B 485 -19.31 17.74 58.64
CA ALA B 485 -19.66 19.09 59.06
C ALA B 485 -18.43 19.98 58.96
N LEU B 486 -18.68 21.28 58.89
CA LEU B 486 -17.59 22.26 58.76
C LEU B 486 -16.80 22.33 60.06
N VAL B 487 -15.48 22.25 59.95
CA VAL B 487 -14.59 22.33 61.10
C VAL B 487 -14.07 23.75 61.31
N SER B 488 -13.74 24.45 60.22
CA SER B 488 -13.26 25.82 60.32
C SER B 488 -13.65 26.57 59.05
N GLU B 489 -13.67 27.89 59.15
CA GLU B 489 -14.04 28.74 58.02
C GLU B 489 -13.19 29.99 58.06
N TRP B 490 -12.37 30.20 57.03
CA TRP B 490 -11.50 31.36 56.94
C TRP B 490 -12.06 32.34 55.92
N LYS B 491 -12.24 33.59 56.34
CA LYS B 491 -12.77 34.64 55.47
C LYS B 491 -11.92 35.89 55.62
N GLU B 492 -11.81 36.63 54.53
CA GLU B 492 -11.06 37.88 54.56
C GLU B 492 -11.80 38.90 55.44
N PRO B 493 -11.07 39.68 56.24
CA PRO B 493 -11.70 40.67 57.13
C PRO B 493 -12.06 41.98 56.43
N GLN B 494 -12.67 41.86 55.25
CA GLN B 494 -13.11 43.04 54.50
C GLN B 494 -14.47 42.87 53.84
N ALA B 495 -15.17 41.74 54.09
CA ALA B 495 -16.47 41.48 53.48
C ALA B 495 -16.42 41.55 51.96
N LYS B 496 -15.33 41.07 51.37
CA LYS B 496 -15.13 41.09 49.93
C LYS B 496 -15.17 39.68 49.38
N ASN B 497 -15.80 39.52 48.21
CA ASN B 497 -15.88 38.21 47.58
C ASN B 497 -14.51 37.76 47.10
N ILE B 498 -14.26 36.46 47.21
CA ILE B 498 -12.99 35.89 46.78
C ILE B 498 -13.04 35.69 45.27
N SER B 499 -12.04 36.25 44.57
CA SER B 499 -12.00 36.16 43.11
C SER B 499 -11.24 34.93 42.63
N VAL B 500 -10.00 34.75 43.11
CA VAL B 500 -9.16 33.64 42.70
C VAL B 500 -8.69 32.90 43.94
N ALA B 501 -8.80 31.57 43.93
CA ALA B 501 -8.37 30.73 45.04
C ALA B 501 -7.53 29.58 44.50
N SER B 502 -6.61 29.10 45.32
CA SER B 502 -5.73 27.99 44.94
C SER B 502 -5.30 27.24 46.18
N CYS B 503 -5.49 25.92 46.16
CA CYS B 503 -5.11 25.06 47.28
C CYS B 503 -4.97 23.64 46.76
N ASN B 504 -3.76 23.08 46.83
CA ASN B 504 -3.51 21.76 46.24
C ASN B 504 -3.68 20.64 47.27
N SER B 505 -2.81 20.60 48.28
CA SER B 505 -2.93 19.57 49.31
C SER B 505 -2.71 20.05 50.74
N SER B 506 -1.95 21.12 50.98
CA SER B 506 -1.65 21.52 52.35
C SER B 506 -1.65 23.02 52.58
N GLN B 507 -1.84 23.84 51.55
CA GLN B 507 -1.83 25.28 51.70
C GLN B 507 -2.86 25.89 50.76
N VAL B 508 -3.41 27.03 51.16
CA VAL B 508 -4.43 27.74 50.40
C VAL B 508 -3.87 29.10 49.99
N VAL B 509 -3.93 29.39 48.70
CA VAL B 509 -3.46 30.67 48.16
C VAL B 509 -4.64 31.30 47.45
N VAL B 510 -5.39 32.14 48.17
CA VAL B 510 -6.55 32.80 47.62
C VAL B 510 -6.21 34.27 47.39
N ALA B 511 -6.86 34.86 46.38
CA ALA B 511 -6.66 36.26 46.03
C ALA B 511 -8.01 36.96 46.03
N VAL B 512 -8.12 38.04 46.80
CA VAL B 512 -9.34 38.83 46.90
C VAL B 512 -8.99 40.23 46.41
N GLY B 513 -9.54 40.62 45.26
CA GLY B 513 -9.21 41.91 44.69
C GLY B 513 -7.75 41.98 44.31
N ARG B 514 -7.08 43.04 44.77
CA ARG B 514 -5.66 43.23 44.52
C ARG B 514 -4.77 42.64 45.59
N ALA B 515 -5.35 42.01 46.62
CA ALA B 515 -4.60 41.42 47.71
C ALA B 515 -4.78 39.92 47.73
N LEU B 516 -3.73 39.22 48.14
CA LEU B 516 -3.73 37.75 48.23
C LEU B 516 -3.35 37.33 49.64
N TYR B 517 -3.99 36.26 50.12
CA TYR B 517 -3.75 35.73 51.45
C TYR B 517 -3.39 34.26 51.35
N TYR B 518 -2.41 33.83 52.14
CA TYR B 518 -1.95 32.45 52.17
C TYR B 518 -2.44 31.79 53.45
N LEU B 519 -3.12 30.67 53.32
CA LEU B 519 -3.65 29.92 54.45
C LEU B 519 -3.11 28.50 54.43
N GLN B 520 -2.81 27.97 55.61
CA GLN B 520 -2.29 26.63 55.76
C GLN B 520 -3.41 25.67 56.11
N ILE B 521 -3.35 24.46 55.54
CA ILE B 521 -4.37 23.43 55.81
C ILE B 521 -3.92 22.68 57.04
N HIS B 522 -4.29 23.21 58.20
CA HIS B 522 -3.96 22.62 59.48
C HIS B 522 -5.03 21.62 59.89
N PRO B 523 -4.82 20.90 60.99
CA PRO B 523 -5.81 19.91 61.42
C PRO B 523 -7.08 20.54 61.97
N GLN B 524 -8.16 20.48 61.20
CA GLN B 524 -9.47 21.01 61.59
C GLN B 524 -9.39 22.51 61.91
N GLU B 525 -8.49 23.23 61.25
CA GLU B 525 -8.34 24.66 61.49
C GLU B 525 -7.63 25.28 60.30
N LEU B 526 -7.98 26.53 60.02
CA LEU B 526 -7.35 27.32 58.96
C LEU B 526 -6.60 28.47 59.58
N ARG B 527 -5.32 28.61 59.22
CA ARG B 527 -4.46 29.66 59.76
C ARG B 527 -3.83 30.42 58.60
N GLN B 528 -4.00 31.73 58.60
CA GLN B 528 -3.38 32.56 57.57
C GLN B 528 -1.88 32.60 57.77
N ILE B 529 -1.13 32.55 56.66
CA ILE B 529 0.32 32.53 56.71
C ILE B 529 0.96 33.73 56.03
N SER B 530 0.32 34.35 55.06
CA SER B 530 0.89 35.50 54.37
C SER B 530 -0.22 36.40 53.86
N HIS B 531 0.14 37.64 53.60
CA HIS B 531 -0.81 38.63 53.07
C HIS B 531 -0.04 39.71 52.34
N THR B 532 -0.34 39.91 51.06
CA THR B 532 0.36 40.90 50.26
C THR B 532 -0.56 41.40 49.16
N GLU B 533 -0.21 42.55 48.60
CA GLU B 533 -0.97 43.18 47.54
C GLU B 533 -0.10 43.33 46.29
N MET B 534 -0.75 43.27 45.13
CA MET B 534 -0.07 43.37 43.85
C MET B 534 -0.44 44.69 43.17
N GLU B 535 0.28 45.00 42.09
CA GLU B 535 0.03 46.25 41.36
C GLU B 535 -1.31 46.21 40.65
N HIS B 536 -1.66 45.08 40.02
CA HIS B 536 -2.90 44.93 39.29
C HIS B 536 -3.76 43.86 39.94
N GLU B 537 -5.01 43.79 39.49
CA GLU B 537 -5.94 42.80 40.02
C GLU B 537 -5.51 41.40 39.62
N VAL B 538 -5.66 40.46 40.55
CA VAL B 538 -5.29 39.07 40.28
C VAL B 538 -6.34 38.42 39.40
N ALA B 539 -5.88 37.74 38.34
CA ALA B 539 -6.76 37.06 37.41
C ALA B 539 -6.95 35.59 37.76
N CYS B 540 -5.87 34.88 38.09
CA CYS B 540 -5.95 33.48 38.45
C CYS B 540 -4.83 33.14 39.41
N LEU B 541 -5.06 32.14 40.26
CA LEU B 541 -4.08 31.67 41.21
C LEU B 541 -3.90 30.16 41.05
N ASP B 542 -2.66 29.71 41.07
CA ASP B 542 -2.34 28.29 40.90
C ASP B 542 -1.16 27.94 41.79
N ILE B 543 -1.38 27.04 42.75
CA ILE B 543 -0.34 26.53 43.62
C ILE B 543 -0.35 25.01 43.51
N THR B 544 0.79 24.43 43.12
CA THR B 544 0.88 22.99 42.93
C THR B 544 2.33 22.57 43.03
N PRO B 545 2.63 21.42 43.63
CA PRO B 545 4.03 20.96 43.73
C PRO B 545 4.52 20.47 42.37
N LEU B 546 5.64 21.03 41.93
CA LEU B 546 6.26 20.65 40.66
C LEU B 546 7.58 19.90 40.88
N GLY B 547 7.69 19.18 41.98
CA GLY B 547 8.90 18.44 42.30
C GLY B 547 8.85 17.76 43.64
N ASP B 548 9.92 17.89 44.42
CA ASP B 548 10.01 17.26 45.75
C ASP B 548 9.30 18.14 46.77
N SER B 549 7.96 18.08 46.72
CA SER B 549 7.12 18.84 47.64
C SER B 549 5.87 18.04 47.92
N ASN B 550 5.61 17.77 49.20
CA ASN B 550 4.46 16.96 49.62
C ASN B 550 3.33 17.91 50.04
N GLY B 551 2.68 18.49 49.04
CA GLY B 551 1.54 19.36 49.30
C GLY B 551 1.90 20.82 49.48
N LEU B 552 3.02 21.08 50.15
CA LEU B 552 3.47 22.45 50.42
C LEU B 552 4.15 22.99 49.18
N SER B 553 3.44 23.82 48.42
CA SER B 553 4.00 24.40 47.21
C SER B 553 4.97 25.51 47.57
N PRO B 554 6.24 25.44 47.15
CA PRO B 554 7.19 26.52 47.47
C PRO B 554 6.85 27.82 46.77
N LEU B 555 6.63 27.74 45.46
CA LEU B 555 6.31 28.92 44.67
C LEU B 555 4.80 29.12 44.58
N CYS B 556 4.41 30.23 43.95
CA CYS B 556 3.00 30.55 43.75
C CYS B 556 2.88 31.48 42.55
N ALA B 557 1.97 31.14 41.64
CA ALA B 557 1.77 31.91 40.43
C ALA B 557 0.62 32.90 40.61
N ILE B 558 0.75 34.06 39.97
CA ILE B 558 -0.27 35.11 40.03
C ILE B 558 -0.27 35.85 38.71
N GLY B 559 -1.46 36.26 38.28
CA GLY B 559 -1.61 36.97 37.03
C GLY B 559 -2.16 38.37 37.19
N LEU B 560 -2.02 39.20 36.16
CA LEU B 560 -2.50 40.57 36.18
C LEU B 560 -3.42 40.81 34.99
N TRP B 561 -4.42 41.65 35.20
CA TRP B 561 -5.38 42.02 34.16
C TRP B 561 -5.09 43.38 33.54
N THR B 562 -4.79 44.39 34.36
CA THR B 562 -4.49 45.71 33.84
C THR B 562 -3.20 45.70 33.01
N ASP B 563 -2.17 45.00 33.49
CA ASP B 563 -0.89 44.95 32.80
C ASP B 563 -0.72 43.71 31.93
N ILE B 564 -1.51 42.66 32.17
CA ILE B 564 -1.43 41.41 31.43
C ILE B 564 -0.01 40.87 31.48
N SER B 565 0.44 40.47 32.66
CA SER B 565 1.78 39.94 32.87
C SER B 565 1.72 38.74 33.80
N ALA B 566 2.69 37.84 33.64
CA ALA B 566 2.79 36.64 34.45
C ALA B 566 4.04 36.73 35.34
N ARG B 567 3.85 36.52 36.63
CA ARG B 567 4.93 36.60 37.61
C ARG B 567 4.92 35.37 38.49
N ILE B 568 6.10 35.01 38.99
CA ILE B 568 6.28 33.86 39.86
C ILE B 568 6.77 34.36 41.22
N LEU B 569 6.10 33.93 42.28
CA LEU B 569 6.42 34.37 43.62
C LEU B 569 6.44 33.16 44.56
N LYS B 570 7.19 33.29 45.65
CA LYS B 570 7.24 32.24 46.65
C LYS B 570 5.95 32.24 47.46
N LEU B 571 5.34 31.07 47.59
CA LEU B 571 4.06 30.97 48.30
C LEU B 571 4.17 31.39 49.77
N PRO B 572 5.17 30.97 50.52
CA PRO B 572 5.19 31.30 51.96
C PRO B 572 5.23 32.79 52.26
N SER B 573 5.88 33.59 51.41
CA SER B 573 6.07 35.01 51.68
C SER B 573 5.47 35.92 50.63
N PHE B 574 4.93 35.38 49.54
CA PHE B 574 4.33 36.17 48.45
C PHE B 574 5.32 37.18 47.88
N GLU B 575 6.60 36.80 47.79
CA GLU B 575 7.64 37.68 47.26
C GLU B 575 7.92 37.31 45.82
N LEU B 576 7.74 38.26 44.91
CA LEU B 576 7.94 38.01 43.50
C LEU B 576 9.40 37.73 43.18
N LEU B 577 9.63 36.79 42.28
CA LEU B 577 10.97 36.41 41.85
C LEU B 577 11.29 36.87 40.44
N HIS B 578 10.40 36.61 39.49
CA HIS B 578 10.62 37.03 38.11
C HIS B 578 9.26 37.23 37.45
N LYS B 579 9.27 37.98 36.35
CA LYS B 579 8.05 38.27 35.62
C LYS B 579 8.37 38.33 34.13
N GLU B 580 7.35 38.05 33.31
CA GLU B 580 7.48 38.08 31.86
C GLU B 580 6.41 38.99 31.29
N MET B 581 6.82 39.90 30.40
CA MET B 581 5.89 40.83 29.78
C MET B 581 5.15 40.16 28.62
N LEU B 582 3.91 40.58 28.42
CA LEU B 582 3.07 40.07 27.34
C LEU B 582 2.38 41.22 26.64
N GLY B 583 2.12 41.04 25.34
CA GLY B 583 1.45 42.04 24.55
C GLY B 583 -0.07 41.95 24.65
N GLY B 584 -0.73 42.89 23.98
CA GLY B 584 -2.17 42.93 23.99
C GLY B 584 -2.75 43.43 25.30
N GLU B 585 -4.07 43.30 25.42
CA GLU B 585 -4.78 43.72 26.61
C GLU B 585 -5.68 42.63 27.19
N ILE B 586 -5.64 41.42 26.64
CA ILE B 586 -6.49 40.33 27.15
C ILE B 586 -5.89 39.78 28.43
N ILE B 587 -6.70 39.73 29.48
CA ILE B 587 -6.22 39.19 30.75
C ILE B 587 -6.00 37.68 30.62
N PRO B 588 -5.05 37.09 31.35
CA PRO B 588 -4.82 35.65 31.25
C PRO B 588 -5.98 34.87 31.85
N ARG B 589 -6.60 34.02 31.03
CA ARG B 589 -7.73 33.22 31.51
C ARG B 589 -7.29 32.24 32.59
N SER B 590 -6.16 31.58 32.39
CA SER B 590 -5.65 30.63 33.36
C SER B 590 -4.14 30.48 33.18
N ILE B 591 -3.47 30.19 34.29
CA ILE B 591 -2.03 29.95 34.31
C ILE B 591 -1.75 28.75 35.20
N LEU B 592 -0.89 27.85 34.74
CA LEU B 592 -0.58 26.64 35.49
C LEU B 592 0.88 26.28 35.27
N MET B 593 1.51 25.74 36.33
CA MET B 593 2.89 25.28 36.27
C MET B 593 2.95 23.88 36.87
N THR B 594 3.54 22.94 36.13
CA THR B 594 3.64 21.56 36.58
C THR B 594 4.82 20.91 35.88
N THR B 595 5.23 19.76 36.41
CA THR B 595 6.35 19.00 35.88
C THR B 595 5.82 17.72 35.25
N PHE B 596 6.07 17.55 33.94
CA PHE B 596 5.68 16.36 33.21
C PHE B 596 6.85 15.61 32.60
N GLU B 597 8.04 16.23 32.55
CA GLU B 597 9.22 15.59 31.98
C GLU B 597 10.41 15.97 32.87
N SER B 598 11.62 15.77 32.36
CA SER B 598 12.81 16.14 33.12
C SER B 598 12.86 17.63 33.43
N SER B 599 12.20 18.46 32.63
CA SER B 599 12.11 19.90 32.87
C SER B 599 10.65 20.29 33.07
N HIS B 600 10.38 20.98 34.17
CA HIS B 600 9.03 21.46 34.45
C HIS B 600 8.64 22.53 33.46
N TYR B 601 7.35 22.57 33.11
CA TYR B 601 6.82 23.51 32.14
C TYR B 601 5.75 24.38 32.79
N LEU B 602 5.72 25.66 32.41
CA LEU B 602 4.73 26.61 32.89
C LEU B 602 3.82 27.00 31.74
N LEU B 603 2.50 26.90 31.96
CA LEU B 603 1.50 27.18 30.93
C LEU B 603 0.78 28.48 31.26
N CYS B 604 0.67 29.36 30.28
CA CYS B 604 -0.05 30.62 30.41
C CYS B 604 -1.09 30.69 29.30
N ALA B 605 -2.35 30.89 29.68
CA ALA B 605 -3.46 30.92 28.73
C ALA B 605 -4.21 32.24 28.88
N LEU B 606 -4.47 32.90 27.76
CA LEU B 606 -5.18 34.17 27.75
C LEU B 606 -6.68 33.93 27.59
N GLY B 607 -7.46 34.98 27.82
CA GLY B 607 -8.91 34.88 27.71
C GLY B 607 -9.41 34.68 26.30
N ASP B 608 -8.68 35.18 25.30
CA ASP B 608 -9.08 35.01 23.91
C ASP B 608 -8.72 33.63 23.37
N GLY B 609 -7.92 32.86 24.09
CA GLY B 609 -7.50 31.53 23.66
C GLY B 609 -6.02 31.39 23.41
N ALA B 610 -5.24 32.46 23.50
CA ALA B 610 -3.80 32.36 23.30
C ALA B 610 -3.15 31.60 24.43
N LEU B 611 -2.30 30.63 24.08
CA LEU B 611 -1.62 29.79 25.06
C LEU B 611 -0.11 29.97 24.91
N PHE B 612 0.56 30.28 26.01
CA PHE B 612 2.00 30.44 26.05
C PHE B 612 2.60 29.32 26.90
N TYR B 613 3.52 28.56 26.31
CA TYR B 613 4.17 27.46 27.00
C TYR B 613 5.64 27.81 27.21
N PHE B 614 6.08 27.78 28.46
CA PHE B 614 7.46 28.08 28.81
C PHE B 614 7.94 27.10 29.86
N GLY B 615 9.24 26.79 29.81
CA GLY B 615 9.82 25.91 30.80
C GLY B 615 9.92 26.57 32.16
N LEU B 616 9.89 25.75 33.20
CA LEU B 616 9.94 26.22 34.58
C LEU B 616 10.98 25.43 35.36
N ASN B 617 11.60 26.11 36.32
CA ASN B 617 12.59 25.51 37.20
C ASN B 617 12.04 25.48 38.62
N ILE B 618 12.08 24.30 39.26
CA ILE B 618 11.54 24.16 40.60
C ILE B 618 12.37 24.94 41.62
N GLU B 619 13.63 25.24 41.32
CA GLU B 619 14.52 25.94 42.23
C GLU B 619 14.46 27.45 42.07
N THR B 620 14.58 27.94 40.84
CA THR B 620 14.57 29.37 40.55
C THR B 620 13.36 29.81 39.75
N GLY B 621 13.11 29.17 38.61
CA GLY B 621 11.98 29.54 37.77
C GLY B 621 12.32 30.63 36.77
N LEU B 622 13.45 30.47 36.09
CA LEU B 622 13.88 31.46 35.11
C LEU B 622 12.98 31.41 33.87
N LEU B 623 12.94 32.53 33.16
CA LEU B 623 12.12 32.64 31.96
C LEU B 623 12.77 31.82 30.84
N SER B 624 12.24 30.63 30.60
CA SER B 624 12.75 29.76 29.55
C SER B 624 12.16 30.16 28.21
N ASP B 625 12.36 29.33 27.19
CA ASP B 625 11.82 29.62 25.87
C ASP B 625 10.29 29.59 25.90
N ARG B 626 9.68 30.59 25.28
CA ARG B 626 8.23 30.72 25.24
C ARG B 626 7.76 30.75 23.80
N LYS B 627 6.68 30.02 23.52
CA LYS B 627 6.12 29.95 22.18
C LYS B 627 4.62 30.15 22.26
N LYS B 628 4.05 30.76 21.23
CA LYS B 628 2.62 31.02 21.15
C LYS B 628 1.94 29.82 20.48
N VAL B 629 1.01 29.19 21.19
CA VAL B 629 0.28 28.04 20.69
C VAL B 629 -1.19 28.43 20.57
N THR B 630 -1.74 28.25 19.38
CA THR B 630 -3.13 28.61 19.14
C THR B 630 -4.07 27.60 19.78
N LEU B 631 -5.28 28.06 20.08
CA LEU B 631 -6.30 27.21 20.68
C LEU B 631 -7.67 27.73 20.23
N GLY B 632 -8.73 27.30 20.90
CA GLY B 632 -10.05 27.74 20.55
C GLY B 632 -10.29 29.20 20.89
N THR B 633 -11.31 29.78 20.24
CA THR B 633 -11.65 31.17 20.46
C THR B 633 -12.20 31.42 21.86
N GLN B 634 -12.86 30.43 22.46
CA GLN B 634 -13.38 30.57 23.81
C GLN B 634 -12.25 30.56 24.82
N PRO B 635 -12.50 31.05 26.03
CA PRO B 635 -11.46 31.05 27.07
C PRO B 635 -11.02 29.62 27.39
N THR B 636 -9.72 29.47 27.63
CA THR B 636 -9.12 28.17 27.89
C THR B 636 -8.75 28.05 29.36
N VAL B 637 -9.15 26.93 29.98
CA VAL B 637 -8.81 26.62 31.36
C VAL B 637 -7.91 25.40 31.34
N LEU B 638 -6.66 25.57 31.70
CA LEU B 638 -5.71 24.47 31.69
C LEU B 638 -6.04 23.46 32.78
N ARG B 639 -5.85 22.18 32.45
CA ARG B 639 -6.10 21.10 33.39
C ARG B 639 -5.28 19.89 32.97
N THR B 640 -4.75 19.18 33.96
CA THR B 640 -3.94 17.99 33.70
C THR B 640 -4.83 16.74 33.70
N PHE B 641 -4.41 15.75 32.93
CA PHE B 641 -5.13 14.49 32.82
C PHE B 641 -4.16 13.33 33.02
N ARG B 642 -4.67 12.25 33.61
CA ARG B 642 -3.89 11.06 33.90
C ARG B 642 -4.39 9.94 32.99
N SER B 643 -3.85 9.89 31.78
CA SER B 643 -4.20 8.84 30.82
C SER B 643 -3.20 7.69 30.87
N LEU B 644 -1.91 7.99 30.91
CA LEU B 644 -0.85 7.01 30.99
C LEU B 644 0.01 7.31 32.23
N SER B 645 1.13 6.61 32.34
CA SER B 645 2.05 6.86 33.44
C SER B 645 2.57 8.29 33.42
N THR B 646 2.77 8.86 32.24
CA THR B 646 3.19 10.25 32.11
C THR B 646 1.92 11.10 31.98
N THR B 647 1.65 11.89 33.02
CA THR B 647 0.45 12.72 33.02
C THR B 647 0.54 13.80 31.94
N ASN B 648 -0.60 14.05 31.31
CA ASN B 648 -0.70 15.06 30.26
C ASN B 648 -1.69 16.13 30.67
N VAL B 649 -1.65 17.26 29.97
CA VAL B 649 -2.53 18.39 30.24
C VAL B 649 -3.60 18.45 29.16
N PHE B 650 -4.77 18.95 29.54
CA PHE B 650 -5.90 19.08 28.63
C PHE B 650 -6.39 20.52 28.62
N ALA B 651 -6.73 21.02 27.44
CA ALA B 651 -7.21 22.38 27.26
C ALA B 651 -8.69 22.33 26.90
N CYS B 652 -9.50 23.10 27.62
CA CYS B 652 -10.94 23.18 27.38
C CYS B 652 -11.26 24.53 26.75
N SER B 653 -11.72 24.51 25.50
CA SER B 653 -12.05 25.71 24.75
C SER B 653 -12.88 25.29 23.55
N ASP B 654 -13.10 26.23 22.62
CA ASP B 654 -13.80 25.90 21.38
C ASP B 654 -13.03 24.90 20.54
N ARG B 655 -11.72 24.77 20.75
CA ARG B 655 -10.89 23.77 20.08
C ARG B 655 -10.14 23.01 21.17
N PRO B 656 -10.81 22.07 21.83
CA PRO B 656 -10.16 21.34 22.92
C PRO B 656 -8.94 20.57 22.43
N THR B 657 -7.90 20.53 23.27
CA THR B 657 -6.67 19.85 22.93
C THR B 657 -6.07 19.23 24.18
N VAL B 658 -5.25 18.19 23.97
CA VAL B 658 -4.55 17.49 25.04
C VAL B 658 -3.07 17.75 24.88
N ILE B 659 -2.42 18.22 25.95
CA ILE B 659 -1.00 18.56 25.92
C ILE B 659 -0.24 17.30 26.33
N TYR B 660 0.09 16.47 25.36
CA TYR B 660 0.87 15.26 25.58
C TYR B 660 2.33 15.53 25.21
N SER B 661 3.15 14.49 25.24
CA SER B 661 4.56 14.61 24.90
C SER B 661 5.05 13.28 24.36
N SER B 662 6.15 13.34 23.59
CA SER B 662 6.78 12.14 23.05
C SER B 662 8.13 11.85 23.68
N ASN B 663 9.07 12.80 23.62
CA ASN B 663 10.36 12.65 24.30
C ASN B 663 10.60 13.78 25.29
N HIS B 664 10.65 15.03 24.84
CA HIS B 664 10.85 16.17 25.73
C HIS B 664 10.00 17.38 25.40
N LYS B 665 9.20 17.35 24.34
CA LYS B 665 8.42 18.50 23.91
C LYS B 665 6.94 18.24 24.07
N LEU B 666 6.19 19.29 24.41
CA LEU B 666 4.77 19.16 24.67
C LEU B 666 3.99 19.17 23.36
N VAL B 667 3.20 18.12 23.14
CA VAL B 667 2.33 18.04 21.97
C VAL B 667 1.05 18.81 22.26
N PHE B 668 0.23 19.03 21.23
CA PHE B 668 -1.04 19.74 21.38
C PHE B 668 -2.14 19.03 20.60
N SER B 669 -2.22 17.71 20.74
CA SER B 669 -3.22 16.94 20.01
C SER B 669 -4.62 17.33 20.43
N ASN B 670 -5.53 17.39 19.46
CA ASN B 670 -6.90 17.78 19.72
C ASN B 670 -7.66 16.69 20.47
N VAL B 671 -8.95 16.94 20.69
CA VAL B 671 -9.81 16.01 21.43
C VAL B 671 -11.05 15.73 20.61
N ASN B 672 -11.75 14.66 20.99
CA ASN B 672 -12.96 14.22 20.30
C ASN B 672 -14.17 14.70 21.07
N LEU B 673 -14.52 15.97 20.83
CA LEU B 673 -15.69 16.57 21.47
C LEU B 673 -16.10 17.80 20.67
N LYS B 674 -17.34 18.23 20.89
CA LYS B 674 -17.85 19.42 20.20
C LYS B 674 -17.36 20.69 20.90
N GLU B 675 -17.70 20.84 22.18
CA GLU B 675 -17.26 21.99 22.95
C GLU B 675 -17.02 21.56 24.38
N VAL B 676 -15.99 22.13 25.01
CA VAL B 676 -15.63 21.80 26.38
C VAL B 676 -15.54 23.09 27.19
N ASN B 677 -16.24 23.11 28.33
CA ASN B 677 -16.21 24.26 29.22
C ASN B 677 -15.41 24.01 30.49
N TYR B 678 -15.43 22.80 31.03
CA TYR B 678 -14.66 22.45 32.21
C TYR B 678 -14.33 20.97 32.17
N MET B 679 -13.31 20.59 32.93
CA MET B 679 -12.88 19.21 33.01
C MET B 679 -12.42 18.89 34.43
N CYS B 680 -12.50 17.61 34.79
CA CYS B 680 -12.10 17.18 36.12
C CYS B 680 -11.86 15.67 36.09
N PRO B 681 -10.75 15.19 36.62
CA PRO B 681 -10.52 13.74 36.66
C PRO B 681 -11.50 13.04 37.59
N LEU B 682 -11.81 11.79 37.25
CA LEU B 682 -12.73 10.98 38.04
C LEU B 682 -12.11 9.62 38.28
N ASN B 683 -12.29 9.10 39.49
CA ASN B 683 -11.77 7.79 39.86
C ASN B 683 -12.77 7.00 40.68
N SER B 684 -14.06 7.19 40.41
CA SER B 684 -15.10 6.51 41.17
C SER B 684 -15.12 5.02 40.88
N ASP B 685 -15.82 4.27 41.74
CA ASP B 685 -15.92 2.83 41.55
C ASP B 685 -16.63 2.48 40.25
N GLY B 686 -17.71 3.21 39.92
CA GLY B 686 -18.41 3.00 38.68
C GLY B 686 -17.74 3.56 37.45
N TYR B 687 -16.67 4.33 37.63
CA TYR B 687 -15.95 4.94 36.50
C TYR B 687 -14.48 5.02 36.88
N PRO B 688 -13.70 3.98 36.60
CA PRO B 688 -12.30 3.96 37.04
C PRO B 688 -11.43 5.04 36.40
N ASP B 689 -11.41 5.09 35.07
CA ASP B 689 -10.52 5.99 34.34
C ASP B 689 -11.30 7.08 33.59
N SER B 690 -12.56 7.29 33.96
CA SER B 690 -13.36 8.31 33.30
C SER B 690 -12.93 9.70 33.75
N LEU B 691 -13.27 10.69 32.93
CA LEU B 691 -12.96 12.09 33.21
C LEU B 691 -14.21 12.92 32.99
N ALA B 692 -14.51 13.79 33.96
CA ALA B 692 -15.68 14.64 33.85
C ALA B 692 -15.50 15.66 32.72
N LEU B 693 -16.56 15.86 31.94
CA LEU B 693 -16.54 16.81 30.84
C LEU B 693 -17.73 17.74 30.96
N ALA B 694 -17.50 19.03 30.70
CA ALA B 694 -18.54 20.05 30.82
C ALA B 694 -18.65 20.82 29.52
N ASN B 695 -19.85 21.36 29.28
CA ASN B 695 -20.13 22.15 28.10
C ASN B 695 -21.28 23.09 28.42
N ASN B 696 -21.88 23.69 27.39
CA ASN B 696 -23.04 24.55 27.60
C ASN B 696 -24.17 23.77 28.24
N SER B 697 -24.53 22.62 27.67
CA SER B 697 -25.49 21.71 28.30
C SER B 697 -25.11 20.30 27.85
N THR B 698 -24.28 19.63 28.64
CA THR B 698 -23.78 18.30 28.32
C THR B 698 -23.02 17.75 29.52
N LEU B 699 -22.89 16.43 29.57
CA LEU B 699 -22.11 15.76 30.60
C LEU B 699 -21.69 14.40 30.06
N THR B 700 -20.41 14.26 29.73
CA THR B 700 -19.89 13.03 29.14
C THR B 700 -18.66 12.57 29.91
N ILE B 701 -18.26 11.33 29.65
CA ILE B 701 -17.10 10.72 30.30
C ILE B 701 -16.24 10.06 29.24
N GLY B 702 -14.98 9.86 29.59
CA GLY B 702 -14.03 9.21 28.70
C GLY B 702 -12.75 8.91 29.43
N THR B 703 -11.95 8.02 28.85
CA THR B 703 -10.72 7.55 29.46
C THR B 703 -9.48 8.08 28.75
N ILE B 704 -9.35 7.80 27.45
CA ILE B 704 -8.21 8.18 26.62
C ILE B 704 -6.93 7.49 27.11
N ASP B 705 -6.19 6.89 26.20
CA ASP B 705 -4.95 6.22 26.57
C ASP B 705 -3.73 6.79 25.86
N GLU B 706 -3.83 7.10 24.57
CA GLU B 706 -2.74 7.65 23.79
C GLU B 706 -3.19 8.97 23.17
N ILE B 707 -2.31 9.55 22.36
CA ILE B 707 -2.59 10.83 21.70
C ILE B 707 -2.32 10.68 20.20
N GLN B 708 -2.23 9.43 19.73
CA GLN B 708 -1.97 9.19 18.32
C GLN B 708 -2.93 8.19 17.69
N LYS B 709 -3.85 7.60 18.45
CA LYS B 709 -4.80 6.66 17.88
C LYS B 709 -5.77 7.40 16.96
N LEU B 710 -6.17 6.76 15.88
CA LEU B 710 -7.14 7.35 14.97
C LEU B 710 -8.50 6.70 15.19
N HIS B 711 -9.54 7.53 15.33
CA HIS B 711 -10.88 7.04 15.60
C HIS B 711 -11.71 7.04 14.31
N ILE B 712 -12.56 6.03 14.18
CA ILE B 712 -13.32 5.80 12.96
C ILE B 712 -14.79 5.70 13.31
N ARG B 713 -15.62 6.46 12.61
CA ARG B 713 -17.07 6.35 12.70
C ARG B 713 -17.62 5.88 11.35
N THR B 714 -18.54 4.93 11.38
CA THR B 714 -19.01 4.26 10.18
C THR B 714 -20.41 4.72 9.80
N VAL B 715 -20.70 4.66 8.51
CA VAL B 715 -22.03 4.94 7.97
C VAL B 715 -22.18 4.23 6.64
N PRO B 716 -22.73 3.01 6.63
CA PRO B 716 -22.79 2.22 5.40
C PRO B 716 -23.72 2.83 4.37
N LEU B 717 -23.42 2.55 3.10
CA LEU B 717 -24.24 3.00 1.98
C LEU B 717 -24.70 1.89 1.05
N TYR B 718 -24.08 0.71 1.09
CA TYR B 718 -24.48 -0.43 0.26
C TYR B 718 -24.40 -0.09 -1.23
N GLU B 719 -23.27 0.46 -1.64
CA GLU B 719 -23.08 0.88 -3.03
C GLU B 719 -21.59 1.03 -3.29
N SER B 720 -21.25 1.25 -4.56
CA SER B 720 -19.85 1.39 -4.96
C SER B 720 -19.52 2.84 -5.24
N PRO B 721 -18.82 3.52 -4.34
CA PRO B 721 -18.51 4.94 -4.54
C PRO B 721 -17.23 5.13 -5.36
N ARG B 722 -17.07 6.35 -5.87
CA ARG B 722 -15.91 6.66 -6.69
C ARG B 722 -15.09 7.80 -6.11
N LYS B 723 -15.75 8.88 -5.66
CA LYS B 723 -15.05 10.03 -5.12
C LYS B 723 -15.92 10.69 -4.04
N ILE B 724 -15.47 11.83 -3.54
CA ILE B 724 -16.16 12.54 -2.47
C ILE B 724 -15.62 13.97 -2.43
N CYS B 725 -16.52 14.92 -2.15
CA CYS B 725 -16.14 16.31 -1.95
C CYS B 725 -17.05 16.93 -0.90
N TYR B 726 -16.49 17.82 -0.10
CA TYR B 726 -17.18 18.48 1.00
C TYR B 726 -17.78 19.81 0.55
N GLN B 727 -18.89 20.18 1.17
CA GLN B 727 -19.59 21.42 0.87
C GLN B 727 -19.50 22.37 2.06
N GLU B 728 -19.02 23.58 1.82
CA GLU B 728 -18.76 24.52 2.90
C GLU B 728 -19.95 25.41 3.21
N VAL B 729 -20.84 25.66 2.24
CA VAL B 729 -21.96 26.57 2.45
C VAL B 729 -23.26 25.84 2.76
N SER B 730 -23.39 24.58 2.38
CA SER B 730 -24.59 23.83 2.68
C SER B 730 -24.40 22.83 3.83
N GLN B 731 -23.16 22.59 4.24
CA GLN B 731 -22.85 21.72 5.37
C GLN B 731 -23.42 20.31 5.16
N CYS B 732 -22.95 19.68 4.07
CA CYS B 732 -23.39 18.33 3.73
C CYS B 732 -22.44 17.76 2.68
N PHE B 733 -22.03 16.51 2.89
CA PHE B 733 -21.15 15.84 1.93
C PHE B 733 -21.96 15.39 0.71
N GLY B 734 -21.22 14.92 -0.29
CA GLY B 734 -21.81 14.27 -1.45
C GLY B 734 -21.02 13.04 -1.82
N VAL B 735 -21.69 11.93 -2.12
CA VAL B 735 -21.02 10.67 -2.44
C VAL B 735 -21.70 10.06 -3.66
N LEU B 736 -20.90 9.65 -4.64
CA LEU B 736 -21.43 8.97 -5.80
C LEU B 736 -21.91 7.56 -5.44
N SER B 737 -22.95 7.11 -6.13
CA SER B 737 -23.47 5.76 -5.97
C SER B 737 -23.52 5.07 -7.32
N SER B 738 -23.31 3.75 -7.31
CA SER B 738 -23.44 2.95 -8.53
C SER B 738 -23.91 1.56 -8.10
N ARG B 739 -25.22 1.34 -8.12
CA ARG B 739 -25.82 0.08 -7.73
C ARG B 739 -26.14 -0.76 -8.97
N ILE B 740 -26.16 -2.08 -8.77
CA ILE B 740 -26.43 -3.02 -9.85
C ILE B 740 -27.70 -3.78 -9.50
N GLU B 741 -28.69 -3.72 -10.39
CA GLU B 741 -29.94 -4.43 -10.19
C GLU B 741 -30.47 -4.95 -11.53
N SER B 762 -35.89 11.83 -0.09
CA SER B 762 -35.81 12.67 -1.28
C SER B 762 -35.08 11.95 -2.40
N SER B 763 -35.47 12.22 -3.65
CA SER B 763 -34.89 11.57 -4.81
C SER B 763 -35.03 12.46 -6.02
N SER B 764 -34.34 12.08 -7.09
CA SER B 764 -34.39 12.83 -8.35
C SER B 764 -34.02 11.88 -9.47
N VAL B 765 -34.37 12.29 -10.69
CA VAL B 765 -34.11 11.49 -11.90
C VAL B 765 -33.58 12.42 -12.98
N SER B 766 -32.54 11.98 -13.68
CA SER B 766 -31.97 12.77 -14.75
C SER B 766 -32.91 12.86 -15.94
N SER B 767 -32.76 13.92 -16.73
CA SER B 767 -33.64 14.17 -17.86
C SER B 767 -32.82 14.38 -19.13
N SER B 768 -31.93 13.44 -19.45
CA SER B 768 -31.05 13.58 -20.60
C SER B 768 -31.83 13.36 -21.90
N LYS B 769 -32.28 14.46 -22.51
CA LYS B 769 -33.03 14.40 -23.76
C LYS B 769 -32.14 14.68 -24.98
N LEU B 770 -30.83 14.79 -24.77
CA LEU B 770 -29.90 15.07 -25.86
C LEU B 770 -29.63 13.82 -26.69
N THR B 780 -30.30 -1.17 -27.72
CA THR B 780 -29.87 -1.72 -26.44
C THR B 780 -30.30 -3.18 -26.29
N SER B 781 -29.32 -4.06 -26.15
CA SER B 781 -29.60 -5.48 -25.99
C SER B 781 -30.16 -5.76 -24.60
N PHE B 782 -30.81 -6.91 -24.46
CA PHE B 782 -31.37 -7.32 -23.17
C PHE B 782 -30.26 -7.52 -22.15
N GLY B 783 -29.16 -8.15 -22.55
CA GLY B 783 -28.03 -8.33 -21.67
C GLY B 783 -26.88 -7.42 -22.03
N GLU B 784 -26.66 -6.39 -21.21
CA GLU B 784 -25.62 -5.39 -21.48
C GLU B 784 -24.93 -5.05 -20.16
N GLU B 785 -24.16 -3.96 -20.19
CA GLU B 785 -23.36 -3.52 -19.05
C GLU B 785 -23.88 -2.15 -18.61
N VAL B 786 -24.90 -2.16 -17.76
CA VAL B 786 -25.59 -0.94 -17.33
C VAL B 786 -25.61 -0.91 -15.81
N GLU B 787 -25.35 0.27 -15.24
CA GLU B 787 -25.37 0.48 -13.81
C GLU B 787 -26.27 1.65 -13.46
N VAL B 788 -26.91 1.56 -12.30
CA VAL B 788 -27.79 2.61 -11.79
C VAL B 788 -27.01 3.45 -10.80
N HIS B 789 -27.00 4.76 -11.01
CA HIS B 789 -26.19 5.67 -10.21
C HIS B 789 -27.06 6.62 -9.40
N ASN B 790 -26.53 7.04 -8.26
CA ASN B 790 -27.20 8.02 -7.41
C ASN B 790 -26.15 9.01 -6.92
N LEU B 791 -26.58 9.93 -6.05
CA LEU B 791 -25.69 10.92 -5.43
C LEU B 791 -26.22 11.16 -4.03
N LEU B 792 -25.65 10.46 -3.05
CA LEU B 792 -26.13 10.54 -1.68
C LEU B 792 -25.54 11.77 -1.00
N ILE B 793 -26.41 12.68 -0.56
CA ILE B 793 -26.00 13.89 0.14
C ILE B 793 -26.10 13.61 1.64
N ILE B 794 -24.95 13.40 2.29
CA ILE B 794 -24.91 13.05 3.69
C ILE B 794 -24.76 14.32 4.51
N ASP B 795 -25.66 14.52 5.46
CA ASP B 795 -25.53 15.60 6.42
C ASP B 795 -24.32 15.36 7.30
N GLN B 796 -23.60 16.43 7.62
CA GLN B 796 -22.42 16.34 8.46
C GLN B 796 -22.76 16.34 9.94
N HIS B 797 -24.03 16.52 10.31
CA HIS B 797 -24.46 16.51 11.70
C HIS B 797 -25.12 15.19 12.08
N THR B 798 -26.18 14.82 11.37
CA THR B 798 -26.95 13.62 11.67
C THR B 798 -26.47 12.40 10.91
N PHE B 799 -25.53 12.56 9.99
CA PHE B 799 -25.01 11.45 9.18
C PHE B 799 -26.14 10.71 8.47
N GLU B 800 -27.11 11.47 7.98
CA GLU B 800 -28.27 10.92 7.29
C GLU B 800 -28.32 11.48 5.88
N VAL B 801 -28.41 10.57 4.89
CA VAL B 801 -28.51 10.99 3.51
C VAL B 801 -29.78 11.80 3.31
N LEU B 802 -29.69 12.87 2.51
CA LEU B 802 -30.82 13.77 2.31
C LEU B 802 -31.33 13.82 0.88
N HIS B 803 -30.62 13.22 -0.07
CA HIS B 803 -31.07 13.24 -1.46
C HIS B 803 -30.36 12.11 -2.21
N ALA B 804 -30.90 11.81 -3.39
CA ALA B 804 -30.32 10.78 -4.26
C ALA B 804 -30.72 11.08 -5.69
N HIS B 805 -29.76 11.46 -6.52
CA HIS B 805 -30.03 11.85 -7.91
C HIS B 805 -29.78 10.64 -8.81
N GLN B 806 -30.85 9.92 -9.13
CA GLN B 806 -30.73 8.77 -10.02
C GLN B 806 -30.42 9.22 -11.44
N PHE B 807 -29.41 8.61 -12.04
CA PHE B 807 -28.97 8.98 -13.38
C PHE B 807 -29.47 7.95 -14.39
N LEU B 808 -28.98 8.08 -15.63
CA LEU B 808 -29.45 7.25 -16.73
C LEU B 808 -29.02 5.79 -16.53
N GLN B 809 -29.47 4.95 -17.46
CA GLN B 809 -29.02 3.57 -17.54
C GLN B 809 -27.87 3.46 -18.54
N ASN B 810 -26.90 2.62 -18.22
CA ASN B 810 -25.70 2.42 -19.04
C ASN B 810 -24.94 3.73 -19.20
N GLU B 811 -24.54 4.30 -18.06
CA GLU B 811 -23.75 5.53 -18.05
C GLU B 811 -22.98 5.56 -16.74
N TYR B 812 -21.67 5.32 -16.80
CA TYR B 812 -20.85 5.17 -15.61
C TYR B 812 -20.29 6.53 -15.22
N ALA B 813 -20.96 7.19 -14.27
CA ALA B 813 -20.51 8.46 -13.72
C ALA B 813 -19.67 8.18 -12.48
N LEU B 814 -18.38 8.51 -12.53
CA LEU B 814 -17.47 8.20 -11.44
C LEU B 814 -16.67 9.42 -10.99
N SER B 815 -17.19 10.62 -11.19
CA SER B 815 -16.48 11.84 -10.82
C SER B 815 -17.40 12.77 -10.04
N LEU B 816 -16.81 13.49 -9.10
CA LEU B 816 -17.53 14.47 -8.29
C LEU B 816 -16.55 15.51 -7.79
N VAL B 817 -16.86 16.78 -8.03
CA VAL B 817 -16.00 17.90 -7.63
C VAL B 817 -16.88 19.00 -7.05
N SER B 818 -16.43 19.59 -5.95
CA SER B 818 -17.09 20.75 -5.34
C SER B 818 -16.16 21.95 -5.44
N CYS B 819 -16.65 23.02 -6.05
CA CYS B 819 -15.82 24.19 -6.30
C CYS B 819 -16.71 25.41 -6.45
N LYS B 820 -16.10 26.54 -6.82
CA LYS B 820 -16.79 27.81 -7.06
C LYS B 820 -16.40 28.26 -8.46
N LEU B 821 -17.13 27.77 -9.46
CA LEU B 821 -16.79 28.04 -10.86
C LEU B 821 -17.22 29.45 -11.23
N GLY B 822 -16.29 30.22 -11.78
CA GLY B 822 -16.61 31.52 -12.31
C GLY B 822 -16.94 32.55 -11.23
N LYS B 823 -17.61 33.63 -11.68
CA LYS B 823 -17.97 34.73 -10.81
C LYS B 823 -19.24 34.47 -10.00
N ASP B 824 -19.93 33.36 -10.26
CA ASP B 824 -21.15 33.06 -9.52
C ASP B 824 -20.81 32.68 -8.09
N PRO B 825 -21.34 33.39 -7.09
CA PRO B 825 -21.05 33.03 -5.69
C PRO B 825 -21.59 31.66 -5.29
N ASN B 826 -22.52 31.11 -6.06
CA ASN B 826 -23.12 29.82 -5.71
C ASN B 826 -22.07 28.72 -5.75
N THR B 827 -22.12 27.83 -4.75
CA THR B 827 -21.22 26.70 -4.66
C THR B 827 -21.91 25.47 -5.24
N TYR B 828 -21.16 24.68 -6.01
CA TYR B 828 -21.73 23.64 -6.84
C TYR B 828 -21.33 22.26 -6.33
N PHE B 829 -21.98 21.23 -6.88
CA PHE B 829 -21.56 19.83 -6.79
C PHE B 829 -21.38 19.35 -8.23
N ILE B 830 -20.22 19.61 -8.81
CA ILE B 830 -19.98 19.26 -10.20
C ILE B 830 -19.66 17.78 -10.29
N VAL B 831 -20.40 17.07 -11.15
CA VAL B 831 -20.31 15.62 -11.27
C VAL B 831 -20.09 15.29 -12.74
N GLY B 832 -19.09 14.45 -13.00
CA GLY B 832 -18.80 13.99 -14.35
C GLY B 832 -19.47 12.66 -14.64
N THR B 833 -20.03 12.55 -15.84
CA THR B 833 -20.72 11.35 -16.29
C THR B 833 -20.09 10.87 -17.58
N ALA B 834 -19.80 9.56 -17.63
CA ALA B 834 -19.10 8.97 -18.77
C ALA B 834 -19.82 7.69 -19.19
N MET B 835 -19.99 7.51 -20.49
CA MET B 835 -20.49 6.26 -21.05
C MET B 835 -19.41 5.65 -21.93
N VAL B 836 -19.16 4.36 -21.74
CA VAL B 836 -18.11 3.66 -22.48
C VAL B 836 -18.70 2.45 -23.18
N PRO B 843 -16.56 5.26 -26.50
CA PRO B 843 -17.23 6.41 -25.89
C PRO B 843 -17.38 7.57 -26.87
N LYS B 844 -18.62 7.81 -27.30
CA LYS B 844 -18.91 8.87 -28.25
C LYS B 844 -19.71 10.01 -27.65
N GLN B 845 -19.88 10.04 -26.33
CA GLN B 845 -20.67 11.08 -25.69
C GLN B 845 -20.15 11.30 -24.28
N GLY B 846 -20.38 12.51 -23.77
CA GLY B 846 -20.07 12.83 -22.40
C GLY B 846 -20.73 14.12 -21.95
N ARG B 847 -21.41 14.08 -20.80
CA ARG B 847 -22.05 15.26 -20.25
C ARG B 847 -21.68 15.41 -18.78
N ILE B 848 -21.82 16.65 -18.30
CA ILE B 848 -21.53 17.00 -16.91
C ILE B 848 -22.74 17.73 -16.35
N VAL B 849 -23.22 17.29 -15.19
CA VAL B 849 -24.35 17.91 -14.53
C VAL B 849 -23.83 18.89 -13.49
N VAL B 850 -24.23 20.15 -13.61
CA VAL B 850 -23.81 21.20 -12.68
C VAL B 850 -24.87 21.24 -11.59
N PHE B 851 -24.67 20.42 -10.56
CA PHE B 851 -25.66 20.24 -9.49
C PHE B 851 -25.63 21.45 -8.56
N GLN B 852 -26.17 22.56 -9.07
CA GLN B 852 -26.32 23.76 -8.27
C GLN B 852 -27.30 23.48 -7.13
N TYR B 853 -26.79 23.36 -5.91
CA TYR B 853 -27.64 23.01 -4.78
C TYR B 853 -28.55 24.17 -4.40
N SER B 854 -29.69 23.82 -3.81
CA SER B 854 -30.68 24.80 -3.40
C SER B 854 -31.22 24.38 -2.04
N ASP B 855 -32.34 24.95 -1.63
CA ASP B 855 -32.90 24.66 -0.31
C ASP B 855 -33.21 23.16 -0.17
N GLY B 856 -33.91 22.60 -1.14
CA GLY B 856 -34.24 21.19 -1.09
C GLY B 856 -34.14 20.46 -2.41
N LYS B 857 -33.86 21.19 -3.49
CA LYS B 857 -33.91 20.63 -4.83
C LYS B 857 -32.59 20.84 -5.55
N LEU B 858 -32.07 19.77 -6.15
CA LEU B 858 -30.90 19.88 -7.01
C LEU B 858 -31.30 20.52 -8.33
N GLN B 859 -30.41 21.35 -8.88
CA GLN B 859 -30.67 22.06 -10.11
C GLN B 859 -29.54 21.81 -11.10
N THR B 860 -29.74 22.26 -12.34
CA THR B 860 -28.76 22.10 -13.40
C THR B 860 -28.66 23.41 -14.18
N VAL B 861 -27.43 23.80 -14.52
CA VAL B 861 -27.17 25.03 -15.23
C VAL B 861 -26.79 24.79 -16.68
N ALA B 862 -25.95 23.78 -16.94
CA ALA B 862 -25.52 23.48 -18.29
C ALA B 862 -25.14 22.02 -18.38
N GLU B 863 -25.04 21.51 -19.61
CA GLU B 863 -24.67 20.12 -19.87
C GLU B 863 -23.39 20.00 -20.67
N LYS B 864 -23.23 20.81 -21.73
CA LYS B 864 -22.06 20.75 -22.60
C LYS B 864 -21.88 19.36 -23.21
N LYS B 867 -16.57 15.30 -26.80
CA LYS B 867 -17.05 14.14 -27.56
C LYS B 867 -16.40 12.86 -27.06
N GLY B 868 -17.00 12.24 -26.05
CA GLY B 868 -16.51 11.02 -25.46
C GLY B 868 -16.55 11.10 -23.96
N ALA B 869 -15.86 10.15 -23.32
CA ALA B 869 -15.84 10.07 -21.87
C ALA B 869 -14.70 10.91 -21.33
N VAL B 870 -15.03 11.94 -20.55
CA VAL B 870 -14.00 12.74 -19.89
C VAL B 870 -13.31 11.87 -18.84
N TYR B 871 -12.03 12.15 -18.59
CA TYR B 871 -11.25 11.30 -17.70
C TYR B 871 -11.14 11.87 -16.29
N SER B 872 -10.64 13.09 -16.14
CA SER B 872 -10.53 13.67 -14.81
C SER B 872 -10.20 15.15 -14.91
N MET B 873 -10.74 15.91 -13.96
CA MET B 873 -10.31 17.28 -13.72
C MET B 873 -10.89 17.79 -12.41
N VAL B 874 -10.07 18.49 -11.64
CA VAL B 874 -10.49 19.22 -10.46
C VAL B 874 -10.38 20.70 -10.78
N GLU B 875 -11.03 21.52 -9.95
CA GLU B 875 -10.96 22.98 -10.15
C GLU B 875 -9.52 23.45 -10.07
N PHE B 876 -9.13 24.28 -11.04
CA PHE B 876 -7.76 24.77 -11.05
C PHE B 876 -7.60 25.97 -10.13
N ASN B 877 -8.22 27.09 -10.48
CA ASN B 877 -8.40 28.22 -9.58
C ASN B 877 -9.87 28.55 -9.37
N GLY B 878 -10.61 28.75 -10.45
CA GLY B 878 -12.04 28.94 -10.41
C GLY B 878 -12.73 28.36 -11.63
N LYS B 879 -12.03 27.48 -12.35
CA LYS B 879 -12.49 26.98 -13.63
C LYS B 879 -12.40 25.46 -13.66
N LEU B 880 -12.84 24.88 -14.79
CA LEU B 880 -12.63 23.46 -15.09
C LEU B 880 -12.26 23.38 -16.56
N LEU B 881 -10.97 23.17 -16.84
CA LEU B 881 -10.46 22.99 -18.19
C LEU B 881 -9.77 21.63 -18.25
N ALA B 882 -10.56 20.59 -18.53
CA ALA B 882 -10.11 19.23 -18.39
C ALA B 882 -9.10 18.87 -19.48
N SER B 883 -8.40 17.75 -19.24
CA SER B 883 -7.37 17.24 -20.15
C SER B 883 -7.66 15.75 -20.37
N ILE B 884 -8.48 15.44 -21.37
CA ILE B 884 -8.88 14.07 -21.67
C ILE B 884 -9.08 13.91 -23.16
N ASN B 885 -9.20 12.64 -23.58
CA ASN B 885 -9.50 12.29 -24.97
C ASN B 885 -8.47 12.88 -25.93
N SER B 886 -7.21 12.87 -25.51
CA SER B 886 -6.09 13.34 -26.34
C SER B 886 -6.30 14.79 -26.79
N THR B 887 -6.84 15.62 -25.90
CA THR B 887 -7.08 17.03 -26.20
C THR B 887 -7.26 17.79 -24.90
N VAL B 888 -6.36 18.72 -24.60
CA VAL B 888 -6.51 19.59 -23.44
C VAL B 888 -7.54 20.65 -23.76
N ARG B 889 -8.05 21.33 -22.72
CA ARG B 889 -9.12 22.30 -22.88
C ARG B 889 -8.75 23.62 -22.24
N LEU B 890 -9.53 24.64 -22.57
CA LEU B 890 -9.42 25.99 -22.02
C LEU B 890 -10.79 26.51 -21.64
N TYR B 891 -11.56 25.68 -20.94
CA TYR B 891 -12.95 26.00 -20.62
C TYR B 891 -13.04 27.05 -19.52
N GLU B 892 -14.25 27.56 -19.33
CA GLU B 892 -14.56 28.52 -18.28
C GLU B 892 -16.04 28.42 -17.96
N TRP B 893 -16.43 28.97 -16.81
CA TRP B 893 -17.83 28.94 -16.40
C TRP B 893 -18.65 29.94 -17.21
N GLU B 896 -23.76 33.43 -18.64
CA GLU B 896 -24.61 32.49 -19.37
C GLU B 896 -24.80 31.20 -18.58
N LYS B 897 -24.02 31.05 -17.52
CA LYS B 897 -24.09 29.88 -16.63
C LYS B 897 -23.87 28.59 -17.42
N GLU B 898 -22.87 28.60 -18.29
CA GLU B 898 -22.49 27.44 -19.08
C GLU B 898 -21.08 27.01 -18.69
N LEU B 899 -20.63 25.91 -19.29
CA LEU B 899 -19.28 25.39 -19.07
C LEU B 899 -18.37 25.64 -20.26
N ARG B 900 -18.71 26.58 -21.12
CA ARG B 900 -17.93 26.85 -22.32
C ARG B 900 -16.53 27.37 -21.97
N TYR B 906 -4.52 21.21 -31.11
CA TYR B 906 -4.69 20.57 -29.82
C TYR B 906 -3.79 19.34 -29.68
N ASN B 907 -2.94 19.36 -28.66
CA ASN B 907 -2.03 18.24 -28.43
C ASN B 907 -2.81 16.99 -28.02
N ASN B 908 -2.25 15.82 -28.38
CA ASN B 908 -2.86 14.54 -28.04
C ASN B 908 -2.57 14.18 -26.58
N ILE B 909 -3.18 14.95 -25.68
CA ILE B 909 -2.97 14.79 -24.25
C ILE B 909 -4.22 14.17 -23.65
N MET B 910 -4.11 12.92 -23.24
CA MET B 910 -5.14 12.24 -22.47
C MET B 910 -4.58 11.86 -21.11
N ALA B 911 -5.44 11.88 -20.09
CA ALA B 911 -5.00 11.72 -18.71
C ALA B 911 -5.74 10.58 -18.04
N LEU B 912 -5.13 10.07 -16.97
CA LEU B 912 -5.75 9.07 -16.11
C LEU B 912 -5.83 9.51 -14.66
N TYR B 913 -4.78 10.14 -14.14
CA TYR B 913 -4.78 10.75 -12.82
C TYR B 913 -4.34 12.20 -12.95
N LEU B 914 -4.86 13.06 -12.08
CA LEU B 914 -4.61 14.48 -12.22
C LEU B 914 -4.57 15.12 -10.84
N LYS B 915 -3.63 16.03 -10.64
CA LYS B 915 -3.43 16.65 -9.35
C LYS B 915 -2.65 17.96 -9.53
N THR B 916 -2.95 18.94 -8.69
CA THR B 916 -2.21 20.19 -8.70
C THR B 916 -2.36 20.90 -7.36
N LYS B 917 -1.32 21.63 -6.99
CA LYS B 917 -1.39 22.53 -5.86
C LYS B 917 -2.01 23.86 -6.32
N GLY B 918 -2.28 24.74 -5.35
CA GLY B 918 -2.85 26.04 -5.65
C GLY B 918 -2.08 26.86 -6.65
N ASP B 919 -0.84 26.47 -6.93
CA ASP B 919 -0.01 27.16 -7.89
C ASP B 919 -0.48 26.88 -9.32
N PHE B 920 0.16 27.57 -10.27
CA PHE B 920 -0.05 27.27 -11.68
C PHE B 920 0.62 25.97 -12.11
N ILE B 921 1.41 25.36 -11.24
CA ILE B 921 2.09 24.11 -11.54
C ILE B 921 1.07 22.98 -11.49
N LEU B 922 1.07 22.15 -12.54
CA LEU B 922 0.14 21.04 -12.67
C LEU B 922 0.89 19.76 -13.01
N VAL B 923 0.53 18.67 -12.35
CA VAL B 923 1.11 17.36 -12.63
C VAL B 923 0.01 16.44 -13.15
N GLY B 924 0.33 15.68 -14.19
CA GLY B 924 -0.64 14.79 -14.79
C GLY B 924 0.00 13.50 -15.28
N ASP B 925 -0.59 12.89 -16.30
CA ASP B 925 -0.02 11.68 -16.90
C ASP B 925 -0.64 11.47 -18.27
N LEU B 926 0.21 11.37 -19.30
CA LEU B 926 -0.30 11.12 -20.64
C LEU B 926 -0.58 9.63 -20.84
N MET B 927 0.47 8.81 -20.71
CA MET B 927 0.38 7.35 -20.83
C MET B 927 1.56 6.76 -20.05
N ARG B 928 1.29 6.29 -18.83
CA ARG B 928 2.27 5.58 -18.01
C ARG B 928 3.54 6.39 -17.81
N SER B 929 3.36 7.67 -17.49
CA SER B 929 4.48 8.57 -17.24
C SER B 929 4.01 9.81 -16.49
N VAL B 930 4.73 10.20 -15.44
CA VAL B 930 4.41 11.42 -14.71
C VAL B 930 4.66 12.62 -15.61
N LEU B 931 3.62 13.41 -15.84
CA LEU B 931 3.69 14.58 -16.70
C LEU B 931 3.52 15.84 -15.86
N LEU B 932 4.40 16.81 -16.07
CA LEU B 932 4.33 18.10 -15.39
C LEU B 932 3.89 19.16 -16.39
N LEU B 933 2.80 19.86 -16.07
CA LEU B 933 2.24 20.86 -16.96
C LEU B 933 2.18 22.20 -16.24
N ALA B 934 2.51 23.26 -16.96
CA ALA B 934 2.43 24.62 -16.44
C ALA B 934 1.35 25.39 -17.18
N TYR B 935 0.54 26.11 -16.43
CA TYR B 935 -0.53 26.93 -17.00
C TYR B 935 -0.03 28.37 -17.10
N LYS B 936 0.12 28.87 -18.31
CA LYS B 936 0.57 30.23 -18.52
C LYS B 936 -0.63 31.15 -18.68
N PRO B 937 -0.89 32.04 -17.72
CA PRO B 937 -2.06 32.91 -17.83
C PRO B 937 -2.04 33.79 -19.07
N MET B 938 -0.85 34.22 -19.51
CA MET B 938 -0.77 35.00 -20.75
C MET B 938 -1.23 34.17 -21.94
N GLU B 939 -0.82 32.91 -22.01
CA GLU B 939 -1.25 32.02 -23.08
C GLU B 939 -2.57 31.32 -22.78
N GLY B 940 -2.86 31.08 -21.51
CA GLY B 940 -4.11 30.44 -21.13
C GLY B 940 -4.25 29.01 -21.60
N ASN B 941 -3.17 28.22 -21.52
CA ASN B 941 -3.22 26.82 -21.92
C ASN B 941 -2.21 26.05 -21.08
N PHE B 942 -1.91 24.82 -21.50
CA PHE B 942 -0.96 23.98 -20.82
C PHE B 942 0.31 23.84 -21.65
N GLU B 943 1.45 23.77 -20.97
CA GLU B 943 2.74 23.58 -21.62
C GLU B 943 3.49 22.45 -20.92
N GLU B 944 4.07 21.56 -21.71
CA GLU B 944 4.81 20.42 -21.18
C GLU B 944 6.18 20.90 -20.70
N ILE B 945 6.36 20.96 -19.38
CA ILE B 945 7.61 21.44 -18.82
C ILE B 945 8.66 20.34 -18.82
N ALA B 946 8.39 19.25 -18.12
CA ALA B 946 9.35 18.15 -18.01
C ALA B 946 8.57 16.85 -17.82
N ARG B 947 8.80 15.90 -18.72
CA ARG B 947 8.12 14.61 -18.68
C ARG B 947 9.07 13.53 -18.18
N ASP B 948 8.60 12.73 -17.25
CA ASP B 948 9.41 11.65 -16.67
C ASP B 948 9.41 10.46 -17.61
N PHE B 949 10.59 9.99 -17.97
CA PHE B 949 10.76 8.78 -18.76
C PHE B 949 10.90 7.59 -17.80
N ASN B 950 11.35 6.45 -18.33
CA ASN B 950 11.38 5.19 -17.57
C ASN B 950 9.96 4.85 -17.15
N PRO B 951 9.10 4.44 -18.08
CA PRO B 951 7.68 4.33 -17.78
C PRO B 951 7.39 3.39 -16.62
N ASN B 952 6.43 3.79 -15.79
CA ASN B 952 5.95 2.99 -14.67
C ASN B 952 4.44 3.06 -14.67
N TRP B 953 3.79 2.00 -14.20
CA TRP B 953 2.33 1.95 -14.19
C TRP B 953 1.82 2.67 -12.95
N MET B 954 1.58 3.97 -13.09
CA MET B 954 1.32 4.84 -11.96
C MET B 954 -0.05 4.54 -11.35
N SER B 955 -0.20 4.91 -10.08
CA SER B 955 -1.46 4.66 -9.37
C SER B 955 -1.97 5.92 -8.68
N ALA B 956 -1.07 6.83 -8.30
CA ALA B 956 -1.45 8.07 -7.65
C ALA B 956 -0.27 9.03 -7.69
N VAL B 957 -0.56 10.32 -7.85
CA VAL B 957 0.47 11.33 -8.06
C VAL B 957 0.18 12.53 -7.15
N GLU B 958 1.25 13.15 -6.66
CA GLU B 958 1.13 14.34 -5.82
C GLU B 958 2.33 15.25 -6.07
N ILE B 959 2.20 16.50 -5.64
CA ILE B 959 3.25 17.50 -5.72
C ILE B 959 3.64 17.90 -4.31
N LEU B 960 4.92 17.74 -3.96
CA LEU B 960 5.38 18.11 -2.62
C LEU B 960 5.62 19.62 -2.53
N ASP B 961 6.43 20.14 -3.44
CA ASP B 961 6.72 21.57 -3.50
C ASP B 961 6.97 21.92 -4.96
N ASP B 962 7.56 23.09 -5.20
CA ASP B 962 7.79 23.54 -6.56
C ASP B 962 8.79 22.65 -7.30
N ASP B 963 9.55 21.82 -6.59
CA ASP B 963 10.57 20.97 -7.20
C ASP B 963 10.25 19.49 -7.08
N ASN B 964 10.04 18.99 -5.86
CA ASN B 964 9.86 17.55 -5.65
C ASN B 964 8.47 17.11 -6.05
N PHE B 965 8.39 16.07 -6.88
CA PHE B 965 7.13 15.49 -7.35
C PHE B 965 7.03 14.06 -6.85
N LEU B 966 6.20 13.84 -5.84
CA LEU B 966 5.99 12.50 -5.31
C LEU B 966 5.19 11.67 -6.30
N GLY B 967 5.40 10.35 -6.24
CA GLY B 967 4.72 9.44 -7.16
C GLY B 967 4.70 8.00 -6.71
N ALA B 968 3.79 7.22 -7.27
CA ALA B 968 3.67 5.80 -6.97
C ALA B 968 3.26 5.05 -8.22
N GLU B 969 3.52 3.75 -8.23
CA GLU B 969 3.18 2.90 -9.37
C GLU B 969 2.86 1.49 -8.88
N ASN B 970 2.23 0.70 -9.74
CA ASN B 970 1.59 -0.53 -9.31
C ASN B 970 2.57 -1.57 -8.79
N ALA B 971 3.86 -1.43 -9.08
CA ALA B 971 4.85 -2.35 -8.54
C ALA B 971 5.25 -2.00 -7.12
N PHE B 972 4.41 -1.22 -6.44
CA PHE B 972 4.53 -0.92 -5.00
C PHE B 972 5.75 -0.06 -4.69
N ASN B 973 6.09 0.86 -5.59
CA ASN B 973 7.31 1.65 -5.49
C ASN B 973 6.99 3.13 -5.54
N LEU B 974 7.79 3.93 -4.85
CA LEU B 974 7.69 5.38 -4.88
C LEU B 974 8.96 6.00 -5.45
N PHE B 975 8.77 6.96 -6.35
CA PHE B 975 9.88 7.70 -6.93
C PHE B 975 9.52 9.17 -6.97
N VAL B 976 10.51 10.02 -6.71
CA VAL B 976 10.32 11.47 -6.69
C VAL B 976 11.19 12.10 -7.76
N CYS B 977 10.58 12.94 -8.59
CA CYS B 977 11.29 13.66 -9.62
C CYS B 977 11.60 15.08 -9.15
N GLN B 978 12.64 15.67 -9.74
CA GLN B 978 13.06 17.01 -9.39
C GLN B 978 13.93 17.62 -10.49
N LYS B 979 13.80 18.91 -10.72
CA LYS B 979 14.55 19.56 -11.80
C LYS B 979 15.98 19.84 -11.34
N ASP B 980 16.81 18.80 -11.25
CA ASP B 980 18.21 19.01 -10.95
C ASP B 980 18.89 19.77 -12.09
N SER B 981 19.91 20.54 -11.76
CA SER B 981 20.56 21.39 -12.73
C SER B 981 21.13 20.57 -13.88
N ALA B 982 20.99 21.10 -15.10
CA ALA B 982 21.44 20.41 -16.30
C ALA B 982 21.92 21.45 -17.31
N ALA B 983 22.10 21.01 -18.55
CA ALA B 983 22.67 21.87 -19.59
C ALA B 983 21.84 21.81 -20.87
N THR B 984 22.40 22.35 -21.96
CA THR B 984 21.79 22.35 -23.28
C THR B 984 20.47 23.13 -23.31
N THR B 985 20.41 24.23 -22.56
CA THR B 985 19.25 25.11 -22.53
C THR B 985 17.99 24.33 -22.20
N ASP B 986 17.27 23.88 -23.24
CA ASP B 986 16.14 22.98 -23.03
C ASP B 986 16.28 21.84 -24.05
N GLU B 987 17.09 20.85 -23.71
CA GLU B 987 17.15 19.59 -24.45
C GLU B 987 17.18 18.38 -23.55
N GLU B 988 17.61 18.49 -22.30
CA GLU B 988 17.56 17.41 -21.33
C GLU B 988 16.80 17.81 -20.06
N ARG B 989 16.47 19.09 -19.89
CA ARG B 989 15.64 19.49 -18.76
C ARG B 989 14.23 18.93 -18.86
N GLN B 990 13.79 18.57 -20.07
CA GLN B 990 12.49 17.92 -20.23
C GLN B 990 12.45 16.54 -19.62
N HIS B 991 13.60 15.97 -19.27
CA HIS B 991 13.67 14.68 -18.59
C HIS B 991 13.80 14.93 -17.10
N LEU B 992 12.85 14.39 -16.32
CA LEU B 992 12.91 14.50 -14.87
C LEU B 992 13.74 13.36 -14.33
N GLN B 993 15.02 13.62 -14.07
CA GLN B 993 15.88 12.61 -13.49
C GLN B 993 15.41 12.25 -12.09
N GLU B 994 15.16 10.96 -11.87
CA GLU B 994 14.69 10.49 -10.57
C GLU B 994 15.73 10.75 -9.50
N VAL B 995 15.43 11.66 -8.58
CA VAL B 995 16.35 12.00 -7.52
C VAL B 995 16.08 11.11 -6.31
N GLY B 996 15.27 10.07 -6.51
CA GLY B 996 14.97 9.14 -5.44
C GLY B 996 14.29 7.87 -5.91
N LEU B 997 14.54 6.78 -5.20
CA LEU B 997 13.89 5.51 -5.45
C LEU B 997 13.60 4.83 -4.12
N PHE B 998 12.35 4.43 -3.91
CA PHE B 998 11.95 3.79 -2.67
C PHE B 998 10.86 2.77 -2.99
N HIS B 999 10.90 1.62 -2.32
CA HIS B 999 9.92 0.57 -2.49
C HIS B 999 9.08 0.49 -1.23
N LEU B 1000 7.82 0.91 -1.34
CA LEU B 1000 6.96 0.99 -0.16
C LEU B 1000 6.33 -0.35 0.17
N GLY B 1001 5.81 -1.04 -0.83
CA GLY B 1001 5.12 -2.30 -0.60
C GLY B 1001 3.62 -2.22 -0.54
N GLU B 1002 3.01 -1.09 -0.90
CA GLU B 1002 1.57 -0.92 -0.89
C GLU B 1002 1.11 -0.31 -2.20
N PHE B 1003 -0.19 -0.43 -2.46
CA PHE B 1003 -0.81 0.09 -3.67
C PHE B 1003 -1.42 1.45 -3.35
N VAL B 1004 -0.59 2.49 -3.41
CA VAL B 1004 -1.04 3.85 -3.11
C VAL B 1004 -2.09 4.24 -4.13
N ASN B 1005 -3.25 4.68 -3.65
CA ASN B 1005 -4.43 4.90 -4.49
C ASN B 1005 -4.78 6.37 -4.66
N VAL B 1006 -4.79 7.15 -3.58
CA VAL B 1006 -5.20 8.55 -3.63
C VAL B 1006 -4.17 9.39 -2.89
N PHE B 1007 -3.80 10.52 -3.48
CA PHE B 1007 -2.91 11.49 -2.84
C PHE B 1007 -3.69 12.75 -2.48
N CYS B 1008 -3.42 13.28 -1.29
CA CYS B 1008 -4.06 14.52 -0.85
C CYS B 1008 -3.11 15.29 0.06
N HIS B 1009 -3.24 16.61 0.01
CA HIS B 1009 -2.46 17.50 0.87
C HIS B 1009 -3.08 17.56 2.26
N GLY B 1010 -2.63 18.52 3.06
CA GLY B 1010 -3.12 18.66 4.41
C GLY B 1010 -2.39 17.74 5.37
N SER B 1011 -2.75 17.87 6.64
CA SER B 1011 -2.14 17.04 7.68
C SER B 1011 -3.10 16.99 8.87
N LEU B 1012 -2.89 15.98 9.71
CA LEU B 1012 -3.72 15.78 10.89
C LEU B 1012 -3.27 16.62 12.07
N VAL B 1013 -2.18 17.37 11.95
CA VAL B 1013 -1.71 18.25 13.00
C VAL B 1013 -1.82 19.69 12.51
N MET B 1014 -1.55 20.63 13.42
CA MET B 1014 -1.66 22.05 13.11
C MET B 1014 -0.63 22.48 12.08
N PRO B 1023 12.16 19.66 9.47
CA PRO B 1023 11.71 21.03 9.18
C PRO B 1023 11.33 21.22 7.71
N THR B 1024 10.26 20.56 7.30
CA THR B 1024 9.77 20.64 5.93
C THR B 1024 8.75 21.79 5.86
N GLN B 1025 8.34 22.17 4.65
CA GLN B 1025 7.30 23.16 4.42
C GLN B 1025 6.24 22.50 3.55
N GLY B 1026 5.30 21.81 4.18
CA GLY B 1026 4.25 21.08 3.51
C GLY B 1026 4.15 19.66 4.01
N SER B 1027 3.11 18.97 3.55
CA SER B 1027 2.87 17.58 3.93
C SER B 1027 1.99 16.94 2.86
N VAL B 1028 1.86 15.63 2.95
CA VAL B 1028 1.06 14.88 1.99
C VAL B 1028 0.58 13.59 2.66
N LEU B 1029 -0.63 13.18 2.31
CA LEU B 1029 -1.22 11.92 2.75
C LEU B 1029 -1.53 11.07 1.54
N PHE B 1030 -1.43 9.75 1.71
CA PHE B 1030 -1.76 8.82 0.62
C PHE B 1030 -2.46 7.59 1.18
N GLY B 1031 -3.59 7.24 0.57
CA GLY B 1031 -4.29 6.02 0.91
C GLY B 1031 -3.95 4.90 -0.06
N THR B 1032 -4.09 3.68 0.43
CA THR B 1032 -3.66 2.50 -0.32
C THR B 1032 -4.86 1.61 -0.64
N VAL B 1033 -4.57 0.47 -1.28
CA VAL B 1033 -5.59 -0.50 -1.64
C VAL B 1033 -5.81 -1.44 -0.46
N ASN B 1034 -4.80 -1.56 0.39
CA ASN B 1034 -4.88 -2.37 1.60
C ASN B 1034 -5.23 -1.55 2.83
N GLY B 1035 -5.41 -0.24 2.68
CA GLY B 1035 -5.79 0.60 3.80
C GLY B 1035 -4.64 1.08 4.65
N MET B 1036 -3.65 1.71 4.02
CA MET B 1036 -2.50 2.26 4.71
C MET B 1036 -2.41 3.76 4.42
N ILE B 1037 -2.16 4.55 5.46
CA ILE B 1037 -2.03 5.99 5.34
C ILE B 1037 -0.64 6.38 5.79
N GLY B 1038 -0.07 7.41 5.17
CA GLY B 1038 1.29 7.79 5.46
C GLY B 1038 1.61 9.21 5.05
N LEU B 1039 2.83 9.64 5.36
CA LEU B 1039 3.27 11.01 5.13
C LEU B 1039 4.60 10.99 4.39
N VAL B 1040 4.82 12.01 3.57
CA VAL B 1040 6.09 12.20 2.87
C VAL B 1040 6.49 13.67 2.98
N THR B 1041 7.74 13.92 3.37
CA THR B 1041 8.23 15.29 3.49
C THR B 1041 9.40 15.54 2.56
N SER B 1042 10.05 16.70 2.68
CA SER B 1042 11.25 17.01 1.92
C SER B 1042 12.19 17.83 2.80
N LEU B 1043 13.48 17.75 2.50
CA LEU B 1043 14.46 18.41 3.36
C LEU B 1043 15.75 18.60 2.56
N SER B 1044 16.53 19.60 2.98
CA SER B 1044 17.74 19.99 2.27
C SER B 1044 18.85 18.95 2.42
N GLU B 1045 19.92 19.15 1.66
CA GLU B 1045 21.04 18.23 1.67
C GLU B 1045 21.94 18.35 2.90
N SER B 1046 22.00 19.52 3.53
CA SER B 1046 22.93 19.72 4.64
C SER B 1046 22.62 18.79 5.80
N TRP B 1047 21.36 18.75 6.22
CA TRP B 1047 20.97 17.82 7.28
C TRP B 1047 20.98 16.38 6.78
N TYR B 1048 20.65 16.18 5.49
CA TYR B 1048 20.63 14.83 4.95
C TYR B 1048 22.03 14.24 4.88
N ASN B 1049 22.97 14.99 4.31
CA ASN B 1049 24.32 14.45 4.10
C ASN B 1049 25.00 14.12 5.42
N LEU B 1050 24.85 14.98 6.42
CA LEU B 1050 25.40 14.68 7.74
C LEU B 1050 24.72 13.44 8.33
N LEU B 1051 23.40 13.33 8.20
CA LEU B 1051 22.69 12.15 8.69
C LEU B 1051 22.81 10.97 7.75
N LEU B 1052 23.36 11.16 6.55
CA LEU B 1052 23.50 10.05 5.61
C LEU B 1052 24.49 9.00 6.14
N ASP B 1053 25.58 9.45 6.77
CA ASP B 1053 26.58 8.53 7.27
C ASP B 1053 26.00 7.60 8.35
N MET B 1054 25.16 8.13 9.23
CA MET B 1054 24.55 7.37 10.30
C MET B 1054 23.21 6.75 9.89
N GLN B 1055 22.79 6.94 8.64
CA GLN B 1055 21.56 6.31 8.17
C GLN B 1055 21.69 4.79 8.19
N ASN B 1056 22.84 4.27 7.79
CA ASN B 1056 23.08 2.83 7.76
C ASN B 1056 23.65 2.30 9.08
N ARG B 1057 23.81 3.17 10.09
CA ARG B 1057 24.35 2.74 11.37
C ARG B 1057 23.49 1.70 12.06
N LEU B 1058 22.18 1.73 11.83
CA LEU B 1058 21.27 0.79 12.49
C LEU B 1058 21.35 -0.62 11.92
N ASN B 1059 22.08 -0.81 10.82
CA ASN B 1059 22.19 -2.14 10.22
C ASN B 1059 22.91 -3.12 11.15
N LYS B 1060 23.96 -2.65 11.83
CA LYS B 1060 24.78 -3.55 12.62
C LYS B 1060 24.00 -4.17 13.78
N VAL B 1061 23.21 -3.35 14.49
CA VAL B 1061 22.50 -3.85 15.66
C VAL B 1061 21.42 -4.85 15.25
N ILE B 1062 20.79 -4.63 14.10
CA ILE B 1062 19.80 -5.58 13.58
C ILE B 1062 19.78 -5.50 12.06
N LYS B 1063 19.92 -6.65 11.40
CA LYS B 1063 19.93 -6.71 9.94
C LYS B 1063 18.51 -6.77 9.39
N SER B 1064 17.76 -7.82 9.74
CA SER B 1064 16.40 -8.00 9.25
C SER B 1064 15.74 -9.09 10.08
N VAL B 1065 14.47 -9.36 9.77
CA VAL B 1065 13.73 -10.40 10.45
C VAL B 1065 13.93 -11.77 9.79
N GLY B 1066 14.18 -11.81 8.49
CA GLY B 1066 14.39 -13.06 7.79
C GLY B 1066 15.73 -13.12 7.11
N LYS B 1067 16.73 -12.46 7.69
CA LYS B 1067 18.08 -12.38 7.14
C LYS B 1067 18.04 -11.83 5.71
N ILE B 1068 17.57 -10.60 5.60
CA ILE B 1068 17.42 -9.92 4.32
C ILE B 1068 18.30 -8.68 4.34
N GLU B 1069 19.01 -8.45 3.23
CA GLU B 1069 19.92 -7.32 3.14
C GLU B 1069 19.16 -6.00 3.27
N HIS B 1070 19.76 -5.05 4.01
CA HIS B 1070 19.14 -3.75 4.19
C HIS B 1070 18.99 -3.02 2.86
N SER B 1071 20.07 -2.98 2.08
CA SER B 1071 20.02 -2.34 0.77
C SER B 1071 19.07 -3.05 -0.18
N PHE B 1072 18.79 -4.34 0.07
CA PHE B 1072 17.86 -5.07 -0.78
C PHE B 1072 16.46 -4.50 -0.66
N TRP B 1073 16.06 -4.09 0.55
CA TRP B 1073 14.87 -3.25 0.71
C TRP B 1073 15.10 -1.83 0.25
N ARG B 1074 16.33 -1.34 0.33
CA ARG B 1074 16.61 -0.04 -0.27
C ARG B 1074 16.65 -0.11 -1.79
N SER B 1075 16.60 -1.30 -2.36
CA SER B 1075 16.64 -1.48 -3.80
C SER B 1075 15.28 -1.19 -4.42
N PHE B 1076 15.26 -1.16 -5.75
CA PHE B 1076 14.06 -0.91 -6.54
C PHE B 1076 13.55 -2.27 -7.01
N HIS B 1077 12.71 -2.88 -6.19
CA HIS B 1077 12.39 -4.30 -6.30
C HIS B 1077 11.62 -4.68 -7.55
N THR B 1078 11.38 -3.76 -8.49
CA THR B 1078 10.76 -4.13 -9.75
C THR B 1078 11.55 -5.26 -10.41
N GLU B 1079 10.83 -6.16 -11.08
CA GLU B 1079 11.46 -7.35 -11.65
C GLU B 1079 12.52 -7.03 -12.70
N ARG B 1080 12.53 -5.81 -13.23
CA ARG B 1080 13.52 -5.41 -14.22
C ARG B 1080 14.73 -4.73 -13.62
N LYS B 1081 14.55 -3.81 -12.69
CA LYS B 1081 15.64 -3.00 -12.17
C LYS B 1081 15.95 -3.38 -10.72
N THR B 1082 17.08 -2.85 -10.23
CA THR B 1082 17.44 -2.96 -8.82
C THR B 1082 18.47 -1.88 -8.53
N GLU B 1083 18.08 -0.87 -7.76
CA GLU B 1083 18.96 0.25 -7.43
C GLU B 1083 18.72 0.67 -5.99
N PRO B 1084 19.78 0.82 -5.19
CA PRO B 1084 19.60 1.22 -3.80
C PRO B 1084 18.92 2.59 -3.69
N ALA B 1085 18.23 2.79 -2.57
CA ALA B 1085 17.51 4.04 -2.34
C ALA B 1085 18.45 5.23 -2.42
N THR B 1086 18.03 6.25 -3.18
CA THR B 1086 18.85 7.44 -3.42
C THR B 1086 18.17 8.63 -2.77
N GLY B 1087 18.52 8.89 -1.51
CA GLY B 1087 18.00 10.03 -0.78
C GLY B 1087 16.67 9.82 -0.09
N PHE B 1088 16.01 8.68 -0.31
CA PHE B 1088 14.77 8.39 0.40
C PHE B 1088 15.06 7.90 1.81
N ILE B 1089 15.05 8.80 2.78
CA ILE B 1089 15.29 8.42 4.17
C ILE B 1089 14.04 7.78 4.73
N ASP B 1090 14.16 6.55 5.21
CA ASP B 1090 13.04 5.85 5.81
C ASP B 1090 12.68 6.50 7.13
N GLY B 1091 11.40 6.39 7.49
CA GLY B 1091 10.94 6.83 8.79
C GLY B 1091 10.52 5.65 9.63
N ASP B 1092 10.33 4.50 8.99
CA ASP B 1092 9.97 3.29 9.71
C ASP B 1092 11.16 2.75 10.50
N LEU B 1093 12.33 2.70 9.88
CA LEU B 1093 13.51 2.20 10.56
C LEU B 1093 13.95 3.15 11.67
N ILE B 1094 13.98 4.45 11.38
CA ILE B 1094 14.41 5.42 12.37
C ILE B 1094 13.44 5.49 13.54
N GLU B 1095 12.14 5.33 13.31
CA GLU B 1095 11.19 5.29 14.41
C GLU B 1095 11.46 4.09 15.32
N SER B 1096 12.07 3.03 14.78
CA SER B 1096 12.45 1.87 15.57
C SER B 1096 13.75 2.09 16.35
N PHE B 1097 14.44 3.20 16.10
CA PHE B 1097 15.63 3.54 16.89
C PHE B 1097 15.26 3.75 18.35
N LEU B 1098 14.12 4.37 18.62
CA LEU B 1098 13.67 4.57 19.99
C LEU B 1098 13.24 3.25 20.64
N ASP B 1099 12.90 2.25 19.83
CA ASP B 1099 12.52 0.95 20.38
C ASP B 1099 13.72 0.07 20.72
N ILE B 1100 14.92 0.46 20.31
CA ILE B 1100 16.13 -0.30 20.61
C ILE B 1100 16.43 -0.18 22.10
N SER B 1101 16.79 -1.31 22.72
CA SER B 1101 17.00 -1.35 24.16
C SER B 1101 18.15 -0.44 24.58
N ARG B 1102 18.05 0.08 25.80
CA ARG B 1102 19.06 1.02 26.29
C ARG B 1102 20.47 0.44 26.31
N PRO B 1103 20.71 -0.79 26.80
CA PRO B 1103 22.06 -1.34 26.67
C PRO B 1103 22.52 -1.46 25.23
N LYS B 1104 21.61 -1.78 24.31
CA LYS B 1104 21.94 -1.85 22.90
C LYS B 1104 22.03 -0.46 22.26
N MET B 1105 21.30 0.51 22.81
CA MET B 1105 21.36 1.86 22.29
C MET B 1105 22.70 2.53 22.59
N GLN B 1106 23.44 1.99 23.56
CA GLN B 1106 24.68 2.64 23.96
C GLN B 1106 25.77 2.48 22.92
N GLU B 1107 25.95 1.27 22.37
CA GLU B 1107 27.05 1.06 21.44
C GLU B 1107 26.76 1.66 20.07
N VAL B 1108 25.49 1.75 19.67
CA VAL B 1108 25.16 2.44 18.44
C VAL B 1108 25.39 3.94 18.65
N VAL B 1109 25.71 4.63 17.55
CA VAL B 1109 26.16 6.02 17.54
C VAL B 1109 27.04 6.32 18.75
N ALA B 1110 28.13 5.57 18.88
CA ALA B 1110 29.06 5.75 19.98
C ALA B 1110 30.50 5.95 19.55
N ASN B 1111 30.84 5.72 18.29
CA ASN B 1111 32.21 5.90 17.81
C ASN B 1111 32.23 6.70 16.51
N ARG B 1122 29.20 16.85 17.83
CA ARG B 1122 30.63 17.01 18.10
C ARG B 1122 31.02 16.31 19.40
N GLU B 1123 30.19 16.48 20.44
CA GLU B 1123 30.47 15.84 21.72
C GLU B 1123 30.19 14.34 21.71
N ALA B 1124 29.55 13.82 20.65
CA ALA B 1124 29.22 12.41 20.53
C ALA B 1124 28.43 11.92 21.74
N THR B 1125 27.45 12.71 22.13
CA THR B 1125 26.63 12.40 23.29
C THR B 1125 25.75 11.19 23.01
N ALA B 1126 25.38 10.48 24.08
CA ALA B 1126 24.56 9.27 23.94
C ALA B 1126 23.18 9.61 23.39
N ASP B 1127 22.58 10.71 23.85
CA ASP B 1127 21.23 11.08 23.47
C ASP B 1127 21.19 12.34 22.63
N ASP B 1128 22.31 12.70 21.98
CA ASP B 1128 22.34 13.90 21.16
C ASP B 1128 21.40 13.80 19.98
N LEU B 1129 21.40 12.66 19.28
CA LEU B 1129 20.58 12.52 18.09
C LEU B 1129 19.11 12.31 18.41
N ILE B 1130 18.79 11.77 19.59
CA ILE B 1130 17.40 11.49 19.94
C ILE B 1130 16.57 12.76 19.92
N LYS B 1131 17.09 13.83 20.53
CA LYS B 1131 16.41 15.13 20.47
C LYS B 1131 16.32 15.63 19.03
N VAL B 1132 17.39 15.45 18.25
CA VAL B 1132 17.37 15.85 16.85
C VAL B 1132 16.38 15.02 16.04
N VAL B 1133 16.05 13.81 16.50
CA VAL B 1133 15.12 12.96 15.78
C VAL B 1133 13.72 12.96 16.40
N GLU B 1134 13.59 13.25 17.69
CA GLU B 1134 12.27 13.29 18.32
C GLU B 1134 11.37 14.35 17.71
N GLU B 1135 11.94 15.32 17.00
CA GLU B 1135 11.13 16.27 16.25
C GLU B 1135 10.54 15.64 14.99
N LEU B 1136 11.09 14.52 14.54
CA LEU B 1136 10.54 13.85 13.36
C LEU B 1136 9.26 13.09 13.68
N THR B 1137 9.18 12.48 14.88
CA THR B 1137 7.99 11.71 15.23
C THR B 1137 6.77 12.59 15.48
N ARG B 1138 6.94 13.90 15.57
CA ARG B 1138 5.82 14.83 15.69
C ARG B 1138 5.27 15.25 14.33
N ILE B 1139 5.87 14.80 13.23
CA ILE B 1139 5.41 15.15 11.90
C ILE B 1139 4.19 14.31 11.54
#